data_9NQA
# 
_entry.id   9NQA 
# 
_audit_conform.dict_name       mmcif_pdbx.dic 
_audit_conform.dict_version    5.403 
_audit_conform.dict_location   http://mmcif.pdb.org/dictionaries/ascii/mmcif_pdbx.dic 
# 
loop_
_database_2.database_id 
_database_2.database_code 
_database_2.pdbx_database_accession 
_database_2.pdbx_DOI 
PDB   9NQA         pdb_00009nqa 10.2210/pdb9nqa/pdb 
WWPDB D_1000293966 ?            ?                   
# 
_pdbx_audit_revision_history.ordinal             1 
_pdbx_audit_revision_history.data_content_type   'Structure model' 
_pdbx_audit_revision_history.major_revision      1 
_pdbx_audit_revision_history.minor_revision      0 
_pdbx_audit_revision_history.revision_date       2025-04-30 
_pdbx_audit_revision_history.part_number         ? 
# 
_pdbx_audit_revision_details.ordinal             1 
_pdbx_audit_revision_details.revision_ordinal    1 
_pdbx_audit_revision_details.data_content_type   'Structure model' 
_pdbx_audit_revision_details.provider            repository 
_pdbx_audit_revision_details.type                'Initial release' 
_pdbx_audit_revision_details.description         ? 
_pdbx_audit_revision_details.details             ? 
# 
_pdbx_database_status.status_code                     REL 
_pdbx_database_status.status_code_sf                  REL 
_pdbx_database_status.status_code_mr                  ? 
_pdbx_database_status.entry_id                        9NQA 
_pdbx_database_status.recvd_initial_deposition_date   2025-03-12 
_pdbx_database_status.SG_entry                        N 
_pdbx_database_status.deposit_site                    RCSB 
_pdbx_database_status.process_site                    RCSB 
_pdbx_database_status.status_code_cs                  ? 
_pdbx_database_status.status_code_nmr_data            ? 
_pdbx_database_status.methods_development_category    ? 
_pdbx_database_status.pdb_format_compatible           N 
# 
_pdbx_contact_author.id                 2 
_pdbx_contact_author.email              rs17@nyu.edu 
_pdbx_contact_author.name_first         Ruojie 
_pdbx_contact_author.name_last          Sha 
_pdbx_contact_author.name_mi            ? 
_pdbx_contact_author.role               'principal investigator/group leader' 
_pdbx_contact_author.identifier_ORCID   0000-0002-0807-734X 
# 
loop_
_audit_author.name 
_audit_author.pdbx_ordinal 
_audit_author.identifier_ORCID 
'Horvath, A.'   1 0009-0008-5770-8014 
'Vecchioni, S.' 2 0000-0001-8243-650X 
'Woloszyn, K.'  3 0000-0003-1200-583X 
'Ohayon, Y.P.'  4 0000-0001-7500-4282 
'Sha, R.'       5 0000-0002-0807-734X 
# 
_citation.abstract                  ? 
_citation.abstract_id_CAS           ? 
_citation.book_id_ISBN              ? 
_citation.book_publisher            ? 
_citation.book_publisher_city       ? 
_citation.book_title                ? 
_citation.coordinate_linkage        ? 
_citation.country                   ? 
_citation.database_id_Medline       ? 
_citation.details                   ? 
_citation.id                        primary 
_citation.journal_abbrev            'To Be Published' 
_citation.journal_id_ASTM           ? 
_citation.journal_id_CSD            0353 
_citation.journal_id_ISSN           ? 
_citation.journal_full              ? 
_citation.journal_issue             ? 
_citation.journal_volume            ? 
_citation.language                  ? 
_citation.page_first                ? 
_citation.page_last                 ? 
_citation.title                     'Shifted tensegrity triangles' 
_citation.year                      ? 
_citation.database_id_CSD           ? 
_citation.pdbx_database_id_DOI      ? 
_citation.pdbx_database_id_PubMed   ? 
_citation.pdbx_database_id_patent   ? 
_citation.unpublished_flag          ? 
# 
loop_
_citation_author.citation_id 
_citation_author.name 
_citation_author.ordinal 
_citation_author.identifier_ORCID 
primary 'Horvath, A.'   1 0009-0008-5770-8014 
primary 'Vecchioni, S.' 2 0000-0001-8243-650X 
primary 'Woloszyn, K.'  3 0000-0003-1200-583X 
primary 'Ohayon, Y.P.'  4 0000-0001-7500-4282 
primary 'Sha, R.'       5 0000-0002-0807-734X 
# 
loop_
_entity.id 
_entity.type 
_entity.src_method 
_entity.pdbx_description 
_entity.formula_weight 
_entity.pdbx_number_of_molecules 
_entity.pdbx_ec 
_entity.pdbx_mutation 
_entity.pdbx_fragment 
_entity.details 
1 polymer syn 
;DNA (5'-D(P*TP*CP*AP*CP*AP*CP*CP*AP*G)-3')
;
2684.789 1 ? ? ? ? 
2 polymer syn 
;DNA (5'-D(*TP*CP*TP*GP*TP*GP*A)-3')
;
2128.421 1 ? ? ? ? 
3 polymer syn 
;DNA (5'-D(P*CP*TP*GP*GP*AP*CP*AP*CP*CP*GP*CP*AP*TP*C)-3')
;
4225.756 1 ? ? ? ? 
4 polymer syn 
;DNA (5'-D(*GP*AP*GP*AP*TP*GP*CP*GP*GP*TP*GP*T)-3')
;
3758.451 1 ? ? ? ? 
# 
loop_
_entity_poly.entity_id 
_entity_poly.type 
_entity_poly.nstd_linkage 
_entity_poly.nstd_monomer 
_entity_poly.pdbx_seq_one_letter_code 
_entity_poly.pdbx_seq_one_letter_code_can 
_entity_poly.pdbx_strand_id 
_entity_poly.pdbx_target_identifier 
1 polydeoxyribonucleotide no no '(DT)(DC)(DA)(DC)(DA)(DC)(DC)(DA)(DG)'                     TCACACCAG      A ? 
2 polydeoxyribonucleotide no no '(DT)(DC)(DT)(DG)(DT)(DG)(DA)'                             TCTGTGA        B ? 
3 polydeoxyribonucleotide no no '(DC)(DT)(DG)(DG)(DA)(DC)(DA)(DC)(DC)(DG)(DC)(DA)(DT)(DC)' CTGGACACCGCATC C ? 
4 polydeoxyribonucleotide no no '(DG)(DA)(DG)(DA)(DT)(DG)(DC)(DG)(DG)(DT)(DG)(DT)'         GAGATGCGGTGT   D ? 
# 
loop_
_entity_poly_seq.entity_id 
_entity_poly_seq.num 
_entity_poly_seq.mon_id 
_entity_poly_seq.hetero 
1 1  DT n 
1 2  DC n 
1 3  DA n 
1 4  DC n 
1 5  DA n 
1 6  DC n 
1 7  DC n 
1 8  DA n 
1 9  DG n 
2 1  DT n 
2 2  DC n 
2 3  DT n 
2 4  DG n 
2 5  DT n 
2 6  DG n 
2 7  DA n 
3 1  DC n 
3 2  DT n 
3 3  DG n 
3 4  DG n 
3 5  DA n 
3 6  DC n 
3 7  DA n 
3 8  DC n 
3 9  DC n 
3 10 DG n 
3 11 DC n 
3 12 DA n 
3 13 DT n 
3 14 DC n 
4 1  DG n 
4 2  DA n 
4 3  DG n 
4 4  DA n 
4 5  DT n 
4 6  DG n 
4 7  DC n 
4 8  DG n 
4 9  DG n 
4 10 DT n 
4 11 DG n 
4 12 DT n 
# 
loop_
_pdbx_entity_src_syn.entity_id 
_pdbx_entity_src_syn.pdbx_src_id 
_pdbx_entity_src_syn.pdbx_alt_source_flag 
_pdbx_entity_src_syn.pdbx_beg_seq_num 
_pdbx_entity_src_syn.pdbx_end_seq_num 
_pdbx_entity_src_syn.organism_scientific 
_pdbx_entity_src_syn.organism_common_name 
_pdbx_entity_src_syn.ncbi_taxonomy_id 
_pdbx_entity_src_syn.details 
1 1 sample 1 9  'synthetic construct' ? 32630 ? 
2 1 sample 1 7  'synthetic construct' ? 32630 ? 
3 1 sample 1 14 'synthetic construct' ? 32630 ? 
4 1 sample 1 12 'synthetic construct' ? 32630 ? 
# 
loop_
_chem_comp.id 
_chem_comp.type 
_chem_comp.mon_nstd_flag 
_chem_comp.name 
_chem_comp.pdbx_synonyms 
_chem_comp.formula 
_chem_comp.formula_weight 
DA 'DNA linking' y "2'-DEOXYADENOSINE-5'-MONOPHOSPHATE" ? 'C10 H14 N5 O6 P' 331.222 
DC 'DNA linking' y "2'-DEOXYCYTIDINE-5'-MONOPHOSPHATE"  ? 'C9 H14 N3 O7 P'  307.197 
DG 'DNA linking' y "2'-DEOXYGUANOSINE-5'-MONOPHOSPHATE" ? 'C10 H14 N5 O7 P' 347.221 
DT 'DNA linking' y "THYMIDINE-5'-MONOPHOSPHATE"         ? 'C10 H15 N2 O8 P' 322.208 
# 
loop_
_pdbx_poly_seq_scheme.asym_id 
_pdbx_poly_seq_scheme.entity_id 
_pdbx_poly_seq_scheme.seq_id 
_pdbx_poly_seq_scheme.mon_id 
_pdbx_poly_seq_scheme.ndb_seq_num 
_pdbx_poly_seq_scheme.pdb_seq_num 
_pdbx_poly_seq_scheme.auth_seq_num 
_pdbx_poly_seq_scheme.pdb_mon_id 
_pdbx_poly_seq_scheme.auth_mon_id 
_pdbx_poly_seq_scheme.pdb_strand_id 
_pdbx_poly_seq_scheme.pdb_ins_code 
_pdbx_poly_seq_scheme.hetero 
A 1 1  DT 1  16 16 DT DT A . n 
A 1 2  DC 2  17 17 DC DC A . n 
A 1 3  DA 3  18 18 DA DA A . n 
A 1 4  DC 4  19 19 DC DC A . n 
A 1 5  DA 5  20 20 DA DA A . n 
A 1 6  DC 6  21 21 DC DC A . n 
A 1 7  DC 7  22 22 DC DC A . n 
A 1 8  DA 8  23 23 DA DA A . n 
A 1 9  DG 9  24 24 DG DG A . n 
B 2 1  DT 1  2  2  DT DT B . n 
B 2 2  DC 2  3  3  DC DC B . n 
B 2 3  DT 3  4  4  DT DT B . n 
B 2 4  DG 4  5  5  DG DG B . n 
B 2 5  DT 5  6  6  DT DT B . n 
B 2 6  DG 6  7  7  DG DG B . n 
B 2 7  DA 7  8  8  DA DA B . n 
C 3 1  DC 1  9  9  DC DC C . n 
C 3 2  DT 2  10 10 DT DT C . n 
C 3 3  DG 3  11 11 DG DG C . n 
C 3 4  DG 4  12 12 DG DG C . n 
C 3 5  DA 5  13 13 DA DA C . n 
C 3 6  DC 6  14 14 DC DC C . n 
C 3 7  DA 7  15 15 DA DA C . n 
C 3 8  DC 8  16 16 DC DC C . n 
C 3 9  DC 9  17 17 DC DC C . n 
C 3 10 DG 10 18 18 DG DG C . n 
C 3 11 DC 11 19 19 DC DC C . n 
C 3 12 DA 12 20 20 DA DA C . n 
C 3 13 DT 13 21 21 DT DT C . n 
C 3 14 DC 14 22 22 DC DC C . n 
D 4 1  DG 1  2  2  DG DG D . n 
D 4 2  DA 2  3  3  DA DA D . n 
D 4 3  DG 3  4  4  DG DG D . n 
D 4 4  DA 4  5  5  DA DA D . n 
D 4 5  DT 5  6  6  DT DT D . n 
D 4 6  DG 6  7  7  DG DG D . n 
D 4 7  DC 7  8  8  DC DC D . n 
D 4 8  DG 8  9  9  DG DG D . n 
D 4 9  DG 9  10 10 DG DG D . n 
D 4 10 DT 10 11 11 DT DT D . n 
D 4 11 DG 11 12 12 DG DG D . n 
D 4 12 DT 12 13 13 DT DT D . n 
# 
loop_
_software.citation_id 
_software.classification 
_software.compiler_name 
_software.compiler_version 
_software.contact_author 
_software.contact_author_email 
_software.date 
_software.description 
_software.dependencies 
_software.hardware 
_software.language 
_software.location 
_software.mods 
_software.name 
_software.os 
_software.os_version 
_software.type 
_software.version 
_software.pdbx_ordinal 
? refinement       ? ? ? ? ? ? ? ? ? ? ? PHENIX    ? ? ? 1.20.1_4487 1 
? 'data reduction' ? ? ? ? ? ? ? ? ? ? ? autoPROC  ? ? ? .           2 
? 'data scaling'   ? ? ? ? ? ? ? ? ? ? ? STARANISO ? ? ? .           3 
? phasing          ? ? ? ? ? ? ? ? ? ? ? PHASER    ? ? ? .           4 
# 
_cell.angle_alpha                  90.000 
_cell.angle_alpha_esd              ? 
_cell.angle_beta                   90.000 
_cell.angle_beta_esd               ? 
_cell.angle_gamma                  120.000 
_cell.angle_gamma_esd              ? 
_cell.entry_id                     9NQA 
_cell.details                      ? 
_cell.formula_units_Z              ? 
_cell.length_a                     102.862 
_cell.length_a_esd                 ? 
_cell.length_b                     102.862 
_cell.length_b_esd                 ? 
_cell.length_c                     104.207 
_cell.length_c_esd                 ? 
_cell.volume                       954855.059 
_cell.volume_esd                   ? 
_cell.Z_PDB                        9 
_cell.reciprocal_angle_alpha       ? 
_cell.reciprocal_angle_beta        ? 
_cell.reciprocal_angle_gamma       ? 
_cell.reciprocal_angle_alpha_esd   ? 
_cell.reciprocal_angle_beta_esd    ? 
_cell.reciprocal_angle_gamma_esd   ? 
_cell.reciprocal_length_a          ? 
_cell.reciprocal_length_b          ? 
_cell.reciprocal_length_c          ? 
_cell.reciprocal_length_a_esd      ? 
_cell.reciprocal_length_b_esd      ? 
_cell.reciprocal_length_c_esd      ? 
_cell.pdbx_unique_axis             ? 
_cell.pdbx_esd_method              ? 
# 
_symmetry.entry_id                         9NQA 
_symmetry.cell_setting                     ? 
_symmetry.Int_Tables_number                146 
_symmetry.space_group_name_Hall            'R 3' 
_symmetry.space_group_name_H-M             'H 3' 
_symmetry.pdbx_full_space_group_name_H-M   ? 
# 
_exptl.absorpt_coefficient_mu     ? 
_exptl.absorpt_correction_T_max   ? 
_exptl.absorpt_correction_T_min   ? 
_exptl.absorpt_correction_type    ? 
_exptl.absorpt_process_details    ? 
_exptl.entry_id                   9NQA 
_exptl.crystals_number            1 
_exptl.details                    ? 
_exptl.method                     'X-RAY DIFFRACTION' 
_exptl.method_details             ? 
# 
_exptl_crystal.colour                       ? 
_exptl_crystal.density_diffrn               ? 
_exptl_crystal.density_Matthews             ? 
_exptl_crystal.density_method               ? 
_exptl_crystal.density_percent_sol          ? 
_exptl_crystal.description                  ? 
_exptl_crystal.F_000                        ? 
_exptl_crystal.id                           1 
_exptl_crystal.preparation                  ? 
_exptl_crystal.size_max                     ? 
_exptl_crystal.size_mid                     ? 
_exptl_crystal.size_min                     ? 
_exptl_crystal.size_rad                     ? 
_exptl_crystal.colour_lustre                ? 
_exptl_crystal.colour_modifier              ? 
_exptl_crystal.colour_primary               ? 
_exptl_crystal.density_meas                 ? 
_exptl_crystal.density_meas_esd             ? 
_exptl_crystal.density_meas_gt              ? 
_exptl_crystal.density_meas_lt              ? 
_exptl_crystal.density_meas_temp            ? 
_exptl_crystal.density_meas_temp_esd        ? 
_exptl_crystal.density_meas_temp_gt         ? 
_exptl_crystal.density_meas_temp_lt         ? 
_exptl_crystal.pdbx_crystal_image_url       ? 
_exptl_crystal.pdbx_crystal_image_format    ? 
_exptl_crystal.pdbx_mosaicity               ? 
_exptl_crystal.pdbx_mosaicity_esd           ? 
_exptl_crystal.pdbx_mosaic_method           ? 
_exptl_crystal.pdbx_mosaic_block_size       ? 
_exptl_crystal.pdbx_mosaic_block_size_esd   ? 
# 
_exptl_crystal_grow.apparatus       ? 
_exptl_crystal_grow.atmosphere      ? 
_exptl_crystal_grow.crystal_id      1 
_exptl_crystal_grow.details         ? 
_exptl_crystal_grow.method          'VAPOR DIFFUSION, HANGING DROP' 
_exptl_crystal_grow.method_ref      ? 
_exptl_crystal_grow.pH              ? 
_exptl_crystal_grow.pressure        ? 
_exptl_crystal_grow.pressure_esd    ? 
_exptl_crystal_grow.seeding         ? 
_exptl_crystal_grow.seeding_ref     ? 
_exptl_crystal_grow.temp_details    '338-293 at 0.4/hr' 
_exptl_crystal_grow.temp_esd        ? 
_exptl_crystal_grow.time            ? 
_exptl_crystal_grow.pdbx_details    '100 mM MOPS, 1.25 M magnesium sulfate' 
_exptl_crystal_grow.pdbx_pH_range   ? 
_exptl_crystal_grow.temp            293 
# 
_diffrn.ambient_environment              ? 
_diffrn.ambient_temp                     100 
_diffrn.ambient_temp_details             ? 
_diffrn.ambient_temp_esd                 ? 
_diffrn.crystal_id                       1 
_diffrn.crystal_support                  ? 
_diffrn.crystal_treatment                ? 
_diffrn.details                          ? 
_diffrn.id                               1 
_diffrn.ambient_pressure                 ? 
_diffrn.ambient_pressure_esd             ? 
_diffrn.ambient_pressure_gt              ? 
_diffrn.ambient_pressure_lt              ? 
_diffrn.ambient_temp_gt                  ? 
_diffrn.ambient_temp_lt                  ? 
_diffrn.pdbx_serial_crystal_experiment   N 
# 
_diffrn_detector.details                      ? 
_diffrn_detector.detector                     PIXEL 
_diffrn_detector.diffrn_id                    1 
_diffrn_detector.type                         'DECTRIS EIGER X 9M' 
_diffrn_detector.area_resol_mean              ? 
_diffrn_detector.dtime                        ? 
_diffrn_detector.pdbx_frames_total            ? 
_diffrn_detector.pdbx_collection_time_total   ? 
_diffrn_detector.pdbx_collection_date         2022-11-13 
_diffrn_detector.pdbx_frequency               ? 
_diffrn_detector.id                           ? 
_diffrn_detector.number_of_axes               ? 
# 
_diffrn_radiation.collimation                      ? 
_diffrn_radiation.diffrn_id                        1 
_diffrn_radiation.filter_edge                      ? 
_diffrn_radiation.inhomogeneity                    ? 
_diffrn_radiation.monochromator                    ? 
_diffrn_radiation.polarisn_norm                    ? 
_diffrn_radiation.polarisn_ratio                   ? 
_diffrn_radiation.probe                            ? 
_diffrn_radiation.type                             ? 
_diffrn_radiation.xray_symbol                      ? 
_diffrn_radiation.wavelength_id                    1 
_diffrn_radiation.pdbx_monochromatic_or_laue_m_l   M 
_diffrn_radiation.pdbx_wavelength_list             ? 
_diffrn_radiation.pdbx_wavelength                  ? 
_diffrn_radiation.pdbx_diffrn_protocol             'SINGLE WAVELENGTH' 
_diffrn_radiation.pdbx_analyzer                    ? 
_diffrn_radiation.pdbx_scattering_type             x-ray 
# 
_diffrn_radiation_wavelength.id           1 
_diffrn_radiation_wavelength.wavelength   1.000000 
_diffrn_radiation_wavelength.wt           1.0 
# 
_diffrn_source.current                     ? 
_diffrn_source.details                     ? 
_diffrn_source.diffrn_id                   1 
_diffrn_source.power                       ? 
_diffrn_source.size                        ? 
_diffrn_source.source                      SYNCHROTRON 
_diffrn_source.target                      ? 
_diffrn_source.type                        'APS BEAMLINE 17-ID' 
_diffrn_source.voltage                     ? 
_diffrn_source.take-off_angle              ? 
_diffrn_source.pdbx_wavelength_list        1.000000 
_diffrn_source.pdbx_wavelength             ? 
_diffrn_source.pdbx_synchrotron_beamline   17-ID 
_diffrn_source.pdbx_synchrotron_site       APS 
# 
_reflns.B_iso_Wilson_estimate                          467.34 
_reflns.entry_id                                       9NQA 
_reflns.data_reduction_details                         ? 
_reflns.data_reduction_method                          ? 
_reflns.d_resolution_high                              5.469 
_reflns.d_resolution_low                               67.712 
_reflns.details                                        ? 
_reflns.limit_h_max                                    ? 
_reflns.limit_h_min                                    ? 
_reflns.limit_k_max                                    ? 
_reflns.limit_k_min                                    ? 
_reflns.limit_l_max                                    ? 
_reflns.limit_l_min                                    ? 
_reflns.number_all                                     ? 
_reflns.number_obs                                     1219 
_reflns.observed_criterion                             ? 
_reflns.observed_criterion_F_max                       ? 
_reflns.observed_criterion_F_min                       ? 
_reflns.observed_criterion_I_max                       ? 
_reflns.observed_criterion_I_min                       ? 
_reflns.observed_criterion_sigma_F                     ? 
_reflns.observed_criterion_sigma_I                     ? 
_reflns.percent_possible_obs                           89.0 
_reflns.R_free_details                                 ? 
_reflns.Rmerge_F_all                                   ? 
_reflns.Rmerge_F_obs                                   ? 
_reflns.Friedel_coverage                               ? 
_reflns.number_gt                                      ? 
_reflns.threshold_expression                           ? 
_reflns.pdbx_redundancy                                10.2 
_reflns.pdbx_netI_over_av_sigmaI                       ? 
_reflns.pdbx_netI_over_sigmaI                          6.2 
_reflns.pdbx_res_netI_over_av_sigmaI_2                 ? 
_reflns.pdbx_res_netI_over_sigmaI_2                    ? 
_reflns.pdbx_chi_squared                               ? 
_reflns.pdbx_scaling_rejects                           ? 
_reflns.pdbx_d_res_high_opt                            ? 
_reflns.pdbx_d_res_low_opt                             ? 
_reflns.pdbx_d_res_opt_method                          ? 
_reflns.phase_calculation_details                      ? 
_reflns.pdbx_Rrim_I_all                                ? 
_reflns.pdbx_Rpim_I_all                                ? 
_reflns.pdbx_d_opt                                     ? 
_reflns.pdbx_number_measured_all                       ? 
_reflns.pdbx_diffrn_id                                 1 
_reflns.pdbx_ordinal                                   1 
_reflns.pdbx_CC_half                                   0.999 
_reflns.pdbx_CC_star                                   ? 
_reflns.pdbx_R_split                                   ? 
_reflns.pdbx_Rmerge_I_obs                              ? 
_reflns.pdbx_Rmerge_I_all                              ? 
_reflns.pdbx_Rsym_value                                ? 
_reflns.pdbx_CC_split_method                           ? 
_reflns.pdbx_aniso_diffraction_limit_axis_1_ortho[1]   ? 
_reflns.pdbx_aniso_diffraction_limit_axis_1_ortho[2]   ? 
_reflns.pdbx_aniso_diffraction_limit_axis_1_ortho[3]   ? 
_reflns.pdbx_aniso_diffraction_limit_axis_2_ortho[1]   ? 
_reflns.pdbx_aniso_diffraction_limit_axis_2_ortho[2]   ? 
_reflns.pdbx_aniso_diffraction_limit_axis_2_ortho[3]   ? 
_reflns.pdbx_aniso_diffraction_limit_axis_3_ortho[1]   ? 
_reflns.pdbx_aniso_diffraction_limit_axis_3_ortho[2]   ? 
_reflns.pdbx_aniso_diffraction_limit_axis_3_ortho[3]   ? 
_reflns.pdbx_aniso_diffraction_limit_1                 ? 
_reflns.pdbx_aniso_diffraction_limit_2                 ? 
_reflns.pdbx_aniso_diffraction_limit_3                 ? 
_reflns.pdbx_aniso_B_tensor_eigenvector_1_ortho[1]     ? 
_reflns.pdbx_aniso_B_tensor_eigenvector_1_ortho[2]     ? 
_reflns.pdbx_aniso_B_tensor_eigenvector_1_ortho[3]     ? 
_reflns.pdbx_aniso_B_tensor_eigenvector_2_ortho[1]     ? 
_reflns.pdbx_aniso_B_tensor_eigenvector_2_ortho[2]     ? 
_reflns.pdbx_aniso_B_tensor_eigenvector_2_ortho[3]     ? 
_reflns.pdbx_aniso_B_tensor_eigenvector_3_ortho[1]     ? 
_reflns.pdbx_aniso_B_tensor_eigenvector_3_ortho[2]     ? 
_reflns.pdbx_aniso_B_tensor_eigenvector_3_ortho[3]     ? 
_reflns.pdbx_aniso_B_tensor_eigenvalue_1               ? 
_reflns.pdbx_aniso_B_tensor_eigenvalue_2               ? 
_reflns.pdbx_aniso_B_tensor_eigenvalue_3               ? 
_reflns.pdbx_orthogonalization_convention              ? 
_reflns.pdbx_percent_possible_ellipsoidal              ? 
_reflns.pdbx_percent_possible_spherical                ? 
_reflns.pdbx_percent_possible_ellipsoidal_anomalous    ? 
_reflns.pdbx_percent_possible_spherical_anomalous      ? 
_reflns.pdbx_redundancy_anomalous                      ? 
_reflns.pdbx_CC_half_anomalous                         ? 
_reflns.pdbx_absDiff_over_sigma_anomalous              ? 
_reflns.pdbx_percent_possible_anomalous                ? 
_reflns.pdbx_observed_signal_threshold                 ? 
_reflns.pdbx_signal_type                               ? 
_reflns.pdbx_signal_details                            ? 
_reflns.pdbx_signal_software_id                        ? 
# 
loop_
_reflns_shell.d_res_high 
_reflns_shell.d_res_low 
_reflns_shell.meanI_over_sigI_all 
_reflns_shell.meanI_over_sigI_obs 
_reflns_shell.number_measured_all 
_reflns_shell.number_measured_obs 
_reflns_shell.number_possible 
_reflns_shell.number_unique_all 
_reflns_shell.number_unique_obs 
_reflns_shell.percent_possible_obs 
_reflns_shell.Rmerge_F_all 
_reflns_shell.Rmerge_F_obs 
_reflns_shell.meanI_over_sigI_gt 
_reflns_shell.meanI_over_uI_all 
_reflns_shell.meanI_over_uI_gt 
_reflns_shell.number_measured_gt 
_reflns_shell.number_unique_gt 
_reflns_shell.percent_possible_gt 
_reflns_shell.Rmerge_F_gt 
_reflns_shell.Rmerge_I_gt 
_reflns_shell.pdbx_redundancy 
_reflns_shell.pdbx_chi_squared 
_reflns_shell.pdbx_netI_over_sigmaI_all 
_reflns_shell.pdbx_netI_over_sigmaI_obs 
_reflns_shell.pdbx_Rrim_I_all 
_reflns_shell.pdbx_Rpim_I_all 
_reflns_shell.pdbx_rejects 
_reflns_shell.pdbx_ordinal 
_reflns_shell.pdbx_diffrn_id 
_reflns_shell.pdbx_CC_half 
_reflns_shell.pdbx_CC_star 
_reflns_shell.pdbx_R_split 
_reflns_shell.percent_possible_all 
_reflns_shell.Rmerge_I_all 
_reflns_shell.Rmerge_I_obs 
_reflns_shell.pdbx_Rsym_value 
_reflns_shell.pdbx_percent_possible_ellipsoidal 
_reflns_shell.pdbx_percent_possible_spherical 
_reflns_shell.pdbx_percent_possible_ellipsoidal_anomalous 
_reflns_shell.pdbx_percent_possible_spherical_anomalous 
_reflns_shell.pdbx_redundancy_anomalous 
_reflns_shell.pdbx_CC_half_anomalous 
_reflns_shell.pdbx_absDiff_over_sigma_anomalous 
_reflns_shell.pdbx_percent_possible_anomalous 
5.469  6.037  ? ? ? ? ? ? 203 ? ? ? ? ? ? ? ? ? ? ? ? ? ? ? ? ? ? 1 1 0.116 ? ? ? ? ? ? ? ? ? ? ? ? ? ? 
10.334 67.712 ? ? ? ? ? ? 202 ? ? ? ? ? ? ? ? ? ? ? ? ? ? ? ? ? ? 2 1 0.999 ? ? ? ? ? ? ? ? ? ? ? ? ? ? 
# 
_refine.aniso_B[1][1]                            ? 
_refine.aniso_B[1][2]                            ? 
_refine.aniso_B[1][3]                            ? 
_refine.aniso_B[2][2]                            ? 
_refine.aniso_B[2][3]                            ? 
_refine.aniso_B[3][3]                            ? 
_refine.B_iso_max                                ? 
_refine.B_iso_mean                               790.97 
_refine.B_iso_min                                ? 
_refine.correlation_coeff_Fo_to_Fc               ? 
_refine.correlation_coeff_Fo_to_Fc_free          ? 
_refine.details                                  ? 
_refine.diff_density_max                         ? 
_refine.diff_density_max_esd                     ? 
_refine.diff_density_min                         ? 
_refine.diff_density_min_esd                     ? 
_refine.diff_density_rms                         ? 
_refine.diff_density_rms_esd                     ? 
_refine.entry_id                                 9NQA 
_refine.pdbx_refine_id                           'X-RAY DIFFRACTION' 
_refine.ls_abs_structure_details                 ? 
_refine.ls_abs_structure_Flack                   ? 
_refine.ls_abs_structure_Flack_esd               ? 
_refine.ls_abs_structure_Rogers                  ? 
_refine.ls_abs_structure_Rogers_esd              ? 
_refine.ls_d_res_high                            5.47 
_refine.ls_d_res_low                             34.74 
_refine.ls_extinction_coef                       ? 
_refine.ls_extinction_coef_esd                   ? 
_refine.ls_extinction_expression                 ? 
_refine.ls_extinction_method                     ? 
_refine.ls_goodness_of_fit_all                   ? 
_refine.ls_goodness_of_fit_all_esd               ? 
_refine.ls_goodness_of_fit_obs                   ? 
_refine.ls_goodness_of_fit_obs_esd               ? 
_refine.ls_hydrogen_treatment                    ? 
_refine.ls_matrix_type                           ? 
_refine.ls_number_constraints                    ? 
_refine.ls_number_parameters                     ? 
_refine.ls_number_reflns_all                     ? 
_refine.ls_number_reflns_obs                     1208 
_refine.ls_number_reflns_R_free                  49 
_refine.ls_number_reflns_R_work                  1159 
_refine.ls_number_restraints                     ? 
_refine.ls_percent_reflns_obs                    88.18 
_refine.ls_percent_reflns_R_free                 4.06 
_refine.ls_R_factor_all                          ? 
_refine.ls_R_factor_obs                          0.1385 
_refine.ls_R_factor_R_free                       0.1731 
_refine.ls_R_factor_R_free_error                 ? 
_refine.ls_R_factor_R_free_error_details         ? 
_refine.ls_R_factor_R_work                       0.1369 
_refine.ls_R_Fsqd_factor_obs                     ? 
_refine.ls_R_I_factor_obs                        ? 
_refine.ls_redundancy_reflns_all                 ? 
_refine.ls_redundancy_reflns_obs                 ? 
_refine.ls_restrained_S_all                      ? 
_refine.ls_restrained_S_obs                      ? 
_refine.ls_shift_over_esd_max                    ? 
_refine.ls_shift_over_esd_mean                   ? 
_refine.ls_structure_factor_coef                 ? 
_refine.ls_weighting_details                     ? 
_refine.ls_weighting_scheme                      ? 
_refine.ls_wR_factor_all                         ? 
_refine.ls_wR_factor_obs                         ? 
_refine.ls_wR_factor_R_free                      ? 
_refine.ls_wR_factor_R_work                      ? 
_refine.occupancy_max                            ? 
_refine.occupancy_min                            ? 
_refine.solvent_model_details                    'FLAT BULK SOLVENT MODEL' 
_refine.solvent_model_param_bsol                 ? 
_refine.solvent_model_param_ksol                 ? 
_refine.correlation_coeff_I_to_Fcsqd_work        ? 
_refine.correlation_coeff_I_to_Fcsqd_free        ? 
_refine.pdbx_R_complete                          ? 
_refine.ls_R_factor_gt                           ? 
_refine.ls_goodness_of_fit_gt                    ? 
_refine.ls_goodness_of_fit_ref                   ? 
_refine.ls_shift_over_su_max                     ? 
_refine.ls_shift_over_su_max_lt                  ? 
_refine.ls_shift_over_su_mean                    ? 
_refine.ls_shift_over_su_mean_lt                 ? 
_refine.pdbx_ls_sigma_I                          ? 
_refine.pdbx_ls_sigma_F                          1.96 
_refine.pdbx_ls_sigma_Fsqd                       ? 
_refine.pdbx_data_cutoff_high_absF               ? 
_refine.pdbx_data_cutoff_high_rms_absF           ? 
_refine.pdbx_data_cutoff_low_absF                ? 
_refine.pdbx_isotropic_thermal_model             ? 
_refine.pdbx_ls_cross_valid_method               'FREE R-VALUE' 
_refine.pdbx_method_to_determine_struct          'MOLECULAR REPLACEMENT' 
_refine.pdbx_starting_model                      ? 
_refine.pdbx_stereochemistry_target_values       'GeoStd + Monomer Library + CDL v1.2' 
_refine.pdbx_R_Free_selection_details            ? 
_refine.pdbx_stereochem_target_val_spec_case     ? 
_refine.pdbx_overall_ESU_R                       ? 
_refine.pdbx_overall_ESU_R_Free                  ? 
_refine.pdbx_solvent_vdw_probe_radii             1.1000 
_refine.pdbx_solvent_ion_probe_radii             ? 
_refine.pdbx_solvent_shrinkage_radii             0.9000 
_refine.pdbx_real_space_R                        ? 
_refine.pdbx_density_correlation                 ? 
_refine.pdbx_pd_number_of_powder_patterns        ? 
_refine.pdbx_pd_number_of_points                 ? 
_refine.pdbx_pd_meas_number_of_points            ? 
_refine.pdbx_pd_proc_ls_prof_R_factor            ? 
_refine.pdbx_pd_proc_ls_prof_wR_factor           ? 
_refine.pdbx_pd_Marquardt_correlation_coeff      ? 
_refine.pdbx_pd_Fsqrd_R_factor                   ? 
_refine.pdbx_pd_ls_matrix_band_width             ? 
_refine.pdbx_overall_phase_error                 39.4191 
_refine.pdbx_overall_SU_R_free_Cruickshank_DPI   ? 
_refine.pdbx_overall_SU_R_free_Blow_DPI          ? 
_refine.pdbx_overall_SU_R_Blow_DPI               ? 
_refine.pdbx_TLS_residual_ADP_flag               ? 
_refine.pdbx_diffrn_id                           1 
_refine.overall_SU_B                             ? 
_refine.overall_SU_ML                            0.5856 
_refine.overall_SU_R_Cruickshank_DPI             ? 
_refine.overall_SU_R_free                        ? 
_refine.overall_FOM_free_R_set                   ? 
_refine.overall_FOM_work_R_set                   ? 
_refine.pdbx_average_fsc_overall                 ? 
_refine.pdbx_average_fsc_work                    ? 
_refine.pdbx_average_fsc_free                    ? 
# 
_refine_hist.pdbx_refine_id                   'X-RAY DIFFRACTION' 
_refine_hist.cycle_id                         LAST 
_refine_hist.details                          ? 
_refine_hist.d_res_high                       5.47 
_refine_hist.d_res_low                        34.74 
_refine_hist.number_atoms_solvent             0 
_refine_hist.number_atoms_total               855 
_refine_hist.number_reflns_all                ? 
_refine_hist.number_reflns_obs                ? 
_refine_hist.number_reflns_R_free             ? 
_refine_hist.number_reflns_R_work             ? 
_refine_hist.R_factor_all                     ? 
_refine_hist.R_factor_obs                     ? 
_refine_hist.R_factor_R_free                  ? 
_refine_hist.R_factor_R_work                  ? 
_refine_hist.pdbx_number_residues_total       ? 
_refine_hist.pdbx_B_iso_mean_ligand           ? 
_refine_hist.pdbx_B_iso_mean_solvent          ? 
_refine_hist.pdbx_number_atoms_protein        0 
_refine_hist.pdbx_number_atoms_nucleic_acid   855 
_refine_hist.pdbx_number_atoms_ligand         0 
_refine_hist.pdbx_number_atoms_lipid          ? 
_refine_hist.pdbx_number_atoms_carb           ? 
_refine_hist.pdbx_pseudo_atom_details         ? 
# 
loop_
_refine_ls_restr.pdbx_refine_id 
_refine_ls_restr.criterion 
_refine_ls_restr.dev_ideal 
_refine_ls_restr.dev_ideal_target 
_refine_ls_restr.number 
_refine_ls_restr.rejects 
_refine_ls_restr.type 
_refine_ls_restr.weight 
_refine_ls_restr.pdbx_restraint_function 
'X-RAY DIFFRACTION' ? 0.0051  ? 956  ? f_bond_d           ? ? 
'X-RAY DIFFRACTION' ? 0.8109  ? 1467 ? f_angle_d          ? ? 
'X-RAY DIFFRACTION' ? 0.0395  ? 166  ? f_chiral_restr     ? ? 
'X-RAY DIFFRACTION' ? 0.0031  ? 42   ? f_plane_restr      ? ? 
'X-RAY DIFFRACTION' ? 37.0499 ? 406  ? f_dihedral_angle_d ? ? 
# 
_refine_ls_shell.pdbx_refine_id                      'X-RAY DIFFRACTION' 
_refine_ls_shell.d_res_high                          5.47 
_refine_ls_shell.d_res_low                           34.74 
_refine_ls_shell.number_reflns_all                   ? 
_refine_ls_shell.number_reflns_obs                   ? 
_refine_ls_shell.number_reflns_R_free                49 
_refine_ls_shell.number_reflns_R_work                1159 
_refine_ls_shell.percent_reflns_obs                  88.18 
_refine_ls_shell.percent_reflns_R_free               ? 
_refine_ls_shell.R_factor_all                        ? 
_refine_ls_shell.R_factor_obs                        ? 
_refine_ls_shell.R_factor_R_free_error               ? 
_refine_ls_shell.R_factor_R_work                     0.1369 
_refine_ls_shell.redundancy_reflns_all               ? 
_refine_ls_shell.redundancy_reflns_obs               ? 
_refine_ls_shell.wR_factor_all                       ? 
_refine_ls_shell.wR_factor_obs                       ? 
_refine_ls_shell.wR_factor_R_free                    ? 
_refine_ls_shell.wR_factor_R_work                    ? 
_refine_ls_shell.pdbx_R_complete                     ? 
_refine_ls_shell.correlation_coeff_Fo_to_Fc          ? 
_refine_ls_shell.correlation_coeff_Fo_to_Fc_free     ? 
_refine_ls_shell.correlation_coeff_I_to_Fcsqd_work   ? 
_refine_ls_shell.correlation_coeff_I_to_Fcsqd_free   ? 
_refine_ls_shell.pdbx_total_number_of_bins_used      ? 
_refine_ls_shell.pdbx_phase_error                    ? 
_refine_ls_shell.pdbx_fsc_work                       ? 
_refine_ls_shell.pdbx_fsc_free                       ? 
_refine_ls_shell.R_factor_R_free                     0.1731 
# 
_struct.entry_id                     9NQA 
_struct.title                        
;[0,9,10-2] Shifted tensegrity triangle with an (arm,center,arm) distribution of (0,9,10) base pairs and 2 nt sticky ends containing a semi-junction
;
_struct.pdbx_model_details           ? 
_struct.pdbx_formula_weight          ? 
_struct.pdbx_formula_weight_method   ? 
_struct.pdbx_model_type_details      ? 
_struct.pdbx_CASP_flag               N 
# 
_struct_keywords.entry_id        9NQA 
_struct_keywords.text            'tensegrity triangle, DNA' 
_struct_keywords.pdbx_keywords   DNA 
# 
loop_
_struct_asym.id 
_struct_asym.pdbx_blank_PDB_chainid_flag 
_struct_asym.pdbx_modified 
_struct_asym.entity_id 
_struct_asym.details 
A N N 1 ? 
B N N 2 ? 
C N N 3 ? 
D N N 4 ? 
# 
loop_
_struct_ref.id 
_struct_ref.db_name 
_struct_ref.db_code 
_struct_ref.pdbx_db_accession 
_struct_ref.pdbx_db_isoform 
_struct_ref.entity_id 
_struct_ref.pdbx_seq_one_letter_code 
_struct_ref.pdbx_align_begin 
1 PDB 9NQA 9NQA ? 1 ? 1 
2 PDB 9NQA 9NQA ? 2 ? 1 
3 PDB 9NQA 9NQA ? 3 ? 1 
4 PDB 9NQA 9NQA ? 4 ? 1 
# 
loop_
_struct_ref_seq.align_id 
_struct_ref_seq.ref_id 
_struct_ref_seq.pdbx_PDB_id_code 
_struct_ref_seq.pdbx_strand_id 
_struct_ref_seq.seq_align_beg 
_struct_ref_seq.pdbx_seq_align_beg_ins_code 
_struct_ref_seq.seq_align_end 
_struct_ref_seq.pdbx_seq_align_end_ins_code 
_struct_ref_seq.pdbx_db_accession 
_struct_ref_seq.db_align_beg 
_struct_ref_seq.pdbx_db_align_beg_ins_code 
_struct_ref_seq.db_align_end 
_struct_ref_seq.pdbx_db_align_end_ins_code 
_struct_ref_seq.pdbx_auth_seq_align_beg 
_struct_ref_seq.pdbx_auth_seq_align_end 
1 1 9NQA A 1 ? 9  ? 9NQA 16 ? 24 ? 16 24 
2 2 9NQA B 1 ? 7  ? 9NQA 2  ? 8  ? 2  8  
3 3 9NQA C 1 ? 14 ? 9NQA 9  ? 22 ? 9  22 
4 4 9NQA D 1 ? 12 ? 9NQA 2  ? 13 ? 2  13 
# 
_pdbx_struct_assembly.id                   1 
_pdbx_struct_assembly.details              author_defined_assembly 
_pdbx_struct_assembly.method_details       ? 
_pdbx_struct_assembly.oligomeric_details   dodecameric 
_pdbx_struct_assembly.oligomeric_count     12 
# 
loop_
_pdbx_struct_assembly_gen.assembly_id 
_pdbx_struct_assembly_gen.oper_expression 
_pdbx_struct_assembly_gen.asym_id_list 
1 1 A,B,C,D 
1 2 A,B,C,D 
1 3 A,B,C,D 
# 
_pdbx_struct_assembly_auth_evidence.id                     1 
_pdbx_struct_assembly_auth_evidence.assembly_id            1 
_pdbx_struct_assembly_auth_evidence.experimental_support   'native gel electrophoresis' 
_pdbx_struct_assembly_auth_evidence.details                ? 
# 
loop_
_pdbx_struct_oper_list.id 
_pdbx_struct_oper_list.type 
_pdbx_struct_oper_list.name 
_pdbx_struct_oper_list.symmetry_operation 
_pdbx_struct_oper_list.matrix[1][1] 
_pdbx_struct_oper_list.matrix[1][2] 
_pdbx_struct_oper_list.matrix[1][3] 
_pdbx_struct_oper_list.vector[1] 
_pdbx_struct_oper_list.matrix[2][1] 
_pdbx_struct_oper_list.matrix[2][2] 
_pdbx_struct_oper_list.matrix[2][3] 
_pdbx_struct_oper_list.vector[2] 
_pdbx_struct_oper_list.matrix[3][1] 
_pdbx_struct_oper_list.matrix[3][2] 
_pdbx_struct_oper_list.matrix[3][3] 
_pdbx_struct_oper_list.vector[3] 
1 'identity operation'         1_555 x,y,z     1.0000000000  0.0000000000  0.0000000000  0.0000000000   0.0000000000  1.0000000000  0.0000000000  0.0000000000  0.0000000000  0.0000000000  1.0000000000 0.0000000000  
2 'crystal symmetry operation' 2_555 -y,x-y,z  -0.4871970832 0.7017484038  0.5197962868  -41.1741578409 -0.8289084222 -0.1842580763 -0.5281664406 11.7958803990 -0.2748632928 -0.6881846693 0.6714551595 10.4284153660 
3 'crystal symmetry operation' 3_555 -x+y,-x,z -0.4871970832 -0.8289084222 -0.2748632928 -7.4158364086  0.7017484038  -0.1842580763 -0.6881846693 38.2440613542 0.5197962868  -0.5281664406 0.6714551595 20.6301492199 
# 
loop_
_struct_conn.id 
_struct_conn.conn_type_id 
_struct_conn.pdbx_leaving_atom_flag 
_struct_conn.pdbx_PDB_id 
_struct_conn.ptnr1_label_asym_id 
_struct_conn.ptnr1_label_comp_id 
_struct_conn.ptnr1_label_seq_id 
_struct_conn.ptnr1_label_atom_id 
_struct_conn.pdbx_ptnr1_label_alt_id 
_struct_conn.pdbx_ptnr1_PDB_ins_code 
_struct_conn.pdbx_ptnr1_standard_comp_id 
_struct_conn.ptnr1_symmetry 
_struct_conn.ptnr2_label_asym_id 
_struct_conn.ptnr2_label_comp_id 
_struct_conn.ptnr2_label_seq_id 
_struct_conn.ptnr2_label_atom_id 
_struct_conn.pdbx_ptnr2_label_alt_id 
_struct_conn.pdbx_ptnr2_PDB_ins_code 
_struct_conn.ptnr1_auth_asym_id 
_struct_conn.ptnr1_auth_comp_id 
_struct_conn.ptnr1_auth_seq_id 
_struct_conn.ptnr2_auth_asym_id 
_struct_conn.ptnr2_auth_comp_id 
_struct_conn.ptnr2_auth_seq_id 
_struct_conn.ptnr2_symmetry 
_struct_conn.pdbx_ptnr3_label_atom_id 
_struct_conn.pdbx_ptnr3_label_seq_id 
_struct_conn.pdbx_ptnr3_label_comp_id 
_struct_conn.pdbx_ptnr3_label_asym_id 
_struct_conn.pdbx_ptnr3_label_alt_id 
_struct_conn.pdbx_ptnr3_PDB_ins_code 
_struct_conn.details 
_struct_conn.pdbx_dist_value 
_struct_conn.pdbx_value_order 
_struct_conn.pdbx_role 
hydrog1  hydrog ? ? A DT 1  N3 ? ? ? 1_555 B DA 7  N1 ? ? A DT 16 B DA 8  1_555 ? ? ? ? ? ? WATSON-CRICK ? ? ? 
hydrog2  hydrog ? ? A DT 1  O4 ? ? ? 1_555 B DA 7  N6 ? ? A DT 16 B DA 8  1_555 ? ? ? ? ? ? WATSON-CRICK ? ? ? 
hydrog3  hydrog ? ? A DC 2  N3 ? ? ? 1_555 B DG 6  N1 ? ? A DC 17 B DG 7  1_555 ? ? ? ? ? ? WATSON-CRICK ? ? ? 
hydrog4  hydrog ? ? A DC 2  N4 ? ? ? 1_555 B DG 6  O6 ? ? A DC 17 B DG 7  1_555 ? ? ? ? ? ? WATSON-CRICK ? ? ? 
hydrog5  hydrog ? ? A DC 2  O2 ? ? ? 1_555 B DG 6  N2 ? ? A DC 17 B DG 7  1_555 ? ? ? ? ? ? WATSON-CRICK ? ? ? 
hydrog6  hydrog ? ? A DA 3  N1 ? ? ? 1_555 B DT 5  N3 ? ? A DA 18 B DT 6  1_555 ? ? ? ? ? ? WATSON-CRICK ? ? ? 
hydrog7  hydrog ? ? A DA 3  N6 ? ? ? 1_555 B DT 5  O4 ? ? A DA 18 B DT 6  1_555 ? ? ? ? ? ? WATSON-CRICK ? ? ? 
hydrog8  hydrog ? ? A DC 4  N3 ? ? ? 1_555 B DG 4  N1 ? ? A DC 19 B DG 5  1_555 ? ? ? ? ? ? WATSON-CRICK ? ? ? 
hydrog9  hydrog ? ? A DC 4  N4 ? ? ? 1_555 B DG 4  O6 ? ? A DC 19 B DG 5  1_555 ? ? ? ? ? ? WATSON-CRICK ? ? ? 
hydrog10 hydrog ? ? A DC 4  O2 ? ? ? 1_555 B DG 4  N2 ? ? A DC 19 B DG 5  1_555 ? ? ? ? ? ? WATSON-CRICK ? ? ? 
hydrog11 hydrog ? ? A DA 5  N1 ? ? ? 1_555 B DT 3  N3 ? ? A DA 20 B DT 4  1_555 ? ? ? ? ? ? WATSON-CRICK ? ? ? 
hydrog12 hydrog ? ? A DA 5  N6 ? ? ? 1_555 B DT 3  O4 ? ? A DA 20 B DT 4  1_555 ? ? ? ? ? ? WATSON-CRICK ? ? ? 
hydrog13 hydrog ? ? A DC 6  N3 ? ? ? 1_555 C DG 4  N1 ? ? A DC 21 C DG 12 1_555 ? ? ? ? ? ? WATSON-CRICK ? ? ? 
hydrog14 hydrog ? ? A DC 6  N4 ? ? ? 1_555 C DG 4  O6 ? ? A DC 21 C DG 12 1_555 ? ? ? ? ? ? WATSON-CRICK ? ? ? 
hydrog15 hydrog ? ? A DC 6  O2 ? ? ? 1_555 C DG 4  N2 ? ? A DC 21 C DG 12 1_555 ? ? ? ? ? ? WATSON-CRICK ? ? ? 
hydrog16 hydrog ? ? A DC 7  N3 ? ? ? 1_555 C DG 3  N1 ? ? A DC 22 C DG 11 1_555 ? ? ? ? ? ? WATSON-CRICK ? ? ? 
hydrog17 hydrog ? ? A DC 7  N4 ? ? ? 1_555 C DG 3  O6 ? ? A DC 22 C DG 11 1_555 ? ? ? ? ? ? WATSON-CRICK ? ? ? 
hydrog18 hydrog ? ? A DC 7  O2 ? ? ? 1_555 C DG 3  N2 ? ? A DC 22 C DG 11 1_555 ? ? ? ? ? ? WATSON-CRICK ? ? ? 
hydrog19 hydrog ? ? A DA 8  N1 ? ? ? 1_555 C DT 2  N3 ? ? A DA 23 C DT 10 1_555 ? ? ? ? ? ? WATSON-CRICK ? ? ? 
hydrog20 hydrog ? ? A DA 8  N6 ? ? ? 1_555 C DT 2  O4 ? ? A DA 23 C DT 10 1_555 ? ? ? ? ? ? WATSON-CRICK ? ? ? 
hydrog21 hydrog ? ? A DG 9  N1 ? ? ? 1_555 C DC 1  N3 ? ? A DG 24 C DC 9  1_555 ? ? ? ? ? ? WATSON-CRICK ? ? ? 
hydrog22 hydrog ? ? A DG 9  N2 ? ? ? 1_555 C DC 1  O2 ? ? A DG 24 C DC 9  1_555 ? ? ? ? ? ? WATSON-CRICK ? ? ? 
hydrog23 hydrog ? ? A DG 9  O6 ? ? ? 1_555 C DC 1  N4 ? ? A DG 24 C DC 9  1_555 ? ? ? ? ? ? WATSON-CRICK ? ? ? 
hydrog24 hydrog ? ? C DA 5  N1 ? ? ? 1_555 D DT 12 N3 ? ? C DA 13 D DT 13 1_555 ? ? ? ? ? ? 'DA-DT PAIR' ? ? ? 
hydrog25 hydrog ? ? C DC 6  N3 ? ? ? 1_555 D DG 11 N1 ? ? C DC 14 D DG 12 1_555 ? ? ? ? ? ? WATSON-CRICK ? ? ? 
hydrog26 hydrog ? ? C DC 6  N4 ? ? ? 1_555 D DG 11 O6 ? ? C DC 14 D DG 12 1_555 ? ? ? ? ? ? WATSON-CRICK ? ? ? 
hydrog27 hydrog ? ? C DC 6  O2 ? ? ? 1_555 D DG 11 N2 ? ? C DC 14 D DG 12 1_555 ? ? ? ? ? ? WATSON-CRICK ? ? ? 
hydrog28 hydrog ? ? C DA 7  N1 ? ? ? 1_555 D DT 10 N3 ? ? C DA 15 D DT 11 1_555 ? ? ? ? ? ? WATSON-CRICK ? ? ? 
hydrog29 hydrog ? ? C DA 7  N6 ? ? ? 1_555 D DT 10 O4 ? ? C DA 15 D DT 11 1_555 ? ? ? ? ? ? WATSON-CRICK ? ? ? 
hydrog30 hydrog ? ? C DC 8  N3 ? ? ? 1_555 D DG 9  N1 ? ? C DC 16 D DG 10 1_555 ? ? ? ? ? ? WATSON-CRICK ? ? ? 
hydrog31 hydrog ? ? C DC 8  N4 ? ? ? 1_555 D DG 9  O6 ? ? C DC 16 D DG 10 1_555 ? ? ? ? ? ? WATSON-CRICK ? ? ? 
hydrog32 hydrog ? ? C DC 8  O2 ? ? ? 1_555 D DG 9  N2 ? ? C DC 16 D DG 10 1_555 ? ? ? ? ? ? WATSON-CRICK ? ? ? 
hydrog33 hydrog ? ? C DC 9  N3 ? ? ? 1_555 D DG 8  N1 ? ? C DC 17 D DG 9  1_555 ? ? ? ? ? ? WATSON-CRICK ? ? ? 
hydrog34 hydrog ? ? C DC 9  N4 ? ? ? 1_555 D DG 8  O6 ? ? C DC 17 D DG 9  1_555 ? ? ? ? ? ? WATSON-CRICK ? ? ? 
hydrog35 hydrog ? ? C DC 9  O2 ? ? ? 1_555 D DG 8  N2 ? ? C DC 17 D DG 9  1_555 ? ? ? ? ? ? WATSON-CRICK ? ? ? 
hydrog36 hydrog ? ? C DG 10 N1 ? ? ? 1_555 D DC 7  N3 ? ? C DG 18 D DC 8  1_555 ? ? ? ? ? ? WATSON-CRICK ? ? ? 
hydrog37 hydrog ? ? C DG 10 N2 ? ? ? 1_555 D DC 7  O2 ? ? C DG 18 D DC 8  1_555 ? ? ? ? ? ? WATSON-CRICK ? ? ? 
hydrog38 hydrog ? ? C DG 10 O6 ? ? ? 1_555 D DC 7  N4 ? ? C DG 18 D DC 8  1_555 ? ? ? ? ? ? WATSON-CRICK ? ? ? 
hydrog39 hydrog ? ? C DC 11 N3 ? ? ? 1_555 D DG 6  N1 ? ? C DC 19 D DG 7  1_555 ? ? ? ? ? ? WATSON-CRICK ? ? ? 
hydrog40 hydrog ? ? C DC 11 N4 ? ? ? 1_555 D DG 6  O6 ? ? C DC 19 D DG 7  1_555 ? ? ? ? ? ? WATSON-CRICK ? ? ? 
hydrog41 hydrog ? ? C DC 11 O2 ? ? ? 1_555 D DG 6  N2 ? ? C DC 19 D DG 7  1_555 ? ? ? ? ? ? WATSON-CRICK ? ? ? 
hydrog42 hydrog ? ? C DA 12 N1 ? ? ? 1_555 D DT 5  N3 ? ? C DA 20 D DT 6  1_555 ? ? ? ? ? ? WATSON-CRICK ? ? ? 
hydrog43 hydrog ? ? C DA 12 N6 ? ? ? 1_555 D DT 5  O4 ? ? C DA 20 D DT 6  1_555 ? ? ? ? ? ? WATSON-CRICK ? ? ? 
hydrog44 hydrog ? ? C DT 13 N3 ? ? ? 1_555 D DA 4  N1 ? ? C DT 21 D DA 5  1_555 ? ? ? ? ? ? WATSON-CRICK ? ? ? 
hydrog45 hydrog ? ? C DT 13 O4 ? ? ? 1_555 D DA 4  N6 ? ? C DT 21 D DA 5  1_555 ? ? ? ? ? ? WATSON-CRICK ? ? ? 
hydrog46 hydrog ? ? C DC 14 N3 ? ? ? 1_555 D DG 3  N1 ? ? C DC 22 D DG 4  1_555 ? ? ? ? ? ? WATSON-CRICK ? ? ? 
hydrog47 hydrog ? ? C DC 14 N4 ? ? ? 1_555 D DG 3  O6 ? ? C DC 22 D DG 4  1_555 ? ? ? ? ? ? WATSON-CRICK ? ? ? 
hydrog48 hydrog ? ? C DC 14 O2 ? ? ? 1_555 D DG 3  N2 ? ? C DC 22 D DG 4  1_555 ? ? ? ? ? ? WATSON-CRICK ? ? ? 
# 
_struct_conn_type.id          hydrog 
_struct_conn_type.criteria    ? 
_struct_conn_type.reference   ? 
# 
_pdbx_entry_details.entry_id                   9NQA 
_pdbx_entry_details.compound_details           ? 
_pdbx_entry_details.source_details             ? 
_pdbx_entry_details.nonpolymer_details         ? 
_pdbx_entry_details.sequence_details           ? 
_pdbx_entry_details.has_ligand_of_interest     ? 
_pdbx_entry_details.has_protein_modification   N 
# 
loop_
_pdbx_validate_rmsd_angle.id 
_pdbx_validate_rmsd_angle.PDB_model_num 
_pdbx_validate_rmsd_angle.auth_atom_id_1 
_pdbx_validate_rmsd_angle.auth_asym_id_1 
_pdbx_validate_rmsd_angle.auth_comp_id_1 
_pdbx_validate_rmsd_angle.auth_seq_id_1 
_pdbx_validate_rmsd_angle.PDB_ins_code_1 
_pdbx_validate_rmsd_angle.label_alt_id_1 
_pdbx_validate_rmsd_angle.auth_atom_id_2 
_pdbx_validate_rmsd_angle.auth_asym_id_2 
_pdbx_validate_rmsd_angle.auth_comp_id_2 
_pdbx_validate_rmsd_angle.auth_seq_id_2 
_pdbx_validate_rmsd_angle.PDB_ins_code_2 
_pdbx_validate_rmsd_angle.label_alt_id_2 
_pdbx_validate_rmsd_angle.auth_atom_id_3 
_pdbx_validate_rmsd_angle.auth_asym_id_3 
_pdbx_validate_rmsd_angle.auth_comp_id_3 
_pdbx_validate_rmsd_angle.auth_seq_id_3 
_pdbx_validate_rmsd_angle.PDB_ins_code_3 
_pdbx_validate_rmsd_angle.label_alt_id_3 
_pdbx_validate_rmsd_angle.angle_value 
_pdbx_validate_rmsd_angle.angle_target_value 
_pdbx_validate_rmsd_angle.angle_deviation 
_pdbx_validate_rmsd_angle.angle_standard_deviation 
_pdbx_validate_rmsd_angle.linker_flag 
1 1 "O4'" B DT 4  ? ? "C1'" B DT 4  ? ? N1 B DT 4  ? ? 111.28 108.30 2.98 0.30 N 
2 1 "O4'" D DG 10 ? ? "C1'" D DG 10 ? ? N9 D DG 10 ? ? 110.68 108.30 2.38 0.30 N 
3 1 "O4'" D DT 11 ? ? "C1'" D DT 11 ? ? N1 D DT 11 ? ? 110.30 108.30 2.00 0.30 N 
# 
loop_
_space_group_symop.id 
_space_group_symop.operation_xyz 
1 x,y,z                 
2 -y,x-y,z              
3 -x+y,-x,z             
4 x+1/3,y+2/3,z+2/3     
5 -y+1/3,x-y+2/3,z+2/3  
6 -x+y+1/3,-x+2/3,z+2/3 
7 x+2/3,y+1/3,z+1/3     
8 -y+2/3,x-y+1/3,z+1/3  
9 -x+y+2/3,-x+1/3,z+1/3 
# 
loop_
_pdbx_refine_tls.id 
_pdbx_refine_tls.pdbx_refine_id 
_pdbx_refine_tls.details 
_pdbx_refine_tls.method 
_pdbx_refine_tls.origin_x 
_pdbx_refine_tls.origin_y 
_pdbx_refine_tls.origin_z 
_pdbx_refine_tls.T[1][1] 
_pdbx_refine_tls.T[1][1]_esd 
_pdbx_refine_tls.T[1][2] 
_pdbx_refine_tls.T[1][2]_esd 
_pdbx_refine_tls.T[1][3] 
_pdbx_refine_tls.T[1][3]_esd 
_pdbx_refine_tls.T[2][2] 
_pdbx_refine_tls.T[2][2]_esd 
_pdbx_refine_tls.T[2][3] 
_pdbx_refine_tls.T[2][3]_esd 
_pdbx_refine_tls.T[3][3] 
_pdbx_refine_tls.T[3][3]_esd 
_pdbx_refine_tls.L[1][1] 
_pdbx_refine_tls.L[1][1]_esd 
_pdbx_refine_tls.L[1][2] 
_pdbx_refine_tls.L[1][2]_esd 
_pdbx_refine_tls.L[1][3] 
_pdbx_refine_tls.L[1][3]_esd 
_pdbx_refine_tls.L[2][2] 
_pdbx_refine_tls.L[2][2]_esd 
_pdbx_refine_tls.L[2][3] 
_pdbx_refine_tls.L[2][3]_esd 
_pdbx_refine_tls.L[3][3] 
_pdbx_refine_tls.L[3][3]_esd 
_pdbx_refine_tls.S[1][1] 
_pdbx_refine_tls.S[1][1]_esd 
_pdbx_refine_tls.S[1][2] 
_pdbx_refine_tls.S[1][2]_esd 
_pdbx_refine_tls.S[1][3] 
_pdbx_refine_tls.S[1][3]_esd 
_pdbx_refine_tls.S[2][1] 
_pdbx_refine_tls.S[2][1]_esd 
_pdbx_refine_tls.S[2][2] 
_pdbx_refine_tls.S[2][2]_esd 
_pdbx_refine_tls.S[2][3] 
_pdbx_refine_tls.S[2][3]_esd 
_pdbx_refine_tls.S[3][1] 
_pdbx_refine_tls.S[3][1]_esd 
_pdbx_refine_tls.S[3][2] 
_pdbx_refine_tls.S[3][2]_esd 
_pdbx_refine_tls.S[3][3] 
_pdbx_refine_tls.S[3][3]_esd 
1 'X-RAY DIFFRACTION' ? refined -7.1363959157  -0.09285906118 10.97720508470  8.26447902107 ? 0.140825845035  ? -0.301275545491 ? 6.85997534601 ? -1.248810117509 ? 9.6725710166  ? 3.048524516439 ? 2.6851602864    ? 3.512587869841  ? 3.7973545024  ? 1.90901126829  ? 7.21360532903 ? 0.650945479489 ? -2.0256996367   ? 1.49912088320  ? -3.580227987977 ? 3.760670210155 ? -6.93601859177 ? 4.95025173114  ? 3.38599247044 ? -3.71326773210 ? 
2 'X-RAY DIFFRACTION' ? refined -13.8389692661 -3.09028915218 15.362116316534 6.65299756272 ? 0.18021897373   ? 2.24599700138   ? 11.4922141333 ? 2.82363727370   ? 14.3449288589 ? 1.415808639550 ? -0.604608110348 ? 2.653989813227  ? -0.0371833768 ? -1.23247578551 ? 7.46638632058 ? 3.93320375537  ? -10.26468336769 ? 6.58974238794  ? 4.05533729043   ? 2.88594249993  ? -1.95759853452 ? -4.74985842931 ? 3.57431834947 ? 1.91878047635  ? 
3 'X-RAY DIFFRACTION' ? refined 6.0355243405   3.37082606532  -4.2104042434   7.79541252066 ? 0.005266348660  ? -0.647659987771 ? 8.71051949066 ? -0.445338821410 ? 8.93783395286 ? 1.93553221309  ? -0.100755140864 ? 0.01400518762   ? 0.36437576406 ? 0.54863686211  ? 7.41280443308 ? -4.05944570416 ? 1.70920252495   ? -2.44541325868 ? -3.1417367081   ? -0.33661497001 ? 3.774530981214 ? -0.9704845419  ? 5.17207278452 ? 6.007808985164 ? 
4 'X-RAY DIFFRACTION' ? refined 6.0445229154   -1.91261818694 -11.705249033   8.06624522935 ? -0.063281368439 ? -1.087905114919 ? 9.12127719368 ? 0.47761752258   ? 8.99825242198 ? 1.192497794073 ? 3.159684652781  ? -1.998018795717 ? 6.49483016888 ? -3.08417527607 ? 0.85169755470 ? -1.40934401563 ? -1.688765410699 ? -2.35343352635 ? -5.70453515466  ? -3.32494151361 ? 6.24448511864  ? -7.93138989272 ? 9.08589760579 ? 6.72717004888  ? 
# 
loop_
_pdbx_refine_tls_group.id 
_pdbx_refine_tls_group.pdbx_refine_id 
_pdbx_refine_tls_group.refine_tls_id 
_pdbx_refine_tls_group.beg_label_asym_id 
_pdbx_refine_tls_group.beg_label_seq_id 
_pdbx_refine_tls_group.beg_auth_asym_id 
_pdbx_refine_tls_group.beg_auth_seq_id 
_pdbx_refine_tls_group.beg_PDB_ins_code 
_pdbx_refine_tls_group.end_label_asym_id 
_pdbx_refine_tls_group.end_label_seq_id 
_pdbx_refine_tls_group.end_auth_asym_id 
_pdbx_refine_tls_group.end_auth_seq_id 
_pdbx_refine_tls_group.end_PDB_ins_code 
_pdbx_refine_tls_group.selection 
_pdbx_refine_tls_group.selection_details 
1 'X-RAY DIFFRACTION' 1 A ? A 16 ? A ? A 24 ? ? 
;chain 'A' and (resid 16 through 24 )
;
2 'X-RAY DIFFRACTION' 2 B ? B 2  ? B ? B 8  ? ? 
;chain 'B' and (resid 2 through 8 )
;
3 'X-RAY DIFFRACTION' 3 C ? C 9  ? C ? C 22 ? ? 
;chain 'C' and (resid 9 through 22 )
;
4 'X-RAY DIFFRACTION' 4 D ? D 2  ? D ? D 13 ? ? 
;chain 'D' and (resid 2 through 13 )
;
# 
loop_
_chem_comp_atom.comp_id 
_chem_comp_atom.atom_id 
_chem_comp_atom.type_symbol 
_chem_comp_atom.pdbx_aromatic_flag 
_chem_comp_atom.pdbx_stereo_config 
_chem_comp_atom.pdbx_ordinal 
DA OP3    O N N 1   
DA P      P N N 2   
DA OP1    O N N 3   
DA OP2    O N N 4   
DA "O5'"  O N N 5   
DA "C5'"  C N N 6   
DA "C4'"  C N R 7   
DA "O4'"  O N N 8   
DA "C3'"  C N S 9   
DA "O3'"  O N N 10  
DA "C2'"  C N N 11  
DA "C1'"  C N R 12  
DA N9     N Y N 13  
DA C8     C Y N 14  
DA N7     N Y N 15  
DA C5     C Y N 16  
DA C6     C Y N 17  
DA N6     N N N 18  
DA N1     N Y N 19  
DA C2     C Y N 20  
DA N3     N Y N 21  
DA C4     C Y N 22  
DA HOP3   H N N 23  
DA HOP2   H N N 24  
DA "H5'"  H N N 25  
DA "H5''" H N N 26  
DA "H4'"  H N N 27  
DA "H3'"  H N N 28  
DA "HO3'" H N N 29  
DA "H2'"  H N N 30  
DA "H2''" H N N 31  
DA "H1'"  H N N 32  
DA H8     H N N 33  
DA H61    H N N 34  
DA H62    H N N 35  
DA H2     H N N 36  
DC OP3    O N N 37  
DC P      P N N 38  
DC OP1    O N N 39  
DC OP2    O N N 40  
DC "O5'"  O N N 41  
DC "C5'"  C N N 42  
DC "C4'"  C N R 43  
DC "O4'"  O N N 44  
DC "C3'"  C N S 45  
DC "O3'"  O N N 46  
DC "C2'"  C N N 47  
DC "C1'"  C N R 48  
DC N1     N N N 49  
DC C2     C N N 50  
DC O2     O N N 51  
DC N3     N N N 52  
DC C4     C N N 53  
DC N4     N N N 54  
DC C5     C N N 55  
DC C6     C N N 56  
DC HOP3   H N N 57  
DC HOP2   H N N 58  
DC "H5'"  H N N 59  
DC "H5''" H N N 60  
DC "H4'"  H N N 61  
DC "H3'"  H N N 62  
DC "HO3'" H N N 63  
DC "H2'"  H N N 64  
DC "H2''" H N N 65  
DC "H1'"  H N N 66  
DC H41    H N N 67  
DC H42    H N N 68  
DC H5     H N N 69  
DC H6     H N N 70  
DG OP3    O N N 71  
DG P      P N N 72  
DG OP1    O N N 73  
DG OP2    O N N 74  
DG "O5'"  O N N 75  
DG "C5'"  C N N 76  
DG "C4'"  C N R 77  
DG "O4'"  O N N 78  
DG "C3'"  C N S 79  
DG "O3'"  O N N 80  
DG "C2'"  C N N 81  
DG "C1'"  C N R 82  
DG N9     N Y N 83  
DG C8     C Y N 84  
DG N7     N Y N 85  
DG C5     C Y N 86  
DG C6     C N N 87  
DG O6     O N N 88  
DG N1     N N N 89  
DG C2     C N N 90  
DG N2     N N N 91  
DG N3     N N N 92  
DG C4     C Y N 93  
DG HOP3   H N N 94  
DG HOP2   H N N 95  
DG "H5'"  H N N 96  
DG "H5''" H N N 97  
DG "H4'"  H N N 98  
DG "H3'"  H N N 99  
DG "HO3'" H N N 100 
DG "H2'"  H N N 101 
DG "H2''" H N N 102 
DG "H1'"  H N N 103 
DG H8     H N N 104 
DG H1     H N N 105 
DG H21    H N N 106 
DG H22    H N N 107 
DT OP3    O N N 108 
DT P      P N N 109 
DT OP1    O N N 110 
DT OP2    O N N 111 
DT "O5'"  O N N 112 
DT "C5'"  C N N 113 
DT "C4'"  C N R 114 
DT "O4'"  O N N 115 
DT "C3'"  C N S 116 
DT "O3'"  O N N 117 
DT "C2'"  C N N 118 
DT "C1'"  C N R 119 
DT N1     N N N 120 
DT C2     C N N 121 
DT O2     O N N 122 
DT N3     N N N 123 
DT C4     C N N 124 
DT O4     O N N 125 
DT C5     C N N 126 
DT C7     C N N 127 
DT C6     C N N 128 
DT HOP3   H N N 129 
DT HOP2   H N N 130 
DT "H5'"  H N N 131 
DT "H5''" H N N 132 
DT "H4'"  H N N 133 
DT "H3'"  H N N 134 
DT "HO3'" H N N 135 
DT "H2'"  H N N 136 
DT "H2''" H N N 137 
DT "H1'"  H N N 138 
DT H3     H N N 139 
DT H71    H N N 140 
DT H72    H N N 141 
DT H73    H N N 142 
DT H6     H N N 143 
# 
loop_
_chem_comp_bond.comp_id 
_chem_comp_bond.atom_id_1 
_chem_comp_bond.atom_id_2 
_chem_comp_bond.value_order 
_chem_comp_bond.pdbx_aromatic_flag 
_chem_comp_bond.pdbx_stereo_config 
_chem_comp_bond.pdbx_ordinal 
DA OP3   P      sing N N 1   
DA OP3   HOP3   sing N N 2   
DA P     OP1    doub N N 3   
DA P     OP2    sing N N 4   
DA P     "O5'"  sing N N 5   
DA OP2   HOP2   sing N N 6   
DA "O5'" "C5'"  sing N N 7   
DA "C5'" "C4'"  sing N N 8   
DA "C5'" "H5'"  sing N N 9   
DA "C5'" "H5''" sing N N 10  
DA "C4'" "O4'"  sing N N 11  
DA "C4'" "C3'"  sing N N 12  
DA "C4'" "H4'"  sing N N 13  
DA "O4'" "C1'"  sing N N 14  
DA "C3'" "O3'"  sing N N 15  
DA "C3'" "C2'"  sing N N 16  
DA "C3'" "H3'"  sing N N 17  
DA "O3'" "HO3'" sing N N 18  
DA "C2'" "C1'"  sing N N 19  
DA "C2'" "H2'"  sing N N 20  
DA "C2'" "H2''" sing N N 21  
DA "C1'" N9     sing N N 22  
DA "C1'" "H1'"  sing N N 23  
DA N9    C8     sing Y N 24  
DA N9    C4     sing Y N 25  
DA C8    N7     doub Y N 26  
DA C8    H8     sing N N 27  
DA N7    C5     sing Y N 28  
DA C5    C6     sing Y N 29  
DA C5    C4     doub Y N 30  
DA C6    N6     sing N N 31  
DA C6    N1     doub Y N 32  
DA N6    H61    sing N N 33  
DA N6    H62    sing N N 34  
DA N1    C2     sing Y N 35  
DA C2    N3     doub Y N 36  
DA C2    H2     sing N N 37  
DA N3    C4     sing Y N 38  
DC OP3   P      sing N N 39  
DC OP3   HOP3   sing N N 40  
DC P     OP1    doub N N 41  
DC P     OP2    sing N N 42  
DC P     "O5'"  sing N N 43  
DC OP2   HOP2   sing N N 44  
DC "O5'" "C5'"  sing N N 45  
DC "C5'" "C4'"  sing N N 46  
DC "C5'" "H5'"  sing N N 47  
DC "C5'" "H5''" sing N N 48  
DC "C4'" "O4'"  sing N N 49  
DC "C4'" "C3'"  sing N N 50  
DC "C4'" "H4'"  sing N N 51  
DC "O4'" "C1'"  sing N N 52  
DC "C3'" "O3'"  sing N N 53  
DC "C3'" "C2'"  sing N N 54  
DC "C3'" "H3'"  sing N N 55  
DC "O3'" "HO3'" sing N N 56  
DC "C2'" "C1'"  sing N N 57  
DC "C2'" "H2'"  sing N N 58  
DC "C2'" "H2''" sing N N 59  
DC "C1'" N1     sing N N 60  
DC "C1'" "H1'"  sing N N 61  
DC N1    C2     sing N N 62  
DC N1    C6     sing N N 63  
DC C2    O2     doub N N 64  
DC C2    N3     sing N N 65  
DC N3    C4     doub N N 66  
DC C4    N4     sing N N 67  
DC C4    C5     sing N N 68  
DC N4    H41    sing N N 69  
DC N4    H42    sing N N 70  
DC C5    C6     doub N N 71  
DC C5    H5     sing N N 72  
DC C6    H6     sing N N 73  
DG OP3   P      sing N N 74  
DG OP3   HOP3   sing N N 75  
DG P     OP1    doub N N 76  
DG P     OP2    sing N N 77  
DG P     "O5'"  sing N N 78  
DG OP2   HOP2   sing N N 79  
DG "O5'" "C5'"  sing N N 80  
DG "C5'" "C4'"  sing N N 81  
DG "C5'" "H5'"  sing N N 82  
DG "C5'" "H5''" sing N N 83  
DG "C4'" "O4'"  sing N N 84  
DG "C4'" "C3'"  sing N N 85  
DG "C4'" "H4'"  sing N N 86  
DG "O4'" "C1'"  sing N N 87  
DG "C3'" "O3'"  sing N N 88  
DG "C3'" "C2'"  sing N N 89  
DG "C3'" "H3'"  sing N N 90  
DG "O3'" "HO3'" sing N N 91  
DG "C2'" "C1'"  sing N N 92  
DG "C2'" "H2'"  sing N N 93  
DG "C2'" "H2''" sing N N 94  
DG "C1'" N9     sing N N 95  
DG "C1'" "H1'"  sing N N 96  
DG N9    C8     sing Y N 97  
DG N9    C4     sing Y N 98  
DG C8    N7     doub Y N 99  
DG C8    H8     sing N N 100 
DG N7    C5     sing Y N 101 
DG C5    C6     sing N N 102 
DG C5    C4     doub Y N 103 
DG C6    O6     doub N N 104 
DG C6    N1     sing N N 105 
DG N1    C2     sing N N 106 
DG N1    H1     sing N N 107 
DG C2    N2     sing N N 108 
DG C2    N3     doub N N 109 
DG N2    H21    sing N N 110 
DG N2    H22    sing N N 111 
DG N3    C4     sing N N 112 
DT OP3   P      sing N N 113 
DT OP3   HOP3   sing N N 114 
DT P     OP1    doub N N 115 
DT P     OP2    sing N N 116 
DT P     "O5'"  sing N N 117 
DT OP2   HOP2   sing N N 118 
DT "O5'" "C5'"  sing N N 119 
DT "C5'" "C4'"  sing N N 120 
DT "C5'" "H5'"  sing N N 121 
DT "C5'" "H5''" sing N N 122 
DT "C4'" "O4'"  sing N N 123 
DT "C4'" "C3'"  sing N N 124 
DT "C4'" "H4'"  sing N N 125 
DT "O4'" "C1'"  sing N N 126 
DT "C3'" "O3'"  sing N N 127 
DT "C3'" "C2'"  sing N N 128 
DT "C3'" "H3'"  sing N N 129 
DT "O3'" "HO3'" sing N N 130 
DT "C2'" "C1'"  sing N N 131 
DT "C2'" "H2'"  sing N N 132 
DT "C2'" "H2''" sing N N 133 
DT "C1'" N1     sing N N 134 
DT "C1'" "H1'"  sing N N 135 
DT N1    C2     sing N N 136 
DT N1    C6     sing N N 137 
DT C2    O2     doub N N 138 
DT C2    N3     sing N N 139 
DT N3    C4     sing N N 140 
DT N3    H3     sing N N 141 
DT C4    O4     doub N N 142 
DT C4    C5     sing N N 143 
DT C5    C7     sing N N 144 
DT C5    C6     doub N N 145 
DT C7    H71    sing N N 146 
DT C7    H72    sing N N 147 
DT C7    H73    sing N N 148 
DT C6    H6     sing N N 149 
# 
loop_
_ndb_struct_conf_na.entry_id 
_ndb_struct_conf_na.feature 
9NQA 'double helix'        
9NQA 'a-form double helix' 
9NQA 'b-form double helix' 
# 
loop_
_ndb_struct_na_base_pair.model_number 
_ndb_struct_na_base_pair.i_label_asym_id 
_ndb_struct_na_base_pair.i_label_comp_id 
_ndb_struct_na_base_pair.i_label_seq_id 
_ndb_struct_na_base_pair.i_symmetry 
_ndb_struct_na_base_pair.j_label_asym_id 
_ndb_struct_na_base_pair.j_label_comp_id 
_ndb_struct_na_base_pair.j_label_seq_id 
_ndb_struct_na_base_pair.j_symmetry 
_ndb_struct_na_base_pair.shear 
_ndb_struct_na_base_pair.stretch 
_ndb_struct_na_base_pair.stagger 
_ndb_struct_na_base_pair.buckle 
_ndb_struct_na_base_pair.propeller 
_ndb_struct_na_base_pair.opening 
_ndb_struct_na_base_pair.pair_number 
_ndb_struct_na_base_pair.pair_name 
_ndb_struct_na_base_pair.i_auth_asym_id 
_ndb_struct_na_base_pair.i_auth_seq_id 
_ndb_struct_na_base_pair.i_PDB_ins_code 
_ndb_struct_na_base_pair.j_auth_asym_id 
_ndb_struct_na_base_pair.j_auth_seq_id 
_ndb_struct_na_base_pair.j_PDB_ins_code 
_ndb_struct_na_base_pair.hbond_type_28 
_ndb_struct_na_base_pair.hbond_type_12 
1 A DT 1  1_555 B DA 7  1_555 -0.006 -0.178 0.241  0.782   -2.727  3.736  1  A_DT16:DA8_B  A 16 ? B 8  ? 20 1 
1 A DC 2  1_555 B DG 6  1_555 1.780  -0.382 -0.453 16.692  -21.335 9.857  2  A_DC17:DG7_B  A 17 ? B 7  ? 19 1 
1 A DA 3  1_555 B DT 5  1_555 0.111  -0.075 0.091  -0.494  -3.333  -2.968 3  A_DA18:DT6_B  A 18 ? B 6  ? 20 1 
1 A DC 4  1_555 B DG 4  1_555 0.199  -0.141 0.262  1.547   -5.544  0.678  4  A_DC19:DG5_B  A 19 ? B 5  ? 19 1 
1 A DA 5  1_555 B DT 3  1_555 0.032  -0.178 -0.373 -2.474  -4.105  9.670  5  A_DA20:DT4_B  A 20 ? B 4  ? 20 1 
1 C DC 1  1_555 A DG 9  1_555 0.178  -0.194 0.259  0.189   -3.548  -0.497 6  C_DC9:DG24_A  C 9  ? A 24 ? 19 1 
1 C DT 2  1_555 A DA 8  1_555 0.002  -0.169 0.308  -0.103  0.095   -2.025 7  C_DT10:DA23_A C 10 ? A 23 ? 20 1 
1 C DG 3  1_555 A DC 7  1_555 -0.190 -0.147 0.316  3.109   1.301   1.477  8  C_DG11:DC22_A C 11 ? A 22 ? 19 1 
1 C DG 4  1_555 A DC 6  1_555 -0.197 -0.154 0.144  -1.463  -2.121  2.688  9  C_DG12:DC21_A C 12 ? A 21 ? 19 1 
1 C DA 5  1_555 D DT 12 1_555 1.033  0.688  -1.034 -23.071 -7.663  7.727  10 C_DA13:DT13_D C 13 ? D 13 ? ?  ? 
1 C DC 6  1_555 D DG 11 1_555 0.199  -0.130 -0.295 -5.583  1.039   0.100  11 C_DC14:DG12_D C 14 ? D 12 ? 19 1 
1 C DA 7  1_555 D DT 10 1_555 -0.013 -0.178 -0.135 -6.930  -2.893  6.117  12 C_DA15:DT11_D C 15 ? D 11 ? 20 1 
1 C DC 8  1_555 D DG 9  1_555 0.234  -0.100 0.114  -2.645  5.835   3.597  13 C_DC16:DG10_D C 16 ? D 10 ? 19 1 
1 C DC 9  1_555 D DG 8  1_555 0.228  -0.156 0.393  -1.134  5.162   3.822  14 C_DC17:DG9_D  C 17 ? D 9  ? 19 1 
1 C DG 10 1_555 D DC 7  1_555 -0.178 -0.145 0.459  2.984   3.239   1.508  15 C_DG18:DC8_D  C 18 ? D 8  ? 19 1 
1 C DC 11 1_555 D DG 6  1_555 0.179  -0.091 0.209  2.551   -0.475  -0.284 16 C_DC19:DG7_D  C 19 ? D 7  ? 19 1 
1 C DA 12 1_555 D DT 5  1_555 0.079  -0.115 0.026  -0.336  -1.329  -1.924 17 C_DA20:DT6_D  C 20 ? D 6  ? 20 1 
1 C DT 13 1_555 D DA 4  1_555 -0.076 -0.138 -0.218 -0.433  -0.808  -0.076 18 C_DT21:DA5_D  C 21 ? D 5  ? 20 1 
1 C DC 14 1_555 D DG 3  1_555 0.214  -0.118 0.209  1.330   0.143   3.166  19 C_DC22:DG4_D  C 22 ? D 4  ? 19 1 
# 
loop_
_ndb_struct_na_base_pair_step.model_number 
_ndb_struct_na_base_pair_step.i_label_asym_id_1 
_ndb_struct_na_base_pair_step.i_label_comp_id_1 
_ndb_struct_na_base_pair_step.i_label_seq_id_1 
_ndb_struct_na_base_pair_step.i_symmetry_1 
_ndb_struct_na_base_pair_step.j_label_asym_id_1 
_ndb_struct_na_base_pair_step.j_label_comp_id_1 
_ndb_struct_na_base_pair_step.j_label_seq_id_1 
_ndb_struct_na_base_pair_step.j_symmetry_1 
_ndb_struct_na_base_pair_step.i_label_asym_id_2 
_ndb_struct_na_base_pair_step.i_label_comp_id_2 
_ndb_struct_na_base_pair_step.i_label_seq_id_2 
_ndb_struct_na_base_pair_step.i_symmetry_2 
_ndb_struct_na_base_pair_step.j_label_asym_id_2 
_ndb_struct_na_base_pair_step.j_label_comp_id_2 
_ndb_struct_na_base_pair_step.j_label_seq_id_2 
_ndb_struct_na_base_pair_step.j_symmetry_2 
_ndb_struct_na_base_pair_step.shift 
_ndb_struct_na_base_pair_step.slide 
_ndb_struct_na_base_pair_step.rise 
_ndb_struct_na_base_pair_step.tilt 
_ndb_struct_na_base_pair_step.roll 
_ndb_struct_na_base_pair_step.twist 
_ndb_struct_na_base_pair_step.x_displacement 
_ndb_struct_na_base_pair_step.y_displacement 
_ndb_struct_na_base_pair_step.helical_rise 
_ndb_struct_na_base_pair_step.inclination 
_ndb_struct_na_base_pair_step.tip 
_ndb_struct_na_base_pair_step.helical_twist 
_ndb_struct_na_base_pair_step.step_number 
_ndb_struct_na_base_pair_step.step_name 
_ndb_struct_na_base_pair_step.i_auth_asym_id_1 
_ndb_struct_na_base_pair_step.i_auth_seq_id_1 
_ndb_struct_na_base_pair_step.i_PDB_ins_code_1 
_ndb_struct_na_base_pair_step.j_auth_asym_id_1 
_ndb_struct_na_base_pair_step.j_auth_seq_id_1 
_ndb_struct_na_base_pair_step.j_PDB_ins_code_1 
_ndb_struct_na_base_pair_step.i_auth_asym_id_2 
_ndb_struct_na_base_pair_step.i_auth_seq_id_2 
_ndb_struct_na_base_pair_step.i_PDB_ins_code_2 
_ndb_struct_na_base_pair_step.j_auth_asym_id_2 
_ndb_struct_na_base_pair_step.j_auth_seq_id_2 
_ndb_struct_na_base_pair_step.j_PDB_ins_code_2 
1 A DT 1  1_555 B DA 7  1_555 A DC 2  1_555 B DG 6  1_555 -1.681 -1.100 2.840 4.038  -5.220 28.065 -1.204 4.157  2.732 -10.579 
-8.183  28.815 1  AA_DT16DC17:DG7DA8_BB   A 16 ? B 8  ? A 17 ? B 7  ? 
1 A DC 2  1_555 B DG 6  1_555 A DA 3  1_555 B DT 5  1_555 -0.111 -0.025 3.317 -1.219 10.222 36.838 -1.346 0.014  3.200 15.801  
1.884   38.201 2  AA_DC17DA18:DT6DG7_BB   A 17 ? B 7  ? A 18 ? B 6  ? 
1 A DA 3  1_555 B DT 5  1_555 A DC 4  1_555 B DG 4  1_555 -0.715 0.537  3.681 1.387  -0.362 31.266 1.072  1.619  3.640 -0.671  
-2.571  31.298 3  AA_DA18DC19:DG5DT6_BB   A 18 ? B 6  ? A 19 ? B 5  ? 
1 A DC 4  1_555 B DG 4  1_555 A DA 5  1_555 B DT 3  1_555 1.850  -0.227 3.689 0.370  3.656  36.034 -0.944 -2.917 3.668 5.892   
-0.596  36.215 4  AA_DC19DA20:DT4DG5_BB   A 19 ? B 5  ? A 20 ? B 4  ? 
1 C DC 1  1_555 A DG 9  1_555 C DT 2  1_555 A DA 8  1_555 0.144  -1.670 3.283 2.963  2.275  31.597 -3.457 0.273  3.159 4.160   
-5.417  31.812 5  CC_DC9DT10:DA23DG24_AA  C 9  ? A 24 ? C 10 ? A 23 ? 
1 C DT 2  1_555 A DA 8  1_555 C DG 3  1_555 A DC 7  1_555 -0.566 -0.621 3.557 0.829  5.256  29.223 -2.393 1.290  3.379 10.310  
-1.625  29.694 6  CC_DT10DG11:DC22DA23_AA C 10 ? A 23 ? C 11 ? A 22 ? 
1 C DG 3  1_555 A DC 7  1_555 C DG 4  1_555 A DC 6  1_555 -0.327 -0.853 3.407 -2.690 2.196  40.935 -1.464 0.162  3.373 3.133   
3.839   41.076 7  CC_DG11DG12:DC21DC22_AA C 11 ? A 22 ? C 12 ? A 21 ? 
1 C DG 4  1_555 A DC 6  1_555 C DA 5  1_555 D DT 12 1_555 -1.032 -0.723 3.750 7.329  9.168  41.371 -1.989 2.211  3.303 12.673  
-10.130 42.933 8  CC_DG12DA13:DT13DC21_DA C 12 ? A 21 ? C 13 ? D 13 ? 
1 C DA 5  1_555 D DT 12 1_555 C DC 6  1_555 D DG 11 1_555 0.142  -0.583 2.883 -3.074 3.381  24.010 -2.291 -1.166 2.737 8.034   
7.304   24.435 9  CC_DA13DC14:DG12DT13_DD C 13 ? D 13 ? C 14 ? D 12 ? 
1 C DC 6  1_555 D DG 11 1_555 C DA 7  1_555 D DT 10 1_555 0.683  0.595  3.065 -1.472 8.247  41.229 0.017  -1.097 3.098 11.567  
2.065   42.035 10 CC_DC14DA15:DT11DG12_DD C 14 ? D 12 ? C 15 ? D 11 ? 
1 C DA 7  1_555 D DT 10 1_555 C DC 8  1_555 D DG 9  1_555 0.219  0.384  3.648 -1.192 3.810  34.114 -0.017 -0.580 3.658 6.467   
2.024   34.340 11 CC_DA15DC16:DG10DT11_DD C 15 ? D 11 ? C 16 ? D 10 ? 
1 C DC 8  1_555 D DG 9  1_555 C DC 9  1_555 D DG 8  1_555 -0.750 -0.576 3.357 -0.162 6.853  25.570 -3.087 1.595  3.104 15.140  
0.357   26.458 12 CC_DC16DC17:DG9DG10_DD  C 16 ? D 10 ? C 17 ? D 9  ? 
1 C DC 9  1_555 D DG 8  1_555 C DG 10 1_555 D DC 7  1_555 0.073  0.094  3.036 0.448  5.442  34.400 -0.614 -0.058 3.016 9.130   
-0.751  34.818 13 CC_DC17DG18:DC8DG9_DD   C 17 ? D 9  ? C 18 ? D 8  ? 
1 C DG 10 1_555 D DC 7  1_555 C DC 11 1_555 D DG 6  1_555 1.030  -0.557 3.337 1.728  1.733  33.356 -1.261 -1.497 3.353 3.014   
-3.006  33.443 14 CC_DG18DC19:DG7DC8_DD   C 18 ? D 8  ? C 19 ? D 7  ? 
1 C DC 11 1_555 D DG 6  1_555 C DA 12 1_555 D DT 5  1_555 -1.066 -0.512 3.063 0.267  9.760  41.505 -1.610 1.492  2.870 13.547  
-0.371  42.588 15 CC_DC19DA20:DT6DG7_DD   C 19 ? D 7  ? C 20 ? D 6  ? 
1 C DA 12 1_555 D DT 5  1_555 C DT 13 1_555 D DA 4  1_555 0.551  -0.170 3.779 -1.796 -0.536 27.750 -0.206 -1.643 3.739 -1.116  
3.739   27.812 16 CC_DA20DT21:DA5DT6_DD   C 20 ? D 6  ? C 21 ? D 5  ? 
1 C DT 13 1_555 D DA 4  1_555 C DC 14 1_555 D DG 3  1_555 0.137  0.302  3.451 3.019  3.675  39.926 -0.003 0.165  3.465 5.359   
-4.403  40.197 17 CC_DT21DC22:DG4DA5_DD   C 21 ? D 5  ? C 22 ? D 4  ? 
# 
loop_
_pdbx_audit_support.funding_organization 
_pdbx_audit_support.country 
_pdbx_audit_support.grant_number 
_pdbx_audit_support.ordinal 
'Office of Naval Research (ONR)'                   'United States' N000141912596 1 
'Department of Energy (DOE, United States)'        'United States' DE-SC0007991  2 
'National Science Foundation (NSF, United States)' 'United States' CCF-2106790   3 
'National Science Foundation (NSF, United States)' 'United States' GCR-2317843   4 
# 
_pdbx_initial_refinement_model.id               1 
_pdbx_initial_refinement_model.entity_id_list   ? 
_pdbx_initial_refinement_model.type             'experimental model' 
_pdbx_initial_refinement_model.source_name      PDB 
_pdbx_initial_refinement_model.accession_code   8D93 
_pdbx_initial_refinement_model.details          ? 
# 
_space_group.name_H-M_alt     'R 3 :H' 
_space_group.name_Hall        'R 3' 
_space_group.IT_number        146 
_space_group.crystal_system   trigonal 
_space_group.id               1 
# 
_atom_sites.entry_id                    9NQA 
_atom_sites.Cartn_transf_matrix[1][1]   ? 
_atom_sites.Cartn_transf_matrix[1][2]   ? 
_atom_sites.Cartn_transf_matrix[1][3]   ? 
_atom_sites.Cartn_transf_matrix[2][1]   ? 
_atom_sites.Cartn_transf_matrix[2][2]   ? 
_atom_sites.Cartn_transf_matrix[2][3]   ? 
_atom_sites.Cartn_transf_matrix[3][1]   ? 
_atom_sites.Cartn_transf_matrix[3][2]   ? 
_atom_sites.Cartn_transf_matrix[3][3]   ? 
_atom_sites.Cartn_transf_vector[1]      ? 
_atom_sites.Cartn_transf_vector[2]      ? 
_atom_sites.Cartn_transf_vector[3]      ? 
_atom_sites.Cartn_transform_axes        ? 
_atom_sites.fract_transf_matrix[1][1]   0.00275729 
_atom_sites.fract_transf_matrix[1][2]   -0.00953755 
_atom_sites.fract_transf_matrix[1][3]   -0.00523979 
_atom_sites.fract_transf_matrix[2][1]   -0.00800264 
_atom_sites.fract_transf_matrix[2][2]   -0.00729825 
_atom_sites.fract_transf_matrix[2][3]   -0.00295236 
_atom_sites.fract_transf_matrix[3][1]   -0.00088654 
_atom_sites.fract_transf_matrix[3][2]   0.00440262 
_atom_sites.fract_transf_matrix[3][3]   -0.00848023 
_atom_sites.fract_transf_vector[1]      0.257992 
_atom_sites.fract_transf_vector[2]      0.022684 
_atom_sites.fract_transf_vector[3]      0.125088 
_atom_sites.solution_primary            ? 
_atom_sites.solution_secondary          ? 
_atom_sites.solution_hydrogens          ? 
_atom_sites.special_details             ? 
# 
loop_
_atom_type.symbol 
_atom_type.scat_dispersion_real 
_atom_type.scat_dispersion_imag 
_atom_type.scat_Cromer_Mann_a1 
_atom_type.scat_Cromer_Mann_a2 
_atom_type.scat_Cromer_Mann_a3 
_atom_type.scat_Cromer_Mann_a4 
_atom_type.scat_Cromer_Mann_b1 
_atom_type.scat_Cromer_Mann_b2 
_atom_type.scat_Cromer_Mann_b3 
_atom_type.scat_Cromer_Mann_b4 
_atom_type.scat_Cromer_Mann_c 
_atom_type.scat_source 
_atom_type.scat_dispersion_source 
C ? ? 5.96793  ? ? ? 14.89577 ? ? ? 0.0 
;1-Gaussian fit: Grosse-Kunstleve RW, Sauter NK, Adams PD: Newsletter of the IUCr Commission on Crystallographic Computing 2004, 3, 22-31.
;
? 
N ? ? 6.96715  ? ? ? 11.43723 ? ? ? 0.0 
;1-Gaussian fit: Grosse-Kunstleve RW, Sauter NK, Adams PD: Newsletter of the IUCr Commission on Crystallographic Computing 2004, 3, 22-31.
;
? 
O ? ? 7.96527  ? ? ? 9.05267  ? ? ? 0.0 
;1-Gaussian fit: Grosse-Kunstleve RW, Sauter NK, Adams PD: Newsletter of the IUCr Commission on Crystallographic Computing 2004, 3, 22-31.
;
? 
P ? ? 14.90797 ? ? ? 11.91318 ? ? ? 0.0 
;1-Gaussian fit: Grosse-Kunstleve RW, Sauter NK, Adams PD: Newsletter of the IUCr Commission on Crystallographic Computing 2004, 3, 22-31.
;
? 
# 
loop_
_atom_site.group_PDB 
_atom_site.id 
_atom_site.type_symbol 
_atom_site.label_atom_id 
_atom_site.label_alt_id 
_atom_site.label_comp_id 
_atom_site.label_asym_id 
_atom_site.label_entity_id 
_atom_site.label_seq_id 
_atom_site.pdbx_PDB_ins_code 
_atom_site.Cartn_x 
_atom_site.Cartn_y 
_atom_site.Cartn_z 
_atom_site.occupancy 
_atom_site.B_iso_or_equiv 
_atom_site.pdbx_formal_charge 
_atom_site.auth_seq_id 
_atom_site.auth_comp_id 
_atom_site.auth_asym_id 
_atom_site.auth_atom_id 
_atom_site.pdbx_PDB_model_num 
ATOM 1   P P     . DT A 1 1  ? -25.43749 -11.19761 12.20404  1.000 634.71872  ? 16 DT A P     1 
ATOM 2   O OP1   . DT A 1 1  ? -26.86525 -11.58832 12.15629  1.000 627.02935  ? 16 DT A OP1   1 
ATOM 3   O OP2   . DT A 1 1  ? -24.36130 -12.19084 12.43273  1.000 646.35144  ? 16 DT A OP2   1 
ATOM 4   O "O5'" . DT A 1 1  ? -25.11324 -10.40608 10.85717  1.000 633.62251  ? 16 DT A "O5'" 1 
ATOM 5   C "C5'" . DT A 1 1  ? -25.12133 -8.99708  10.86590  1.000 627.96639  ? 16 DT A "C5'" 1 
ATOM 6   C "C4'" . DT A 1 1  ? -24.99178 -8.44217  9.46488   1.000 627.15365  ? 16 DT A "C4'" 1 
ATOM 7   O "O4'" . DT A 1 1  ? -25.24843 -7.01683  9.50167   1.000 620.76321  ? 16 DT A "O4'" 1 
ATOM 8   C "C3'" . DT A 1 1  ? -23.60745 -8.57885  8.85159   1.000 647.92504  ? 16 DT A "C3'" 1 
ATOM 9   O "O3'" . DT A 1 1  ? -23.70011 -8.55674  7.42965   1.000 647.86865  ? 16 DT A "O3'" 1 
ATOM 10  C "C2'" . DT A 1 1  ? -22.91081 -7.33387  9.38195   1.000 665.26165  ? 16 DT A "C2'" 1 
ATOM 11  C "C1'" . DT A 1 1  ? -24.03734 -6.30481  9.31627   1.000 638.41696  ? 16 DT A "C1'" 1 
ATOM 12  N N1    . DT A 1 1  ? -23.94880 -5.25179  10.36653  1.000 648.23172  ? 16 DT A N1    1 
ATOM 13  C C2    . DT A 1 1  ? -23.27395 -4.08207  10.09734  1.000 677.39835  ? 16 DT A C2    1 
ATOM 14  O O2    . DT A 1 1  ? -22.72904 -3.84913  9.03121   1.000 697.34400  ? 16 DT A O2    1 
ATOM 15  N N3    . DT A 1 1  ? -23.25634 -3.18624  11.12728  1.000 679.09177  ? 16 DT A N3    1 
ATOM 16  C C4    . DT A 1 1  ? -23.83419 -3.33496  12.37547  1.000 652.07461  ? 16 DT A C4    1 
ATOM 17  O O4    . DT A 1 1  ? -23.76044 -2.46517  13.23468  1.000 651.35720  ? 16 DT A O4    1 
ATOM 18  C C5    . DT A 1 1  ? -24.52935 -4.58379  12.59211  1.000 622.68800  ? 16 DT A C5    1 
ATOM 19  C C7    . DT A 1 1  ? -25.19696 -4.86327  13.90673  1.000 612.59505  ? 16 DT A C7    1 
ATOM 20  C C6    . DT A 1 1  ? -24.55375 -5.46843  11.58792  1.000 625.12189  ? 16 DT A C6    1 
ATOM 21  P P     . DC A 1 2  ? -22.65192 -9.38247  6.53189   1.000 620.71707  ? 17 DC A P     1 
ATOM 22  O OP1   . DC A 1 2  ? -23.33011 -9.79231  5.28209   1.000 618.31404  ? 17 DC A OP1   1 
ATOM 23  O OP2   . DC A 1 2  ? -22.04018 -10.41141 7.39662   1.000 628.77925  ? 17 DC A OP2   1 
ATOM 24  O "O5'" . DC A 1 2  ? -21.51454 -8.31551  6.18668   1.000 643.81965  ? 17 DC A "O5'" 1 
ATOM 25  C "C5'" . DC A 1 2  ? -21.85015 -7.09569  5.53864   1.000 641.86166  ? 17 DC A "C5'" 1 
ATOM 26  C "C4'" . DC A 1 2  ? -20.63563 -6.19326  5.46421   1.000 678.90221  ? 17 DC A "C4'" 1 
ATOM 27  O "O4'" . DC A 1 2  ? -20.67229 -5.23650  6.55765   1.000 691.34092  ? 17 DC A "O4'" 1 
ATOM 28  C "C3'" . DC A 1 2  ? -19.29733 -6.92856  5.59261   1.000 710.43660  ? 17 DC A "C3'" 1 
ATOM 29  O "O3'" . DC A 1 2  ? -18.36559 -6.42067  4.65497   1.000 724.83900  ? 17 DC A "O3'" 1 
ATOM 30  C "C2'" . DC A 1 2  ? -18.87051 -6.62302  7.02587   1.000 734.54666  ? 17 DC A "C2'" 1 
ATOM 31  C "C1'" . DC A 1 2  ? -19.41331 -5.21618  7.18569   1.000 728.12439  ? 17 DC A "C1'" 1 
ATOM 32  N N1    . DC A 1 2  ? -19.58511 -4.79562  8.59729   1.000 734.65057  ? 17 DC A N1    1 
ATOM 33  C C2    . DC A 1 2  ? -19.40993 -3.45259  8.94125   1.000 747.03261  ? 17 DC A C2    1 
ATOM 34  O O2    . DC A 1 2  ? -19.12433 -2.63568  8.05585   1.000 748.46679  ? 17 DC A O2    1 
ATOM 35  N N3    . DC A 1 2  ? -19.56254 -3.08340  10.23572  1.000 747.04859  ? 17 DC A N3    1 
ATOM 36  C C4    . DC A 1 2  ? -19.87442 -3.99476  11.15734  1.000 727.51473  ? 17 DC A C4    1 
ATOM 37  N N4    . DC A 1 2  ? -20.01219 -3.58246  12.42102  1.000 713.16053  ? 17 DC A N4    1 
ATOM 38  C C5    . DC A 1 2  ? -20.05025 -5.37026  10.82550  1.000 717.95972  ? 17 DC A C5    1 
ATOM 39  C C6    . DC A 1 2  ? -19.89486 -5.72173  9.54639   1.000 723.59951  ? 17 DC A C6    1 
ATOM 40  P P     . DA A 1 3  ? -17.27030 -7.39914  4.00737   1.000 654.73642  ? 18 DA A P     1 
ATOM 41  O OP1   . DA A 1 3  ? -17.92370 -8.14378  2.91024   1.000 630.20692  ? 18 DA A OP1   1 
ATOM 42  O OP2   . DA A 1 3  ? -16.62297 -8.12972  5.11838   1.000 678.09354  ? 18 DA A OP2   1 
ATOM 43  O "O5'" . DA A 1 3  ? -16.20601 -6.40419  3.35608   1.000 667.88263  ? 18 DA A "O5'" 1 
ATOM 44  C "C5'" . DA A 1 3  ? -14.87124 -6.40852  3.81817   1.000 700.47036  ? 18 DA A "C5'" 1 
ATOM 45  C "C4'" . DA A 1 3  ? -14.43668 -5.01975  4.24194   1.000 714.63800  ? 18 DA A "C4'" 1 
ATOM 46  O "O4'" . DA A 1 3  ? -15.26615 -4.55452  5.34902   1.000 710.39646  ? 18 DA A "O4'" 1 
ATOM 47  C "C3'" . DA A 1 3  ? -12.99958 -4.94621  4.74172   1.000 747.24033  ? 18 DA A "C3'" 1 
ATOM 48  O "O3'" . DA A 1 3  ? -12.39563 -3.74081  4.31164   1.000 751.31054  ? 18 DA A "O3'" 1 
ATOM 49  C "C2'" . DA A 1 3  ? -13.17512 -4.98142  6.25298   1.000 759.73936  ? 18 DA A "C2'" 1 
ATOM 50  C "C1'" . DA A 1 3  ? -14.43171 -4.15668  6.41927   1.000 737.43882  ? 18 DA A "C1'" 1 
ATOM 51  N N9    . DA A 1 3  ? -15.13669 -4.38379  7.68679   1.000 736.99793  ? 18 DA A N9    1 
ATOM 52  C C8    . DA A 1 3  ? -15.87852 -5.47932  8.02990   1.000 727.38528  ? 18 DA A C8    1 
ATOM 53  N N7    . DA A 1 3  ? -16.41106 -5.40942  9.22807   1.000 733.03144  ? 18 DA A N7    1 
ATOM 54  C C5    . DA A 1 3  ? -15.99142 -4.18050  9.70930   1.000 744.51844  ? 18 DA A C5    1 
ATOM 55  C C6    . DA A 1 3  ? -16.21744 -3.51036  10.93193  1.000 743.80213  ? 18 DA A C6    1 
ATOM 56  N N6    . DA A 1 3  ? -16.95297 -4.02248  11.92206  1.000 724.22801  ? 18 DA A N6    1 
ATOM 57  N N1    . DA A 1 3  ? -15.65482 -2.29490  11.09684  1.000 746.19062  ? 18 DA A N1    1 
ATOM 58  C C2    . DA A 1 3  ? -14.91142 -1.78900  10.10462  1.000 751.50926  ? 18 DA A C2    1 
ATOM 59  N N3    . DA A 1 3  ? -14.63205 -2.31995  8.90910   1.000 751.51768  ? 18 DA A N3    1 
ATOM 60  C C4    . DA A 1 3  ? -15.20600 -3.52918  8.77577   1.000 744.14179  ? 18 DA A C4    1 
ATOM 61  P P     . DC A 1 4  ? -11.31198 -3.76938  3.12623   1.000 690.02553  ? 19 DC A P     1 
ATOM 62  O OP1   . DC A 1 4  ? -11.96259 -3.22119  1.91760   1.000 663.32869  ? 19 DC A OP1   1 
ATOM 63  O OP2   . DC A 1 4  ? -10.73400 -5.13269  3.08276   1.000 705.62479  ? 19 DC A OP2   1 
ATOM 64  O "O5'" . DC A 1 4  ? -10.17991 -2.74759  3.61099   1.000 705.50845  ? 19 DC A "O5'" 1 
ATOM 65  C "C5'" . DC A 1 4  ? -9.04675  -3.22760  4.32010   1.000 730.46811  ? 19 DC A "C5'" 1 
ATOM 66  C "C4'" . DC A 1 4  ? -8.80492  -2.40614  5.57289   1.000 740.24178  ? 19 DC A "C4'" 1 
ATOM 67  O "O4'" . DC A 1 4  ? -9.87728  -2.63520  6.50963   1.000 738.07347  ? 19 DC A "O4'" 1 
ATOM 68  C "C3'" . DC A 1 4  ? -7.50767  -2.73293  6.31256   1.000 761.37063  ? 19 DC A "C3'" 1 
ATOM 69  O "O3'" . DC A 1 4  ? -6.55642  -1.64696  6.18543   1.000 756.75626  ? 19 DC A "O3'" 1 
ATOM 70  C "C2'" . DC A 1 4  ? -7.92115  -3.00803  7.76944   1.000 771.62865  ? 19 DC A "C2'" 1 
ATOM 71  C "C1'" . DC A 1 4  ? -9.38484  -2.58604  7.82708   1.000 755.34941  ? 19 DC A "C1'" 1 
ATOM 72  N N1    . DC A 1 4  ? -10.24114 -3.48402  8.66929   1.000 758.53165  ? 19 DC A N1    1 
ATOM 73  C C2    . DC A 1 4  ? -10.70169 -3.04429  9.91564   1.000 757.26798  ? 19 DC A C2    1 
ATOM 74  O O2    . DC A 1 4  ? -10.38087 -1.91741  10.30756  1.000 754.02843  ? 19 DC A O2    1 
ATOM 75  N N3    . DC A 1 4  ? -11.48808 -3.86974  10.65571  1.000 755.92089  ? 19 DC A N3    1 
ATOM 76  C C4    . DC A 1 4  ? -11.81435 -5.07488  10.18988  1.000 755.04240  ? 19 DC A C4    1 
ATOM 77  N N4    . DC A 1 4  ? -12.58965 -5.85206  10.95198  1.000 750.82669  ? 19 DC A N4    1 
ATOM 78  C C5    . DC A 1 4  ? -11.35385 -5.53900  8.92525   1.000 754.85507  ? 19 DC A C5    1 
ATOM 79  C C6    . DC A 1 4  ? -10.57878 -4.71801  8.20570   1.000 758.24915  ? 19 DC A C6    1 
ATOM 80  P P     . DA A 1 5  ? -6.76817  -0.22754  6.91849   1.000 694.67194  ? 20 DA A P     1 
ATOM 81  O OP1   . DA A 1 5  ? -8.16946  0.23433   6.81976   1.000 680.52808  ? 20 DA A OP1   1 
ATOM 82  O OP2   . DA A 1 5  ? -5.69139  0.64539   6.41362   1.000 703.00731  ? 20 DA A OP2   1 
ATOM 83  O "O5'" . DA A 1 5  ? -6.43093  -0.52448  8.44787   1.000 713.62371  ? 20 DA A "O5'" 1 
ATOM 84  C "C5'" . DA A 1 5  ? -7.21466  0.06671   9.46623   1.000 712.66231  ? 20 DA A "C5'" 1 
ATOM 85  C "C4'" . DA A 1 5  ? -6.98515  -0.62670  10.79569  1.000 730.40372  ? 20 DA A "C4'" 1 
ATOM 86  O "O4'" . DA A 1 5  ? -7.84361  -1.77903  10.91047  1.000 738.07208  ? 20 DA A "O4'" 1 
ATOM 87  C "C3'" . DA A 1 5  ? -5.56201  -1.14532  11.02778  1.000 742.82124  ? 20 DA A "C3'" 1 
ATOM 88  O "O3'" . DA A 1 5  ? -5.00355  -0.50103  12.15651  1.000 743.33312  ? 20 DA A "O3'" 1 
ATOM 89  C "C2'" . DA A 1 5  ? -5.74512  -2.65395  11.26854  1.000 759.07497  ? 20 DA A "C2'" 1 
ATOM 90  C "C1'" . DA A 1 5  ? -7.18860  -2.71130  11.71949  1.000 756.38929  ? 20 DA A "C1'" 1 
ATOM 91  N N9    . DA A 1 5  ? -7.83127  -4.00951  11.55599  1.000 762.35602  ? 20 DA A N9    1 
ATOM 92  C C8    . DA A 1 5  ? -7.75625  -4.85385  10.48370  1.000 760.90568  ? 20 DA A C8    1 
ATOM 93  N N7    . DA A 1 5  ? -8.46202  -5.95157  10.62742  1.000 764.19420  ? 20 DA A N7    1 
ATOM 94  C C5    . DA A 1 5  ? -9.03696  -5.81295  11.87947  1.000 768.53258  ? 20 DA A C5    1 
ATOM 95  C C6    . DA A 1 5  ? -9.90116  -6.63506  12.63206  1.000 766.41958  ? 20 DA A C6    1 
ATOM 96  N N6    . DA A 1 5  ? -10.35815 -7.82254  12.20812  1.000 768.79480  ? 20 DA A N6    1 
ATOM 97  N N1    . DA A 1 5  ? -10.28088 -6.18804  13.84657  1.000 746.54628  ? 20 DA A N1    1 
ATOM 98  C C2    . DA A 1 5  ? -9.83101  -5.00387  14.26619  1.000 740.98552  ? 20 DA A C2    1 
ATOM 99  N N3    . DA A 1 5  ? -9.01920  -4.15282  13.65787  1.000 751.58303  ? 20 DA A N3    1 
ATOM 100 C C4    . DA A 1 5  ? -8.65701  -4.61989  12.45813  1.000 765.57373  ? 20 DA A C4    1 
ATOM 101 P P     . DC A 1 6  ? -3.77647  0.50736   11.95151  1.000 839.73390  ? 21 DC A P     1 
ATOM 102 O OP1   . DC A 1 6  ? -2.57819  -0.36335  11.93355  1.000 850.68719  ? 21 DC A OP1   1 
ATOM 103 O OP2   . DC A 1 6  ? -3.88010  1.60576   12.93827  1.000 823.46552  ? 21 DC A OP2   1 
ATOM 104 O "O5'" . DC A 1 6  ? -4.04983  1.11430   10.49150  1.000 830.34601  ? 21 DC A "O5'" 1 
ATOM 105 C "C5'" . DC A 1 6  ? -3.23814  2.16514   9.97579   1.000 817.52276  ? 21 DC A "C5'" 1 
ATOM 106 C "C4'" . DC A 1 6  ? -1.81215  1.69131   9.80226   1.000 825.64646  ? 21 DC A "C4'" 1 
ATOM 107 O "O4'" . DC A 1 6  ? -1.31711  2.05008   8.49493   1.000 819.99043  ? 21 DC A "O4'" 1 
ATOM 108 C "C3'" . DC A 1 6  ? -0.80570  2.30671   10.74467  1.000 819.54061  ? 21 DC A "C3'" 1 
ATOM 109 O "O3'" . DC A 1 6  ? -0.88573  1.69775   12.01863  1.000 824.89578  ? 21 DC A "O3'" 1 
ATOM 110 C "C2'" . DC A 1 6  ? 0.48605   1.94546   10.03430  1.000 824.85004  ? 21 DC A "C2'" 1 
ATOM 111 C "C1'" . DC A 1 6  ? 0.09789   2.14985   8.56392   1.000 823.07394  ? 21 DC A "C1'" 1 
ATOM 112 N N1    . DC A 1 6  ? 0.51700   3.47058   8.00977   1.000 800.51164  ? 21 DC A N1    1 
ATOM 113 C C2    . DC A 1 6  ? 1.87723   3.78107   7.91719   1.000 788.00416  ? 21 DC A C2    1 
ATOM 114 O O2    . DC A 1 6  ? 2.70383   2.94886   8.30342   1.000 796.66669  ? 21 DC A O2    1 
ATOM 115 N N3    . DC A 1 6  ? 2.24473   4.98191   7.40777   1.000 766.40259  ? 21 DC A N3    1 
ATOM 116 C C4    . DC A 1 6  ? 1.31701   5.84574   7.00166   1.000 756.56936  ? 21 DC A C4    1 
ATOM 117 N N4    . DC A 1 6  ? 1.72672   7.01898   6.50528   1.000 740.72232  ? 21 DC A N4    1 
ATOM 118 C C5    . DC A 1 6  ? -0.07399  5.54767   7.09380   1.000 768.51853  ? 21 DC A C5    1 
ATOM 119 C C6    . DC A 1 6  ? -0.42434  4.35833   7.59184   1.000 789.76686  ? 21 DC A C6    1 
ATOM 120 P P     . DC A 1 7  ? -0.89864  2.60451   13.34331  1.000 859.69012  ? 22 DC A P     1 
ATOM 121 O OP1   . DC A 1 7  ? -1.57434  1.84025   14.41347  1.000 863.35917  ? 22 DC A OP1   1 
ATOM 122 O OP2   . DC A 1 7  ? -1.37252  3.95338   12.96007  1.000 840.88462  ? 22 DC A OP2   1 
ATOM 123 O "O5'" . DC A 1 7  ? 0.63985   2.72004   13.74096  1.000 850.23198  ? 22 DC A "O5'" 1 
ATOM 124 C "C5'" . DC A 1 7  ? 1.33644   1.57195   14.19396  1.000 860.71513  ? 22 DC A "C5'" 1 
ATOM 125 C "C4'" . DC A 1 7  ? 2.82261   1.72704   13.95863  1.000 849.45138  ? 22 DC A "C4'" 1 
ATOM 126 O "O4'" . DC A 1 7  ? 3.05006   2.00492   12.55443  1.000 852.76464  ? 22 DC A "O4'" 1 
ATOM 127 C "C3'" . DC A 1 7  ? 3.46476   2.88657   14.70175  1.000 821.03431  ? 22 DC A "C3'" 1 
ATOM 128 O "O3'" . DC A 1 7  ? 3.90251   2.46548   15.99340  1.000 812.17263  ? 22 DC A "O3'" 1 
ATOM 129 C "C2'" . DC A 1 7  ? 4.64147   3.22553   13.79997  1.000 814.75766  ? 22 DC A "C2'" 1 
ATOM 130 C "C1'" . DC A 1 7  ? 4.05553   2.99198   12.41504  1.000 831.29126  ? 22 DC A "C1'" 1 
ATOM 131 N N1    . DC A 1 7  ? 3.45261   4.21614   11.78381  1.000 819.06734  ? 22 DC A N1    1 
ATOM 132 C C2    . DC A 1 7  ? 4.28400   5.24255   11.32044  1.000 799.45155  ? 22 DC A C2    1 
ATOM 133 O O2    . DC A 1 7  ? 5.50642   5.12913   11.45986  1.000 793.23311  ? 22 DC A O2    1 
ATOM 134 N N3    . DC A 1 7  ? 3.72150   6.33513   10.74118  1.000 787.37303  ? 22 DC A N3    1 
ATOM 135 C C4    . DC A 1 7  ? 2.39617   6.41403   10.61388  1.000 794.35647  ? 22 DC A C4    1 
ATOM 136 N N4    . DC A 1 7  ? 1.88288   7.50474   10.03778  1.000 780.73981  ? 22 DC A N4    1 
ATOM 137 C C5    . DC A 1 7  ? 1.53675   5.37649   11.07360  1.000 815.30448  ? 22 DC A C5    1 
ATOM 138 C C6    . DC A 1 7  ? 2.10227   4.31064   11.64570  1.000 826.86859  ? 22 DC A C6    1 
ATOM 139 P P     . DA A 1 8  ? 3.18542   3.03089   17.31733  1.000 793.21747  ? 23 DA A P     1 
ATOM 140 O OP1   . DA A 1 8  ? 3.99563   2.62081   18.48907  1.000 778.77130  ? 23 DA A OP1   1 
ATOM 141 O OP2   . DA A 1 8  ? 1.75795   2.64405   17.24152  1.000 807.34288  ? 23 DA A OP2   1 
ATOM 142 O "O5'" . DA A 1 8  ? 3.26465   4.62163   17.15151  1.000 771.95126  ? 23 DA A "O5'" 1 
ATOM 143 C "C5'" . DA A 1 8  ? 4.20182   5.38642   17.91548  1.000 753.40197  ? 23 DA A "C5'" 1 
ATOM 144 C "C4'" . DA A 1 8  ? 5.63376   5.10662   17.47993  1.000 759.34131  ? 23 DA A "C4'" 1 
ATOM 145 O "O4'" . DA A 1 8  ? 5.69245   4.85249   16.06176  1.000 769.13875  ? 23 DA A "O4'" 1 
ATOM 146 C "C3'" . DA A 1 8  ? 6.62408   6.22635   17.76305  1.000 752.09782  ? 23 DA A "C3'" 1 
ATOM 147 O "O3'" . DA A 1 8  ? 7.74013   5.69559   18.48581  1.000 754.38471  ? 23 DA A "O3'" 1 
ATOM 148 C "C2'" . DA A 1 8  ? 7.02859   6.77626   16.37885  1.000 756.89195  ? 23 DA A "C2'" 1 
ATOM 149 C "C1'" . DA A 1 8  ? 6.18135   5.98229   15.38202  1.000 766.33585  ? 23 DA A "C1'" 1 
ATOM 150 N N9    . DA A 1 8  ? 5.03790   6.71796   14.82542  1.000 762.82265  ? 23 DA A N9    1 
ATOM 151 C C8    . DA A 1 8  ? 3.72752   6.32169   14.83400  1.000 764.83140  ? 23 DA A C8    1 
ATOM 152 N N7    . DA A 1 8  ? 2.90855   7.16633   14.26562  1.000 761.19224  ? 23 DA A N7    1 
ATOM 153 C C5    . DA A 1 8  ? 3.73152   8.18852   13.83884  1.000 755.94544  ? 23 DA A C5    1 
ATOM 154 C C6    . DA A 1 8  ? 3.46190   9.38490   13.15836  1.000 750.35515  ? 23 DA A C6    1 
ATOM 155 N N6    . DA A 1 8  ? 2.23196   9.74938   12.78337  1.000 747.75439  ? 23 DA A N6    1 
ATOM 156 N N1    . DA A 1 8  ? 4.50125   10.19326  12.87859  1.000 747.39408  ? 23 DA A N1    1 
ATOM 157 C C2    . DA A 1 8  ? 5.73343   9.81959   13.25535  1.000 750.13333  ? 23 DA A C2    1 
ATOM 158 N N3    . DA A 1 8  ? 6.11244   8.71512   13.90503  1.000 755.28590  ? 23 DA A N3    1 
ATOM 159 C C4    . DA A 1 8  ? 5.05171   7.93251   14.16946  1.000 757.87874  ? 23 DA A C4    1 
ATOM 160 P P     . DG A 1 9  ? 8.90627   6.64019   19.07412  1.000 734.82423  ? 24 DG A P     1 
ATOM 161 O OP1   . DG A 1 9  ? 9.67013   7.17409   17.92489  1.000 737.48366  ? 24 DG A OP1   1 
ATOM 162 O OP2   . DG A 1 9  ? 9.63978   5.79590   20.04429  1.000 736.92725  ? 24 DG A OP2   1 
ATOM 163 O "O5'" . DG A 1 9  ? 8.16176   7.75779   19.98110  1.000 726.43557  ? 24 DG A "O5'" 1 
ATOM 164 C "C5'" . DG A 1 9  ? 7.57272   8.96191   19.42173  1.000 722.12734  ? 24 DG A "C5'" 1 
ATOM 165 C "C4'" . DG A 1 9  ? 8.58824   9.78722   18.65350  1.000 723.02778  ? 24 DG A "C4'" 1 
ATOM 166 O "O4'" . DG A 1 9  ? 8.36748   9.59378   17.23525  1.000 727.08604  ? 24 DG A "O4'" 1 
ATOM 167 C "C3'" . DG A 1 9  ? 8.52873   11.29185  18.90883  1.000 716.53235  ? 24 DG A "C3'" 1 
ATOM 168 O "O3'" . DG A 1 9  ? 9.65336   11.69256  19.70043  1.000 715.29994  ? 24 DG A "O3'" 1 
ATOM 169 C "C2'" . DG A 1 9  ? 8.57063   11.91812  17.51068  1.000 717.91288  ? 24 DG A "C2'" 1 
ATOM 170 C "C1'" . DG A 1 9  ? 8.01677   10.81358  16.62741  1.000 723.22600  ? 24 DG A "C1'" 1 
ATOM 171 N N9    . DG A 1 9  ? 6.56362   10.85264  16.43481  1.000 720.64671  ? 24 DG A N9    1 
ATOM 172 C C8    . DG A 1 9  ? 5.65904   9.87341   16.76771  1.000 721.87052  ? 24 DG A C8    1 
ATOM 173 N N7    . DG A 1 9  ? 4.42849   10.17297  16.45607  1.000 719.20616  ? 24 DG A N7    1 
ATOM 174 C C5    . DG A 1 9  ? 4.51987   11.42922  15.87090  1.000 715.93236  ? 24 DG A C5    1 
ATOM 175 C C6    . DG A 1 9  ? 3.50731   12.25947  15.33307  1.000 712.19830  ? 24 DG A C6    1 
ATOM 176 O O6    . DG A 1 9  ? 2.29105   12.03838  15.27160  1.000 711.04963  ? 24 DG A O6    1 
ATOM 177 N N1    . DG A 1 9  ? 4.02831   13.45265  14.83791  1.000 709.82936  ? 24 DG A N1    1 
ATOM 178 C C2    . DG A 1 9  ? 5.36255   13.79539  14.85749  1.000 711.06644  ? 24 DG A C2    1 
ATOM 179 N N2    . DG A 1 9  ? 5.68782   14.98447  14.33612  1.000 708.64875  ? 24 DG A N2    1 
ATOM 180 N N3    . DG A 1 9  ? 6.31773   13.02427  15.35767  1.000 714.59879  ? 24 DG A N3    1 
ATOM 181 C C4    . DG A 1 9  ? 5.82738   11.86172  15.84563  1.000 716.81266  ? 24 DG A C4    1 
ATOM 182 O "O5'" . DT B 2 1  ? -5.73390  -16.12360 17.41977  1.000 762.93979  ? 2  DT B "O5'" 1 
ATOM 183 C "C5'" . DT B 2 1  ? -6.08585  -15.88147 18.77815  1.000 779.12240  ? 2  DT B "C5'" 1 
ATOM 184 C "C4'" . DT B 2 1  ? -7.15587  -14.80374 18.88976  1.000 785.92157  ? 2  DT B "C4'" 1 
ATOM 185 O "O4'" . DT B 2 1  ? -6.67310  -13.55319 18.32144  1.000 800.69632  ? 2  DT B "O4'" 1 
ATOM 186 C "C3'" . DT B 2 1  ? -8.46871  -15.10011 18.16360  1.000 760.57466  ? 2  DT B "C3'" 1 
ATOM 187 O "O3'" . DT B 2 1  ? -9.54020  -14.54512 18.90433  1.000 767.78190  ? 2  DT B "O3'" 1 
ATOM 188 C "C2'" . DT B 2 1  ? -8.27956  -14.34621 16.85345  1.000 755.13262  ? 2  DT B "C2'" 1 
ATOM 189 C "C1'" . DT B 2 1  ? -7.62098  -13.08811 17.38594  1.000 786.25406  ? 2  DT B "C1'" 1 
ATOM 190 N N1    . DT B 2 1  ? -6.91816  -12.26543 16.36156  1.000 791.02024  ? 2  DT B N1    1 
ATOM 191 C C2    . DT B 2 1  ? -6.33157  -11.09088 16.75240  1.000 818.82764  ? 2  DT B C2    1 
ATOM 192 O O2    . DT B 2 1  ? -6.35554  -10.68884 17.90101  1.000 839.63840  ? 2  DT B O2    1 
ATOM 193 N N3    . DT B 2 1  ? -5.70751  -10.39809 15.75177  1.000 821.52359  ? 2  DT B N3    1 
ATOM 194 C C4    . DT B 2 1  ? -5.61614  -10.75349 14.42356  1.000 799.05729  ? 2  DT B C4    1 
ATOM 195 O O4    . DT B 2 1  ? -5.03111  -10.05922 13.59893  1.000 803.38275  ? 2  DT B O4    1 
ATOM 196 C C5    . DT B 2 1  ? -6.25677  -11.99803 14.07358  1.000 770.18585  ? 2  DT B C5    1 
ATOM 197 C C7    . DT B 2 1  ? -6.22497  -12.48852 12.65907  1.000 743.90415  ? 2  DT B C7    1 
ATOM 198 C C6    . DT B 2 1  ? -6.87346  -12.68661 15.04918  1.000 767.87430  ? 2  DT B C6    1 
ATOM 199 P P     . DC B 2 2  ? -10.40999 -15.45188 19.90458  1.000 729.62527  ? 3  DC B P     1 
ATOM 200 O OP1   . DC B 2 2  ? -9.58814  -16.60238 20.35557  1.000 724.77185  ? 3  DC B OP1   1 
ATOM 201 O OP2   . DC B 2 2  ? -11.70530 -15.68688 19.22039  1.000 713.84905  ? 3  DC B OP2   1 
ATOM 202 O "O5'" . DC B 2 2  ? -10.70085 -14.47770 21.14333  1.000 751.25004  ? 3  DC B "O5'" 1 
ATOM 203 C "C5'" . DC B 2 2  ? -11.79697 -13.57888 21.07913  1.000 755.68159  ? 3  DC B "C5'" 1 
ATOM 204 C "C4'" . DC B 2 2  ? -11.39106 -12.17810 21.49986  1.000 778.02365  ? 3  DC B "C4'" 1 
ATOM 205 O "O4'" . DC B 2 2  ? -10.42479 -11.64393 20.55759  1.000 779.58930  ? 3  DC B "O4'" 1 
ATOM 206 C "C3'" . DC B 2 2  ? -12.52897 -11.17332 21.51422  1.000 784.09898  ? 3  DC B "C3'" 1 
ATOM 207 O "O3'" . DC B 2 2  ? -12.26635 -10.14856 22.46062  1.000 807.23163  ? 3  DC B "O3'" 1 
ATOM 208 C "C2'" . DC B 2 2  ? -12.50928 -10.64138 20.08640  1.000 775.22500  ? 3  DC B "C2'" 1 
ATOM 209 C "C1'" . DC B 2 2  ? -11.01505 -10.60295 19.79179  1.000 780.81569  ? 3  DC B "C1'" 1 
ATOM 210 N N1    . DC B 2 2  ? -10.68142 -10.84061 18.36064  1.000 764.76368  ? 3  DC B N1    1 
ATOM 211 C C2    . DC B 2 2  ? -9.84453  -9.94707  17.68156  1.000 772.42699  ? 3  DC B C2    1 
ATOM 212 O O2    . DC B 2 2  ? -9.39979  -8.95968  18.28236  1.000 792.81006  ? 3  DC B O2    1 
ATOM 213 N N3    . DC B 2 2  ? -9.54330  -10.19183 16.38146  1.000 757.28178  ? 3  DC B N3    1 
ATOM 214 C C4    . DC B 2 2  ? -10.04329 -11.26644 15.77208  1.000 735.64067  ? 3  DC B C4    1 
ATOM 215 N N4    . DC B 2 2  ? -9.71920  -11.46488 14.49185  1.000 721.29717  ? 3  DC B N4    1 
ATOM 216 C C5    . DC B 2 2  ? -10.89899 -12.18449 16.44798  1.000 727.82493  ? 3  DC B C5    1 
ATOM 217 C C6    . DC B 2 2  ? -11.18417 -11.93699 17.72863  1.000 742.76929  ? 3  DC B C6    1 
ATOM 218 P P     . DT B 2 3  ? -13.49105 -9.38019  23.15785  1.000 866.11812  ? 4  DT B P     1 
ATOM 219 O OP1   . DT B 2 3  ? -12.92479 -8.23539  23.90668  1.000 901.80468  ? 4  DT B OP1   1 
ATOM 220 O OP2   . DT B 2 3  ? -14.29660 -10.38465 23.88915  1.000 850.31103  ? 4  DT B OP2   1 
ATOM 221 O "O5'" . DT B 2 3  ? -14.37056 -8.88594  21.91315  1.000 843.59646  ? 4  DT B "O5'" 1 
ATOM 222 C "C5'" . DT B 2 3  ? -14.76566 -7.53142  21.80410  1.000 867.04761  ? 4  DT B "C5'" 1 
ATOM 223 C "C4'" . DT B 2 3  ? -13.61364 -6.66605  21.32871  1.000 891.58913  ? 4  DT B "C4'" 1 
ATOM 224 O "O4'" . DT B 2 3  ? -12.88224 -7.35926  20.26923  1.000 868.03914  ? 4  DT B "O4'" 1 
ATOM 225 C "C3'" . DT B 2 3  ? -14.03627 -5.32858  20.71761  1.000 909.06179  ? 4  DT B "C3'" 1 
ATOM 226 O "O3'" . DT B 2 3  ? -13.04449 -4.32984  20.97329  1.000 942.16002  ? 4  DT B "O3'" 1 
ATOM 227 C "C2'" . DT B 2 3  ? -14.07371 -5.67698  19.24100  1.000 881.56965  ? 4  DT B "C2'" 1 
ATOM 228 C "C1'" . DT B 2 3  ? -12.79560 -6.48477  19.17031  1.000 875.38844  ? 4  DT B "C1'" 1 
ATOM 229 N N1    . DT B 2 3  ? -12.61384 -7.23559  17.89389  1.000 841.15775  ? 4  DT B N1    1 
ATOM 230 C C2    . DT B 2 3  ? -11.75503 -6.72353  16.95456  1.000 849.70181  ? 4  DT B C2    1 
ATOM 231 O O2    . DT B 2 3  ? -11.12752 -5.69448  17.12045  1.000 883.18336  ? 4  DT B O2    1 
ATOM 232 N N3    . DT B 2 3  ? -11.64735 -7.45536  15.80937  1.000 817.52093  ? 4  DT B N3    1 
ATOM 233 C C4    . DT B 2 3  ? -12.30029 -8.62715  15.50510  1.000 789.22262  ? 4  DT B C4    1 
ATOM 234 O O4    . DT B 2 3  ? -12.12768 -9.20682  14.43562  1.000 768.71780  ? 4  DT B O4    1 
ATOM 235 C C5    . DT B 2 3  ? -13.20030 -9.11594  16.53290  1.000 785.77605  ? 4  DT B C5    1 
ATOM 236 C C7    . DT B 2 3  ? -13.97236 -10.38414 16.32436  1.000 756.61827  ? 4  DT B C7    1 
ATOM 237 C C6    . DT B 2 3  ? -13.31402 -8.39921  17.66510  1.000 809.65558  ? 4  DT B C6    1 
ATOM 238 P P     . DG B 2 4  ? -12.95194 -3.05388  20.00010  1.000 823.02976  ? 5  DG B P     1 
ATOM 239 O OP1   . DG B 2 4  ? -14.32437 -2.50792  19.94218  1.000 817.26063  ? 5  DG B OP1   1 
ATOM 240 O OP2   . DG B 2 4  ? -12.19879 -3.41469  18.77582  1.000 809.48352  ? 5  DG B OP2   1 
ATOM 241 O "O5'" . DG B 2 4  ? -12.00882 -2.00689  20.75088  1.000 847.03953  ? 5  DG B "O5'" 1 
ATOM 242 C "C5'" . DG B 2 4  ? -12.45530 -0.66913  20.95678  1.000 850.48120  ? 5  DG B "C5'" 1 
ATOM 243 C "C4'" . DG B 2 4  ? -12.48261 0.15337   19.66474  1.000 848.21877  ? 5  DG B "C4'" 1 
ATOM 244 O "O4'" . DG B 2 4  ? -12.33247 -0.68896  18.48350  1.000 831.56209  ? 5  DG B "O4'" 1 
ATOM 245 C "C3'" . DG B 2 4  ? -13.76735 0.95608   19.44766  1.000 846.28015  ? 5  DG B "C3'" 1 
ATOM 246 O "O3'" . DG B 2 4  ? -13.44575 2.25338   18.98497  1.000 852.87814  ? 5  DG B "O3'" 1 
ATOM 247 C "C2'" . DG B 2 4  ? -14.50116 0.15008   18.37709  1.000 819.15556  ? 5  DG B "C2'" 1 
ATOM 248 C "C1'" . DG B 2 4  ? -13.33275 -0.34950  17.54290  1.000 813.65341  ? 5  DG B "C1'" 1 
ATOM 249 N N9    . DG B 2 4  ? -13.63410 -1.53014  16.72000  1.000 789.78280  ? 5  DG B N9    1 
ATOM 250 C C8    . DG B 2 4  ? -14.45669 -2.58263  17.04473  1.000 777.71396  ? 5  DG B C8    1 
ATOM 251 N N7    . DG B 2 4  ? -14.52483 -3.49992  16.11964  1.000 756.47775  ? 5  DG B N7    1 
ATOM 252 C C5    . DG B 2 4  ? -13.70223 -3.02618  15.10995  1.000 754.31814  ? 5  DG B C5    1 
ATOM 253 C C6    . DG B 2 4  ? -13.38566 -3.59249  13.85218  1.000 735.16838  ? 5  DG B C6    1 
ATOM 254 O O6    . DG B 2 4  ? -13.78364 -4.65995  13.36819  1.000 715.69691  ? 5  DG B O6    1 
ATOM 255 N N1    . DG B 2 4  ? -12.51329 -2.78838  13.13128  1.000 740.26371  ? 5  DG B N1    1 
ATOM 256 C C2    . DG B 2 4  ? -12.00622 -1.58643  13.56741  1.000 761.09298  ? 5  DG B C2    1 
ATOM 257 N N2    . DG B 2 4  ? -11.17650 -0.94842  12.73322  1.000 762.68696  ? 5  DG B N2    1 
ATOM 258 N N3    . DG B 2 4  ? -12.29371 -1.04212  14.74275  1.000 779.08310  ? 5  DG B N3    1 
ATOM 259 C C4    . DG B 2 4  ? -13.14373 -1.81271  15.45999  1.000 774.61702  ? 5  DG B C4    1 
ATOM 260 P P     . DT B 2 5  ? -13.63634 3.52637   19.94494  1.000 928.05690  ? 6  DT B P     1 
ATOM 261 O OP1   . DT B 2 5  ? -12.28620 3.97030   20.36178  1.000 947.30859  ? 6  DT B OP1   1 
ATOM 262 O OP2   . DT B 2 5  ? -14.64639 3.17030   20.96828  1.000 919.53487  ? 6  DT B OP2   1 
ATOM 263 O "O5'" . DT B 2 5  ? -14.26349 4.64061   18.98177  1.000 935.11232  ? 6  DT B "O5'" 1 
ATOM 264 C "C5'" . DT B 2 5  ? -15.26097 4.28154   18.03095  1.000 901.54320  ? 6  DT B "C5'" 1 
ATOM 265 C "C4'" . DT B 2 5  ? -14.65229 4.08325   16.65317  1.000 877.72378  ? 6  DT B "C4'" 1 
ATOM 266 O "O4'" . DT B 2 5  ? -14.67109 2.67523   16.31660  1.000 859.97594  ? 6  DT B "O4'" 1 
ATOM 267 C "C3'" . DT B 2 5  ? -15.38365 4.80990   15.52287  1.000 851.01621  ? 6  DT B "C3'" 1 
ATOM 268 O "O3'" . DT B 2 5  ? -14.51093 5.73048   14.88067  1.000 863.24762  ? 6  DT B "O3'" 1 
ATOM 269 C "C2'" . DT B 2 5  ? -15.83647 3.69770   14.56895  1.000 814.96934  ? 6  DT B "C2'" 1 
ATOM 270 C "C1'" . DT B 2 5  ? -14.94522 2.52311   14.94725  1.000 826.73365  ? 6  DT B "C1'" 1 
ATOM 271 N N1    . DT B 2 5  ? -15.61046 1.19194   14.74066  1.000 800.09525  ? 6  DT B N1    1 
ATOM 272 C C2    . DT B 2 5  ? -15.39669 0.49411   13.56749  1.000 771.90428  ? 6  DT B C2    1 
ATOM 273 O O2    . DT B 2 5  ? -14.67768 0.89813   12.67030  1.000 768.48542  ? 6  DT B O2    1 
ATOM 274 N N3    . DT B 2 5  ? -16.06421 -0.70400  13.48343  1.000 744.92424  ? 6  DT B N3    1 
ATOM 275 C C4    . DT B 2 5  ? -16.90300 -1.25959  14.43272  1.000 743.72143  ? 6  DT B C4    1 
ATOM 276 O O4    . DT B 2 5  ? -17.45662 -2.34126  14.26906  1.000 727.94610  ? 6  DT B O4    1 
ATOM 277 C C5    . DT B 2 5  ? -17.08389 -0.47634  15.63270  1.000 774.72895  ? 6  DT B C5    1 
ATOM 278 C C7    . DT B 2 5  ? -17.97164 -0.97848  16.73250  1.000 774.40597  ? 6  DT B C7    1 
ATOM 279 C C6    . DT B 2 5  ? -16.44202 0.69841   15.72353  1.000 801.29414  ? 6  DT B C6    1 
ATOM 280 P P     . DG B 2 6  ? -15.09823 6.77738   13.81295  1.000 966.08954  ? 7  DG B P     1 
ATOM 281 O OP1   . DG B 2 6  ? -14.26882 8.00092   13.86172  1.000 999.93620  ? 7  DG B OP1   1 
ATOM 282 O OP2   . DG B 2 6  ? -16.55695 6.87088   14.04398  1.000 947.19425  ? 7  DG B OP2   1 
ATOM 283 O "O5'" . DG B 2 6  ? -14.87632 6.06017   12.40111  1.000 926.20388  ? 7  DG B "O5'" 1 
ATOM 284 C "C5'" . DG B 2 6  ? -15.48496 6.59996   11.23848  1.000 900.09287  ? 7  DG B "C5'" 1 
ATOM 285 C "C4'" . DG B 2 6  ? -14.95843 5.93091   9.98009   1.000 870.18548  ? 7  DG B "C4'" 1 
ATOM 286 O "O4'" . DG B 2 6  ? -14.43569 4.61660   10.30454  1.000 869.89137  ? 7  DG B "O4'" 1 
ATOM 287 C "C3'" . DG B 2 6  ? -16.00357 5.71656   8.89067   1.000 834.36068  ? 7  DG B "C3'" 1 
ATOM 288 O "O3'" . DG B 2 6  ? -15.96648 6.79737   7.96523   1.000 828.78867  ? 7  DG B "O3'" 1 
ATOM 289 C "C2'" . DG B 2 6  ? -15.56653 4.40689   8.24007   1.000 817.68447  ? 7  DG B "C2'" 1 
ATOM 290 C "C1'" . DG B 2 6  ? -14.96480 3.64849   9.41855   1.000 838.33745  ? 7  DG B "C1'" 1 
ATOM 291 N N9    . DG B 2 6  ? -15.92160 2.83048   10.16006  1.000 797.84496  ? 7  DG B N9    1 
ATOM 292 C C8    . DG B 2 6  ? -16.40860 3.07920   11.41857  1.000 814.44826  ? 7  DG B C8    1 
ATOM 293 N N7    . DG B 2 6  ? -17.24113 2.17307   11.84559  1.000 800.38548  ? 7  DG B N7    1 
ATOM 294 C C5    . DG B 2 6  ? -17.30750 1.25591   10.80487  1.000 772.52446  ? 7  DG B C5    1 
ATOM 295 C C6    . DG B 2 6  ? -18.04876 0.05653   10.69557  1.000 747.44569  ? 7  DG B C6    1 
ATOM 296 O O6    . DG B 2 6  ? -18.82441 -0.44281  11.52123  1.000 744.82019  ? 7  DG B O6    1 
ATOM 297 N N1    . DG B 2 6  ? -17.83642 -0.57165  9.47086   1.000 723.39879  ? 7  DG B N1    1 
ATOM 298 C C2    . DG B 2 6  ? -17.00654 -0.10176  8.47857   1.000 723.71861  ? 7  DG B C2    1 
ATOM 299 N N2    . DG B 2 6  ? -16.92078 -0.85075  7.37077   1.000 698.51418  ? 7  DG B N2    1 
ATOM 300 N N3    . DG B 2 6  ? -16.29687 1.01588   8.57182   1.000 747.18443  ? 7  DG B N3    1 
ATOM 301 C C4    . DG B 2 6  ? -16.49515 1.64133   9.75940   1.000 770.72687  ? 7  DG B C4    1 
ATOM 302 P P     . DA B 2 7  ? -17.33140 7.48232   7.46261   1.000 775.36794  ? 8  DA B P     1 
ATOM 303 O OP1   . DA B 2 7  ? -17.59977 6.99387   6.08594   1.000 743.49354  ? 8  DA B OP1   1 
ATOM 304 O OP2   . DA B 2 7  ? -17.18192 8.93815   7.67397   1.000 792.53661  ? 8  DA B OP2   1 
ATOM 305 O "O5'" . DA B 2 7  ? -18.42536 6.97904   8.52682   1.000 775.12517  ? 8  DA B "O5'" 1 
ATOM 306 C "C5'" . DA B 2 7  ? -19.64310 6.38501   8.09072   1.000 746.21971  ? 8  DA B "C5'" 1 
ATOM 307 C "C4'" . DA B 2 7  ? -19.37911 5.03589   7.45595   1.000 726.55379  ? 8  DA B "C4'" 1 
ATOM 308 O "O4'" . DA B 2 7  ? -18.72432 4.16329   8.40743   1.000 741.89643  ? 8  DA B "O4'" 1 
ATOM 309 C "C3'" . DA B 2 7  ? -20.60610 4.26649   7.02503   1.000 698.45863  ? 8  DA B "C3'" 1 
ATOM 310 O "O3'" . DA B 2 7  ? -21.05444 4.72921   5.76060   1.000 680.70030  ? 8  DA B "O3'" 1 
ATOM 311 C "C2'" . DA B 2 7  ? -20.02676 2.86541   6.94386   1.000 692.68004  ? 8  DA B "C2'" 1 
ATOM 312 C "C1'" . DA B 2 7  ? -19.19343 2.84062   8.21867   1.000 719.37427  ? 8  DA B "C1'" 1 
ATOM 313 N N9    . DA B 2 7  ? -19.95054 2.45060   9.40548   1.000 724.53235  ? 8  DA B N9    1 
ATOM 314 C C8    . DA B 2 7  ? -20.12544 3.18185   10.54743  1.000 748.63165  ? 8  DA B C8    1 
ATOM 315 N N7    . DA B 2 7  ? -20.85344 2.57819   11.45701  1.000 747.25413  ? 8  DA B N7    1 
ATOM 316 C C5    . DA B 2 7  ? -21.18036 1.36780   10.87124  1.000 725.78736  ? 8  DA B C5    1 
ATOM 317 C C6    . DA B 2 7  ? -21.93751 0.26907   11.32098  1.000 717.69475  ? 8  DA B C6    1 
ATOM 318 N N6    . DA B 2 7  ? -22.52740 0.21958   12.52164  1.000 728.86341  ? 8  DA B N6    1 
ATOM 319 N N1    . DA B 2 7  ? -22.06666 -0.78129  10.48680  1.000 697.46871  ? 8  DA B N1    1 
ATOM 320 C C2    . DA B 2 7  ? -21.47797 -0.73174  9.28725   1.000 686.37232  ? 8  DA B C2    1 
ATOM 321 N N3    . DA B 2 7  ? -20.74288 0.24006   8.75578   1.000 692.45983  ? 8  DA B N3    1 
ATOM 322 C C4    . DA B 2 7  ? -20.63465 1.27355   9.60466   1.000 712.41103  ? 8  DA B C4    1 
ATOM 323 P P     . DC C 3 1  ? -1.84907  21.90660  10.92568  1.000 648.26650  ? 9  DC C P     1 
ATOM 324 O OP1   . DC C 3 1  ? -2.45017  22.23571  9.61431   1.000 630.64695  ? 9  DC C OP1   1 
ATOM 325 O OP2   . DC C 3 1  ? -1.12397  22.94066  11.69567  1.000 657.06718  ? 9  DC C OP2   1 
ATOM 326 O "O5'" . DC C 3 1  ? -0.86112  20.66313  10.74958  1.000 660.58762  ? 9  DC C "O5'" 1 
ATOM 327 C "C5'" . DC C 3 1  ? 0.27788   20.76962  9.90932   1.000 665.66411  ? 9  DC C "C5'" 1 
ATOM 328 C "C4'" . DC C 3 1  ? 1.52254   20.29320  10.63614  1.000 685.54560  ? 9  DC C "C4'" 1 
ATOM 329 O "O4'" . DC C 3 1  ? 1.15025   19.38727  11.68547  1.000 695.12406  ? 9  DC C "O4'" 1 
ATOM 330 C "C3'" . DC C 3 1  ? 2.50979   19.51399  9.78047   1.000 694.81452  ? 9  DC C "C3'" 1 
ATOM 331 O "O3'" . DC C 3 1  ? 3.45120   20.42052  9.19825   1.000 684.00252  ? 9  DC C "O3'" 1 
ATOM 332 C "C2'" . DC C 3 1  ? 3.17317   18.54252  10.77601  1.000 711.36019  ? 9  DC C "C2'" 1 
ATOM 333 C "C1'" . DC C 3 1  ? 2.26714   18.59447  12.01256  1.000 712.16119  ? 9  DC C "C1'" 1 
ATOM 334 N N1    . DC C 3 1  ? 1.77920   17.26272  12.47898  1.000 713.41344  ? 9  DC C N1    1 
ATOM 335 C C2    . DC C 3 1  ? 2.66976   16.35445  13.05993  1.000 724.58988  ? 9  DC C C2    1 
ATOM 336 O O2    . DC C 3 1  ? 3.86473   16.66328  13.16107  1.000 733.76199  ? 9  DC C O2    1 
ATOM 337 N N3    . DC C 3 1  ? 2.19223   15.15772  13.48777  1.000 718.79284  ? 9  DC C N3    1 
ATOM 338 C C4    . DC C 3 1  ? 0.89423   14.86990  13.35872  1.000 701.35565  ? 9  DC C C4    1 
ATOM 339 N N4    . DC C 3 1  ? 0.46400   13.68319  13.79225  1.000 690.87648  ? 9  DC C N4    1 
ATOM 340 C C5    . DC C 3 1  ? -0.02096  15.78638  12.77626  1.000 690.26440  ? 9  DC C C5    1 
ATOM 341 C C6    . DC C 3 1  ? 0.46149   16.95430  12.35445  1.000 696.58917  ? 9  DC C C6    1 
ATOM 342 P P     . DT C 3 2  ? 4.86861   19.91062  8.63150   1.000 706.80640  ? 10 DT C P     1 
ATOM 343 O OP1   . DT C 3 2  ? 5.82477   19.93900  9.76290   1.000 712.30162  ? 10 DT C OP1   1 
ATOM 344 O OP2   . DT C 3 2  ? 5.16396   20.71971  7.42845   1.000 686.99817  ? 10 DT C OP2   1 
ATOM 345 O "O5'" . DT C 3 2  ? 4.58886   18.40917  8.13769   1.000 721.13571  ? 10 DT C "O5'" 1 
ATOM 346 C "C5'" . DT C 3 2  ? 5.65130   17.60624  7.62942   1.000 726.58966  ? 10 DT C "C5'" 1 
ATOM 347 C "C4'" . DT C 3 2  ? 6.59285   17.18664  8.74295   1.000 735.36753  ? 10 DT C "C4'" 1 
ATOM 348 O "O4'" . DT C 3 2  ? 5.83044   16.58630  9.82383   1.000 752.98888  ? 10 DT C "O4'" 1 
ATOM 349 C "C3'" . DT C 3 2  ? 7.65218   16.16672  8.34392   1.000 740.14257  ? 10 DT C "C3'" 1 
ATOM 350 O "O3'" . DT C 3 2  ? 8.88060   16.46859  8.98891   1.000 725.92187  ? 10 DT C "O3'" 1 
ATOM 351 C "C2'" . DT C 3 2  ? 7.06419   14.84678  8.83195   1.000 765.30562  ? 10 DT C "C2'" 1 
ATOM 352 C "C1'" . DT C 3 2  ? 6.28952   15.27500  10.07083  1.000 769.67185  ? 10 DT C "C1'" 1 
ATOM 353 N N1    . DT C 3 2  ? 5.10728   14.40169  10.36311  1.000 774.88916  ? 10 DT C N1    1 
ATOM 354 C C2    . DT C 3 2  ? 5.29934   13.21314  11.02574  1.000 780.33202  ? 10 DT C C2    1 
ATOM 355 O O2    . DT C 3 2  ? 6.39290   12.82411  11.39206  1.000 784.65300  ? 10 DT C O2    1 
ATOM 356 N N3    . DT C 3 2  ? 4.15944   12.48843  11.24739  1.000 770.34512  ? 10 DT C N3    1 
ATOM 357 C C4    . DT C 3 2  ? 2.86959   12.82762  10.87887  1.000 758.46462  ? 10 DT C C4    1 
ATOM 358 O O4    . DT C 3 2  ? 1.90761   12.11022  11.12267  1.000 746.62368  ? 10 DT C O4    1 
ATOM 359 C C5    . DT C 3 2  ? 2.73679   14.08708  10.18771  1.000 755.92747  ? 10 DT C C5    1 
ATOM 360 C C7    . DT C 3 2  ? 1.38679   14.56101  9.73781   1.000 740.30400  ? 10 DT C C7    1 
ATOM 361 C C6    . DT C 3 2  ? 3.84881   14.80476  9.96550   1.000 762.72955  ? 10 DT C C6    1 
ATOM 362 P P     . DG C 3 3  ? 10.18172  15.56849  8.71932   1.000 713.51098  ? 11 DG C P     1 
ATOM 363 O OP1   . DG C 3 3  ? 10.24406  14.60522  9.84070   1.000 654.86349  ? 11 DG C OP1   1 
ATOM 364 O OP2   . DG C 3 3  ? 11.32047  16.47811  8.46399   1.000 679.69811  ? 11 DG C OP2   1 
ATOM 365 O "O5'" . DG C 3 3  ? 9.85626   14.81168  7.34450   1.000 651.89178  ? 11 DG C "O5'" 1 
ATOM 366 C "C5'" . DG C 3 3  ? 10.83352  13.96768  6.73520   1.000 650.98294  ? 11 DG C "C5'" 1 
ATOM 367 C "C4'" . DG C 3 3  ? 11.02695  12.69576  7.54062   1.000 668.53590  ? 11 DG C "C4'" 1 
ATOM 368 O "O4'" . DG C 3 3  ? 9.79956   12.38582  8.25244   1.000 694.12520  ? 11 DG C "O4'" 1 
ATOM 369 C "C3'" . DG C 3 3  ? 11.37384  11.44784  6.72211   1.000 681.10629  ? 11 DG C "C3'" 1 
ATOM 370 O "O3'" . DG C 3 3  ? 12.35426  10.67424  7.40738   1.000 669.19070  ? 11 DG C "O3'" 1 
ATOM 371 C "C2'" . DG C 3 3  ? 10.04149  10.71353  6.65010   1.000 714.77307  ? 11 DG C "C2'" 1 
ATOM 372 C "C1'" . DG C 3 3  ? 9.45479   11.04686  8.01306   1.000 718.94968  ? 11 DG C "C1'" 1 
ATOM 373 N N9    . DG C 3 3  ? 8.00646   10.92264  8.06822   1.000 737.78447  ? 11 DG C N9    1 
ATOM 374 C C8    . DG C 3 3  ? 7.07694   11.80206  7.57079   1.000 723.82735  ? 11 DG C C8    1 
ATOM 375 N N7    . DG C 3 3  ? 5.84676   11.42078  7.76485   1.000 721.42950  ? 11 DG C N7    1 
ATOM 376 C C5    . DG C 3 3  ? 5.97032   10.20855  8.42767   1.000 729.07872  ? 11 DG C C5    1 
ATOM 377 C C6    . DG C 3 3  ? 4.97734   9.32306   8.89738   1.000 719.02386  ? 11 DG C C6    1 
ATOM 378 O O6    . DG C 3 3  ? 3.74627   9.43759   8.81824   1.000 705.03025  ? 11 DG C O6    1 
ATOM 379 N N1    . DG C 3 3  ? 5.53390   8.20606   9.51397   1.000 720.69070  ? 11 DG C N1    1 
ATOM 380 C C2    . DG C 3 3  ? 6.88255   7.97948   9.65886   1.000 727.42934  ? 11 DG C C2    1 
ATOM 381 N N2    . DG C 3 3  ? 7.23842   6.84695   10.27745  1.000 718.59038  ? 11 DG C N2    1 
ATOM 382 N N3    . DG C 3 3  ? 7.82223   8.79991   9.22116   1.000 734.96037  ? 11 DG C N3    1 
ATOM 383 C C4    . DG C 3 3  ? 7.29468   9.88991   8.61989   1.000 739.05103  ? 11 DG C C4    1 
ATOM 384 P P     . DG C 3 4  ? 13.14167  9.49936   6.64431   1.000 663.03771  ? 12 DG C P     1 
ATOM 385 O OP1   . DG C 3 4  ? 14.53124  9.48917   7.14916   1.000 633.06130  ? 12 DG C OP1   1 
ATOM 386 O OP2   . DG C 3 4  ? 12.89953  9.67356   5.19628   1.000 668.62850  ? 12 DG C OP2   1 
ATOM 387 O "O5'" . DG C 3 4  ? 12.40260  8.16269   7.12282   1.000 690.01441  ? 12 DG C "O5'" 1 
ATOM 388 C "C5'" . DG C 3 4  ? 13.02515  6.89642   6.93040   1.000 691.03428  ? 12 DG C "C5'" 1 
ATOM 389 C "C4'" . DG C 3 4  ? 12.36328  5.83705   7.79210   1.000 699.07045  ? 12 DG C "C4'" 1 
ATOM 390 O "O4'" . DG C 3 4  ? 11.02499  6.27735   8.14600   1.000 715.33910  ? 12 DG C "O4'" 1 
ATOM 391 C "C3'" . DG C 3 4  ? 12.17166  4.48375   7.11471   1.000 714.70718  ? 12 DG C "C3'" 1 
ATOM 392 O "O3'" . DG C 3 4  ? 12.13040  3.45259   8.09582   1.000 700.55390  ? 12 DG C "O3'" 1 
ATOM 393 C "C2'" . DG C 3 4  ? 10.81380  4.66568   6.46194   1.000 744.54330  ? 12 DG C "C2'" 1 
ATOM 394 C "C1'" . DG C 3 4  ? 10.08309  5.39337   7.57657   1.000 736.49064  ? 12 DG C "C1'" 1 
ATOM 395 N N9    . DG C 3 4  ? 8.92528   6.15453   7.13166   1.000 780.69456  ? 12 DG C N9    1 
ATOM 396 C C8    . DG C 3 4  ? 8.90810   7.40118   6.55334   1.000 791.62940  ? 12 DG C C8    1 
ATOM 397 N N7    . DG C 3 4  ? 7.70344   7.82115   6.27127   1.000 787.05977  ? 12 DG C N7    1 
ATOM 398 C C5    . DG C 3 4  ? 6.87815   6.78414   6.69183   1.000 780.20532  ? 12 DG C C5    1 
ATOM 399 C C6    . DG C 3 4  ? 5.46904   6.65484   6.65258   1.000 737.40939  ? 12 DG C C6    1 
ATOM 400 O O6    . DG C 3 4  ? 4.63433   7.45847   6.21844   1.000 726.86127  ? 12 DG C O6    1 
ATOM 401 N N1    . DG C 3 4  ? 5.04868   5.43859   7.18659   1.000 729.63313  ? 12 DG C N1    1 
ATOM 402 C C2    . DG C 3 4  ? 5.88531   4.47476   7.69695   1.000 734.49966  ? 12 DG C C2    1 
ATOM 403 N N2    . DG C 3 4  ? 5.31184   3.36207   8.17000   1.000 720.31234  ? 12 DG C N2    1 
ATOM 404 N N3    . DG C 3 4  ? 7.19843   4.58658   7.73781   1.000 741.22664  ? 12 DG C N3    1 
ATOM 405 C C4    . DG C 3 4  ? 7.62175   5.75890   7.22360   1.000 777.48183  ? 12 DG C C4    1 
ATOM 406 P P     . DA C 3 5  ? 11.91429  1.92143   7.65478   1.000 702.81828  ? 13 DA C P     1 
ATOM 407 O OP1   . DA C 3 5  ? 12.64362  1.07610   8.62422   1.000 676.77444  ? 13 DA C OP1   1 
ATOM 408 O OP2   . DA C 3 5  ? 12.21701  1.82027   6.21057   1.000 719.61839  ? 13 DA C OP2   1 
ATOM 409 O "O5'" . DA C 3 5  ? 10.34346  1.66975   7.84281   1.000 714.19576  ? 13 DA C "O5'" 1 
ATOM 410 C "C5'" . DA C 3 5  ? 9.88536   0.72912   8.81581   1.000 697.30205  ? 13 DA C "C5'" 1 
ATOM 411 C "C4'" . DA C 3 5  ? 8.94827   -0.30630  8.20171   1.000 703.80844  ? 13 DA C "C4'" 1 
ATOM 412 O "O4'" . DA C 3 5  ? 7.79016   0.34710   7.61913   1.000 715.80689  ? 13 DA C "O4'" 1 
ATOM 413 C "C3'" . DA C 3 5  ? 9.54075   -1.16660  7.09407   1.000 712.67760  ? 13 DA C "C3'" 1 
ATOM 414 O "O3'" . DA C 3 5  ? 8.96209   -2.47759  7.15703   1.000 703.95555  ? 13 DA C "O3'" 1 
ATOM 415 C "C2'" . DA C 3 5  ? 9.13510   -0.41014  5.82640   1.000 734.85024  ? 13 DA C "C2'" 1 
ATOM 416 C "C1'" . DA C 3 5  ? 7.77424   0.16943   6.21278   1.000 730.25695  ? 13 DA C "C1'" 1 
ATOM 417 N N9    . DA C 3 5  ? 7.50093   1.47209   5.61562   1.000 743.26782  ? 13 DA C N9    1 
ATOM 418 C C8    . DA C 3 5  ? 8.41590   2.43523   5.30393   1.000 757.20046  ? 13 DA C C8    1 
ATOM 419 N N7    . DA C 3 5  ? 7.88898   3.52347   4.79846   1.000 763.59222  ? 13 DA C N7    1 
ATOM 420 C C5    . DA C 3 5  ? 6.52925   3.25958   4.78321   1.000 751.65276  ? 13 DA C C5    1 
ATOM 421 C C6    . DA C 3 5  ? 5.42064   4.02033   4.36323   1.000 745.34541  ? 13 DA C C6    1 
ATOM 422 N N6    . DA C 3 5  ? 5.52473   5.25212   3.85482   1.000 752.53887  ? 13 DA C N6    1 
ATOM 423 N N1    . DA C 3 5  ? 4.19717   3.46325   4.48531   1.000 726.39766  ? 13 DA C N1    1 
ATOM 424 C C2    . DA C 3 5  ? 4.09736   2.22925   4.99454   1.000 717.36227  ? 13 DA C C2    1 
ATOM 425 N N3    . DA C 3 5  ? 5.06497   1.41893   5.42357   1.000 722.20698  ? 13 DA C N3    1 
ATOM 426 C C4    . DA C 3 5  ? 6.26912   2.00077   5.28961   1.000 738.99578  ? 13 DA C C4    1 
ATOM 427 P P     . DC C 3 6  ? 9.03722   -3.49155  5.90961   1.000 732.96286  ? 14 DC C P     1 
ATOM 428 O OP1   . DC C 3 6  ? 8.76674   -4.84807  6.43767   1.000 716.24531  ? 14 DC C OP1   1 
ATOM 429 O OP2   . DC C 3 6  ? 10.28866  -3.23969  5.15684   1.000 746.28283  ? 14 DC C OP2   1 
ATOM 430 O "O5'" . DC C 3 6  ? 7.79093   -3.07222  4.99589   1.000 740.56708  ? 14 DC C "O5'" 1 
ATOM 431 C "C5'" . DC C 3 6  ? 6.45624   -3.31425  5.44225   1.000 725.20178  ? 14 DC C "C5'" 1 
ATOM 432 C "C4'" . DC C 3 6  ? 5.49303   -3.26650  4.27146   1.000 736.34063  ? 14 DC C "C4'" 1 
ATOM 433 O "O4'" . DC C 3 6  ? 5.17955   -1.88978  3.97028   1.000 748.13051  ? 14 DC C "O4'" 1 
ATOM 434 C "C3'" . DC C 3 6  ? 6.04882   -3.86730  2.97393   1.000 763.99498  ? 14 DC C "C3'" 1 
ATOM 435 O "O3'" . DC C 3 6  ? 5.33157   -5.07594  2.55622   1.000 758.35365  ? 14 DC C "O3'" 1 
ATOM 436 C "C2'" . DC C 3 6  ? 5.96292   -2.73570  1.93986   1.000 789.42662  ? 14 DC C "C2'" 1 
ATOM 437 C "C1'" . DC C 3 6  ? 4.98823   -1.76410  2.58693   1.000 772.28996  ? 14 DC C "C1'" 1 
ATOM 438 N N1    . DC C 3 6  ? 5.20615   -0.34911  2.20173   1.000 759.61512  ? 14 DC C N1    1 
ATOM 439 C C2    . DC C 3 6  ? 4.10214   0.46596   1.93247   1.000 753.40845  ? 14 DC C C2    1 
ATOM 440 O O2    . DC C 3 6  ? 2.96429   -0.01739  2.01766   1.000 735.80852  ? 14 DC C O2    1 
ATOM 441 N N3    . DC C 3 6  ? 4.31274   1.76038   1.58213   1.000 765.40091  ? 14 DC C N3    1 
ATOM 442 C C4    . DC C 3 6  ? 5.55727   2.23397   1.50355   1.000 784.13191  ? 14 DC C C4    1 
ATOM 443 N N4    . DC C 3 6  ? 5.71881   3.51313   1.15449   1.000 794.84090  ? 14 DC C N4    1 
ATOM 444 C C5    . DC C 3 6  ? 6.69422   1.41571   1.77463   1.000 790.14096  ? 14 DC C C5    1 
ATOM 445 C C6    . DC C 3 6  ? 6.47418   0.14298   2.11756   1.000 777.26217  ? 14 DC C C6    1 
ATOM 446 P P     . DA C 3 7  ? 3.73366   -5.26999  2.70374   1.000 753.30180  ? 15 DA C P     1 
ATOM 447 O OP1   . DA C 3 7  ? 3.34417   -5.32733  4.12921   1.000 737.92375  ? 15 DA C OP1   1 
ATOM 448 O OP2   . DA C 3 7  ? 3.40752   -6.42534  1.84189   1.000 750.44849  ? 15 DA C OP2   1 
ATOM 449 O "O5'" . DA C 3 7  ? 3.07700   -3.99921  1.98533   1.000 757.46733  ? 15 DA C "O5'" 1 
ATOM 450 C "C5'" . DA C 3 7  ? 1.80410   -3.51323  2.41750   1.000 742.58571  ? 15 DA C "C5'" 1 
ATOM 451 C "C4'" . DA C 3 7  ? 0.78301   -3.48817  1.28249   1.000 736.28933  ? 15 DA C "C4'" 1 
ATOM 452 O "O4'" . DA C 3 7  ? 0.91962   -2.27698  0.50263   1.000 747.84375  ? 15 DA C "O4'" 1 
ATOM 453 C "C3'" . DA C 3 7  ? 0.85206   -4.62377  0.27910   1.000 740.28703  ? 15 DA C "C3'" 1 
ATOM 454 O "O3'" . DA C 3 7  ? -0.47003  -4.87271  -0.20990  1.000 725.75112  ? 15 DA C "O3'" 1 
ATOM 455 C "C2'" . DA C 3 7  ? 1.78466   -4.06345  -0.80475  1.000 769.04374  ? 15 DA C "C2'" 1 
ATOM 456 C "C1'" . DA C 3 7  ? 1.49609   -2.56030  -0.76262  1.000 773.44487  ? 15 DA C "C1'" 1 
ATOM 457 N N9    . DA C 3 7  ? 2.68267   -1.71974  -0.88474  1.000 813.26325  ? 15 DA C N9    1 
ATOM 458 C C8    . DA C 3 7  ? 3.97486   -2.06975  -0.62155  1.000 795.93730  ? 15 DA C C8    1 
ATOM 459 N N7    . DA C 3 7  ? 4.83356   -1.08940  -0.78388  1.000 812.49125  ? 15 DA C N7    1 
ATOM 460 C C5    . DA C 3 7  ? 4.04572   -0.02118  -1.17904  1.000 810.45363  ? 15 DA C C5    1 
ATOM 461 C C6    . DA C 3 7  ? 4.34861   1.31559   -1.51002  1.000 821.98290  ? 15 DA C C6    1 
ATOM 462 N N6    . DA C 3 7  ? 5.58814   1.82039   -1.49871  1.000 840.14735  ? 15 DA C N6    1 
ATOM 463 N N1    . DA C 3 7  ? 3.32270   2.11711   -1.85709  1.000 811.38319  ? 15 DA C N1    1 
ATOM 464 C C2    . DA C 3 7  ? 2.08431   1.61376   -1.87152  1.000 792.14215  ? 15 DA C C2    1 
ATOM 465 N N3    . DA C 3 7  ? 1.67766   0.38291   -1.57903  1.000 781.97499  ? 15 DA C N3    1 
ATOM 466 C C4    . DA C 3 7  ? 2.71677   -0.39206  -1.23686  1.000 791.69213  ? 15 DA C C4    1 
ATOM 467 P P     . DC C 3 8  ? -0.73329  -5.63982  -1.59756  1.000 775.24173  ? 16 DC C P     1 
ATOM 468 O OP1   . DC C 3 8  ? -2.12989  -6.13003  -1.55283  1.000 755.75950  ? 16 DC C OP1   1 
ATOM 469 O OP2   . DC C 3 8  ? 0.37029   -6.59306  -1.85382  1.000 788.15953  ? 16 DC C OP2   1 
ATOM 470 O "O5'" . DC C 3 8  ? -0.67033  -4.48030  -2.69232  1.000 787.60594  ? 16 DC C "O5'" 1 
ATOM 471 C "C5'" . DC C 3 8  ? -1.07151  -4.74754  -4.01776  1.000 788.88922  ? 16 DC C "C5'" 1 
ATOM 472 C "C4'" . DC C 3 8  ? -1.62687  -3.49819  -4.66368  1.000 791.98449  ? 16 DC C "C4'" 1 
ATOM 473 O "O4'" . DC C 3 8  ? -0.73114  -2.39073  -4.40137  1.000 817.20424  ? 16 DC C "O4'" 1 
ATOM 474 C "C3'" . DC C 3 8  ? -1.74551  -3.56539  -6.17555  1.000 801.05876  ? 16 DC C "C3'" 1 
ATOM 475 O "O3'" . DC C 3 8  ? -2.74271  -2.65901  -6.62195  1.000 789.20351  ? 16 DC C "O3'" 1 
ATOM 476 C "C2'" . DC C 3 8  ? -0.35690  -3.12716  -6.61378  1.000 839.72633  ? 16 DC C "C2'" 1 
ATOM 477 C "C1'" . DC C 3 8  ? -0.05871  -2.03288  -5.59302  1.000 843.99592  ? 16 DC C "C1'" 1 
ATOM 478 N N1    . DC C 3 8  ? 1.39215   -1.85935  -5.29055  1.000 837.69540  ? 16 DC C N1    1 
ATOM 479 C C2    . DC C 3 8  ? 1.98343   -0.61817  -5.51586  1.000 848.97433  ? 16 DC C C2    1 
ATOM 480 O O2    . DC C 3 8  ? 1.28422   0.29589   -5.96508  1.000 841.14978  ? 16 DC C O2    1 
ATOM 481 N N3    . DC C 3 8  ? 3.30127   -0.45388  -5.24137  1.000 866.72851  ? 16 DC C N3    1 
ATOM 482 C C4    . DC C 3 8  ? 4.01351   -1.47394  -4.76063  1.000 871.42769  ? 16 DC C C4    1 
ATOM 483 N N4    . DC C 3 8  ? 5.31070   -1.26437  -4.50421  1.000 887.32578  ? 16 DC C N4    1 
ATOM 484 C C5    . DC C 3 8  ? 3.42660   -2.75358  -4.52174  1.000 858.39571  ? 16 DC C C5    1 
ATOM 485 C C6    . DC C 3 8  ? 2.12380   -2.90073  -4.79838  1.000 842.57678  ? 16 DC C C6    1 
ATOM 486 P P     . DC C 3 9  ? -3.58975  -2.98500  -7.94682  1.000 780.42524  ? 17 DC C P     1 
ATOM 487 O OP1   . DC C 3 9  ? -5.00749  -2.66513  -7.67079  1.000 774.85623  ? 17 DC C OP1   1 
ATOM 488 O OP2   . DC C 3 9  ? -3.21577  -4.34664  -8.39242  1.000 787.58458  ? 17 DC C OP2   1 
ATOM 489 O "O5'" . DC C 3 9  ? -3.03483  -1.93691  -9.01597  1.000 790.89975  ? 17 DC C "O5'" 1 
ATOM 490 C "C5'" . DC C 3 9  ? -3.11629  -0.54540  -8.74637  1.000 784.90222  ? 17 DC C "C5'" 1 
ATOM 491 C "C4'" . DC C 3 9  ? -2.33028  0.24650   -9.77242  1.000 796.82060  ? 17 DC C "C4'" 1 
ATOM 492 O "O4'" . DC C 3 9  ? -0.96770  0.44013   -9.30615  1.000 828.83769  ? 17 DC C "O4'" 1 
ATOM 493 C "C3'" . DC C 3 9  ? -2.21430  -0.41359  -11.14982 1.000 806.46661  ? 17 DC C "C3'" 1 
ATOM 494 O "O3'" . DC C 3 9  ? -2.36530  0.57253   -12.15756 1.000 806.43686  ? 17 DC C "O3'" 1 
ATOM 495 C "C2'" . DC C 3 9  ? -0.79453  -0.97963  -11.13282 1.000 833.06074  ? 17 DC C "C2'" 1 
ATOM 496 C "C1'" . DC C 3 9  ? -0.08186  0.10137   -10.34479 1.000 851.02365  ? 17 DC C "C1'" 1 
ATOM 497 N N1    . DC C 3 9  ? 1.21923   -0.31677  -9.75217  1.000 844.97128  ? 17 DC C N1    1 
ATOM 498 C C2    . DC C 3 9  ? 2.28130   0.58480   -9.75666  1.000 858.60435  ? 17 DC C C2    1 
ATOM 499 O O2    . DC C 3 9  ? 2.10920   1.69852   -10.26013 1.000 851.61607  ? 17 DC C O2    1 
ATOM 500 N N3    . DC C 3 9  ? 3.46717   0.21195   -9.21787  1.000 876.30265  ? 17 DC C N3    1 
ATOM 501 C C4    . DC C 3 9  ? 3.60560   -1.00390  -8.68942  1.000 877.19267  ? 17 DC C C4    1 
ATOM 502 N N4    . DC C 3 9  ? 4.79512   -1.32754  -8.16756  1.000 891.24898  ? 17 DC C N4    1 
ATOM 503 C C5    . DC C 3 9  ? 2.52876   -1.94219  -8.67292  1.000 861.09968  ? 17 DC C C5    1 
ATOM 504 C C6    . DC C 3 9  ? 1.36350   -1.55916  -9.21091  1.000 846.65124  ? 17 DC C C6    1 
ATOM 505 P P     . DG C 3 10 ? -2.87046  0.17508   -13.63028 1.000 849.86142  ? 18 DG C P     1 
ATOM 506 O OP1   . DG C 3 10 ? -4.29971  0.54232   -13.73770 1.000 815.97881  ? 18 DG C OP1   1 
ATOM 507 O OP2   . DG C 3 10 ? -2.44764  -1.21651  -13.90330 1.000 860.21924  ? 18 DG C OP2   1 
ATOM 508 O "O5'" . DG C 3 10 ? -2.03383  1.15095   -14.57859 1.000 868.68719  ? 18 DG C "O5'" 1 
ATOM 509 C "C5'" . DG C 3 10 ? -1.88909  2.52265   -14.22488 1.000 864.35159  ? 18 DG C "C5'" 1 
ATOM 510 C "C4'" . DG C 3 10 ? -0.54085  3.05826   -14.67034 1.000 890.89748  ? 18 DG C "C4'" 1 
ATOM 511 O "O4'" . DG C 3 10 ? 0.49668   2.59046   -13.76321 1.000 926.62369  ? 18 DG C "O4'" 1 
ATOM 512 C "C3'" . DG C 3 10 ? -0.10645  2.61859   -16.07084 1.000 899.37073  ? 18 DG C "C3'" 1 
ATOM 513 O "O3'" . DG C 3 10 ? 0.51004   3.70173   -16.75615 1.000 904.44384  ? 18 DG C "O3'" 1 
ATOM 514 C "C2'" . DG C 3 10 ? 0.89352   1.50845   -15.77874 1.000 937.75923  ? 18 DG C "C2'" 1 
ATOM 515 C "C1'" . DG C 3 10 ? 1.54967   2.04706   -14.52140 1.000 952.64258  ? 18 DG C "C1'" 1 
ATOM 516 N N9    . DG C 3 10 ? 2.23555   1.02610   -13.73509 1.000 793.79604  ? 18 DG C N9    1 
ATOM 517 C C8    . DG C 3 10 ? 1.73778   -0.19023  -13.33516 1.000 793.06832  ? 18 DG C C8    1 
ATOM 518 N N7    . DG C 3 10 ? 2.59172   -0.89960  -12.64902 1.000 807.04124  ? 18 DG C N7    1 
ATOM 519 C C5    . DG C 3 10 ? 3.72982   -0.10429  -12.59672 1.000 821.17378  ? 18 DG C C5    1 
ATOM 520 C C6    . DG C 3 10 ? 4.98456   -0.34264  -11.98644 1.000 840.02229  ? 18 DG C C6    1 
ATOM 521 O O6    . DG C 3 10 ? 5.35064   -1.33892  -11.34930 1.000 844.89156  ? 18 DG C O6    1 
ATOM 522 N N1    . DG C 3 10 ? 5.86030   0.72613   -12.17183 1.000 845.74441  ? 18 DG C N1    1 
ATOM 523 C C2    . DG C 3 10 ? 5.55573   1.87868   -12.86040 1.000 827.25544  ? 18 DG C C2    1 
ATOM 524 N N2    . DG C 3 10 ? 6.52021   2.80487   -12.94271 1.000 820.30630  ? 18 DG C N2    1 
ATOM 525 N N3    . DG C 3 10 ? 4.38586   2.11023   -13.43487 1.000 811.68100  ? 18 DG C N3    1 
ATOM 526 C C4    . DG C 3 10 ? 3.52552   1.08168   -13.26313 1.000 811.23826  ? 18 DG C C4    1 
ATOM 527 P P     . DC C 3 11 ? 0.41364   3.79419   -18.35689 1.000 782.26186  ? 19 DC C P     1 
ATOM 528 O OP1   . DC C 3 11 ? 1.14460   5.00315   -18.80072 1.000 783.63209  ? 19 DC C OP1   1 
ATOM 529 O OP2   . DC C 3 11 ? -1.01793  3.65565   -18.70192 1.000 783.43460  ? 19 DC C OP2   1 
ATOM 530 O "O5'" . DC C 3 11 ? 1.17311   2.47551   -18.85895 1.000 786.92268  ? 19 DC C "O5'" 1 
ATOM 531 C "C5'" . DC C 3 11 ? 2.41774   2.57542   -19.54706 1.000 796.86480  ? 19 DC C "C5'" 1 
ATOM 532 C "C4'" . DC C 3 11 ? 3.52793   3.05374   -18.62455 1.000 823.33510  ? 19 DC C "C4'" 1 
ATOM 533 O "O4'" . DC C 3 11 ? 3.54757   2.24615   -17.41729 1.000 832.69199  ? 19 DC C "O4'" 1 
ATOM 534 C "C3'" . DC C 3 11 ? 4.93128   2.96991   -19.22721 1.000 840.91539  ? 19 DC C "C3'" 1 
ATOM 535 O "O3'" . DC C 3 11 ? 5.62406   4.19509   -19.05257 1.000 837.28442  ? 19 DC C "O3'" 1 
ATOM 536 C "C2'" . DC C 3 11 ? 5.59384   1.83510   -18.45390 1.000 863.52294  ? 19 DC C "C2'" 1 
ATOM 537 C "C1'" . DC C 3 11 ? 4.87276   1.88089   -17.11851 1.000 859.08027  ? 19 DC C "C1'" 1 
ATOM 538 N N1    . DC C 3 11 ? 4.85763   0.55866   -16.42248 1.000 827.52446  ? 19 DC C N1    1 
ATOM 539 C C2    . DC C 3 11 ? 5.99779   0.12028   -15.73014 1.000 848.87336  ? 19 DC C C2    1 
ATOM 540 O O2    . DC C 3 11 ? 7.00086   0.84681   -15.69690 1.000 846.19837  ? 19 DC C O2    1 
ATOM 541 N N3    . DC C 3 11 ? 5.96524   -1.09151  -15.11289 1.000 862.64390  ? 19 DC C N3    1 
ATOM 542 C C4    . DC C 3 11 ? 4.86262   -1.84255  -15.17594 1.000 849.67225  ? 19 DC C C4    1 
ATOM 543 N N4    . DC C 3 11 ? 4.87136   -3.02764  -14.55501 1.000 853.02351  ? 19 DC C N4    1 
ATOM 544 C C5    . DC C 3 11 ? 3.69872   -1.41276  -15.87953 1.000 829.13788  ? 19 DC C C5    1 
ATOM 545 C C6    . DC C 3 11 ? 3.74214   -0.22183  -16.48456 1.000 820.23017  ? 19 DC C C6    1 
ATOM 546 P P     . DA C 3 12 ? 6.63589   4.70900   -20.18939 1.000 811.89162  ? 20 DA C P     1 
ATOM 547 O OP1   . DA C 3 12 ? 6.91431   6.13376   -19.91987 1.000 808.49130  ? 20 DA C OP1   1 
ATOM 548 O OP2   . DA C 3 12 ? 6.07409   4.30731   -21.49740 1.000 817.73530  ? 20 DA C OP2   1 
ATOM 549 O "O5'" . DA C 3 12 ? 7.96959   3.85210   -19.95027 1.000 829.01382  ? 20 DA C "O5'" 1 
ATOM 550 C "C5'" . DA C 3 12 ? 8.64974   3.91130   -18.69441 1.000 830.72885  ? 20 DA C "C5'" 1 
ATOM 551 C "C4'" . DA C 3 12 ? 10.15239  3.73214   -18.87395 1.000 834.67947  ? 20 DA C "C4'" 1 
ATOM 552 O "O4'" . DA C 3 12 ? 10.60420  2.61150   -18.07947 1.000 852.60825  ? 20 DA C "O4'" 1 
ATOM 553 C "C3'" . DA C 3 12 ? 10.60718  3.42961   -20.29345 1.000 840.00268  ? 20 DA C "C3'" 1 
ATOM 554 O "O3'" . DA C 3 12 ? 11.92326  3.93084   -20.51834 1.000 830.00561  ? 20 DA C "O3'" 1 
ATOM 555 C "C2'" . DA C 3 12 ? 10.57425  1.90501   -20.35368 1.000 865.09048  ? 20 DA C "C2'" 1 
ATOM 556 C "C1'" . DA C 3 12 ? 10.78375  1.47026   -18.89828 1.000 871.06602  ? 20 DA C "C1'" 1 
ATOM 557 N N9    . DA C 3 12 ? 9.81991   0.45955   -18.48687 1.000 889.69880  ? 20 DA C N9    1 
ATOM 558 C C8    . DA C 3 12 ? 8.49544   0.44493   -18.79796 1.000 890.07502  ? 20 DA C C8    1 
ATOM 559 N N7    . DA C 3 12 ? 7.84413   -0.57775  -18.31166 1.000 905.65324  ? 20 DA C N7    1 
ATOM 560 C C5    . DA C 3 12 ? 8.81051   -1.29757  -17.63674 1.000 920.21588  ? 20 DA C C5    1 
ATOM 561 C C6    . DA C 3 12 ? 8.75083   -2.49553  -16.90524 1.000 938.32598  ? 20 DA C C6    1 
ATOM 562 N N6    . DA C 3 12 ? 7.62293   -3.19234  -16.73600 1.000 926.14906  ? 20 DA C N6    1 
ATOM 563 N N1    . DA C 3 12 ? 9.89405   -2.95115  -16.35372 1.000 939.34968  ? 20 DA C N1    1 
ATOM 564 C C2    . DA C 3 12 ? 11.02054  -2.24614  -16.52823 1.000 926.98726  ? 20 DA C C2    1 
ATOM 565 N N3    . DA C 3 12 ? 11.20041  -1.10284  -17.19750 1.000 909.93138  ? 20 DA C N3    1 
ATOM 566 C C4    . DA C 3 12 ? 10.04225  -0.67799  -17.73358 1.000 907.86470  ? 20 DA C C4    1 
ATOM 567 P P     . DT C 3 13 ? 12.65537  3.67041   -21.92769 1.000 972.01939  ? 21 DT C P     1 
ATOM 568 O OP1   . DT C 3 13 ? 13.65954  4.73727   -22.13403 1.000 969.34578  ? 21 DT C OP1   1 
ATOM 569 O OP2   . DT C 3 13 ? 11.60360  3.45182   -22.94490 1.000 987.98266  ? 21 DT C OP2   1 
ATOM 570 O "O5'" . DT C 3 13 ? 13.41789  2.28117   -21.71163 1.000 973.03038  ? 21 DT C "O5'" 1 
ATOM 571 C "C5'" . DT C 3 13 ? 14.19528  2.07727   -20.53909 1.000 958.66263  ? 21 DT C "C5'" 1 
ATOM 572 C "C4'" . DT C 3 13 ? 14.58723  0.61781   -20.39104 1.000 970.81600  ? 21 DT C "C4'" 1 
ATOM 573 O "O4'" . DT C 3 13 ? 13.44221  -0.17010  -19.99309 1.000 993.52650  ? 21 DT C "O4'" 1 
ATOM 574 C "C3'" . DT C 3 13 ? 15.14199  -0.04044  -21.65531 1.000 981.42541  ? 21 DT C "C3'" 1 
ATOM 575 O "O3'" . DT C 3 13 ? 16.41657  -0.59187  -21.36969 1.000 971.51937  ? 21 DT C "O3'" 1 
ATOM 576 C "C2'" . DT C 3 13 ? 14.11001  -1.12915  -21.99866 1.000 1007.10660 ? 21 DT C "C2'" 1 
ATOM 577 C "C1'" . DT C 3 13 ? 13.50325  -1.41758  -20.63739 1.000 1007.15244 ? 21 DT C "C1'" 1 
ATOM 578 N N1    . DT C 3 13 ? 12.11972  -1.98023  -20.67636 1.000 946.04320  ? 21 DT C N1    1 
ATOM 579 C C2    . DT C 3 13 ? 11.85924  -3.17155  -20.03736 1.000 964.74340  ? 21 DT C C2    1 
ATOM 580 O O2    . DT C 3 13 ? 12.71114  -3.81621  -19.45319 1.000 967.47210  ? 21 DT C O2    1 
ATOM 581 N N3    . DT C 3 13 ? 10.55566  -3.58837  -20.11252 1.000 977.61185  ? 21 DT C N3    1 
ATOM 582 C C4    . DT C 3 13 ? 9.50721   -2.94467  -20.74338 1.000 972.10395  ? 21 DT C C4    1 
ATOM 583 O O4    . DT C 3 13 ? 8.36835   -3.40017  -20.75609 1.000 972.71529  ? 21 DT C O4    1 
ATOM 584 C C5    . DT C 3 13 ? 9.84674   -1.69727  -21.38703 1.000 950.59537  ? 21 DT C C5    1 
ATOM 585 C C7    . DT C 3 13 ? 8.79127   -0.90684  -22.10494 1.000 937.13640  ? 21 DT C C7    1 
ATOM 586 C C6    . DT C 3 13 ? 11.12203  -1.28103  -21.32119 1.000 940.20105  ? 21 DT C C6    1 
ATOM 587 P P     . DC C 3 14 ? 17.32039  -1.20749  -22.54502 1.000 926.34399  ? 22 DC C P     1 
ATOM 588 O OP1   . DC C 3 14 ? 18.73637  -1.01111  -22.15740 1.000 899.44261  ? 22 DC C OP1   1 
ATOM 589 O OP2   . DC C 3 14 ? 16.82242  -0.69274  -23.84359 1.000 932.93338  ? 22 DC C OP2   1 
ATOM 590 O "O5'" . DC C 3 14 ? 16.99407  -2.76775  -22.48817 1.000 950.21625  ? 22 DC C "O5'" 1 
ATOM 591 C "C5'" . DC C 3 14 ? 17.92605  -3.69808  -22.98880 1.000 939.24551  ? 22 DC C "C5'" 1 
ATOM 592 C "C4'" . DC C 3 14 ? 17.93189  -4.94407  -22.13109 1.000 956.99376  ? 22 DC C "C4'" 1 
ATOM 593 O "O4'" . DC C 3 14 ? 16.60014  -5.15773  -21.60377 1.000 984.67474  ? 22 DC C "O4'" 1 
ATOM 594 C "C3'" . DC C 3 14 ? 18.26321  -6.22468  -22.87329 1.000 961.76642  ? 22 DC C "C3'" 1 
ATOM 595 O "O3'" . DC C 3 14 ? 18.70655  -7.21711  -21.95101 1.000 958.13013  ? 22 DC C "O3'" 1 
ATOM 596 C "C2'" . DC C 3 14 ? 16.90794  -6.58460  -23.46404 1.000 997.97948  ? 22 DC C "C2'" 1 
ATOM 597 C "C1'" . DC C 3 14 ? 15.98015  -6.22049  -22.30495 1.000 1005.99227 ? 22 DC C "C1'" 1 
ATOM 598 N N1    . DC C 3 14 ? 14.61387  -5.78652  -22.72961 1.000 1004.26147 ? 22 DC C N1    1 
ATOM 599 C C2    . DC C 3 14 ? 13.51873  -6.57794  -22.39062 1.000 1022.84301 ? 22 DC C C2    1 
ATOM 600 O O2    . DC C 3 14 ? 13.71893  -7.61555  -21.75355 1.000 1029.75733 ? 22 DC C O2    1 
ATOM 601 N N3    . DC C 3 14 ? 12.27799  -6.19012  -22.77457 1.000 1031.01954 ? 22 DC C N3    1 
ATOM 602 C C4    . DC C 3 14 ? 12.11728  -5.06003  -23.46526 1.000 1023.43202 ? 22 DC C C4    1 
ATOM 603 N N4    . DC C 3 14 ? 10.87308  -4.71623  -23.82089 1.000 1030.40624 ? 22 DC C N4    1 
ATOM 604 C C5    . DC C 3 14 ? 13.22686  -4.23230  -23.82174 1.000 1003.71025 ? 22 DC C C5    1 
ATOM 605 C C6    . DC C 3 14 ? 14.44623  -4.63051  -23.43600 1.000 995.05284  ? 22 DC C C6    1 
ATOM 606 O "O5'" . DG D 4 1  ? 0.91908   -10.50220 -31.23452 1.000 774.54849  ? 2  DG D "O5'" 1 
ATOM 607 C "C5'" . DG D 4 1  ? 2.09769   -11.26693 -31.00494 1.000 787.91431  ? 2  DG D "C5'" 1 
ATOM 608 C "C4'" . DG D 4 1  ? 2.26495   -11.56743 -29.52642 1.000 789.36847  ? 2  DG D "C4'" 1 
ATOM 609 O "O4'" . DG D 4 1  ? 3.63437   -11.97052 -29.26895 1.000 806.44169  ? 2  DG D "O4'" 1 
ATOM 610 C "C3'" . DG D 4 1  ? 1.98238   -10.38148 -28.59834 1.000 786.99358  ? 2  DG D "C3'" 1 
ATOM 611 O "O3'" . DG D 4 1  ? 0.94022   -10.70024 -27.67615 1.000 772.69323  ? 2  DG D "O3'" 1 
ATOM 612 C "C2'" . DG D 4 1  ? 3.31349   -10.13185 -27.88634 1.000 802.23585  ? 2  DG D "C2'" 1 
ATOM 613 C "C1'" . DG D 4 1  ? 4.03605   -11.46062 -28.02640 1.000 808.84316  ? 2  DG D "C1'" 1 
ATOM 614 N N9    . DG D 4 1  ? 5.49054   -11.31415 -28.02844 1.000 816.45505  ? 2  DG D N9    1 
ATOM 615 C C8    . DG D 4 1  ? 6.20179   -10.22598 -28.47189 1.000 827.28552  ? 2  DG D C8    1 
ATOM 616 N N7    . DG D 4 1  ? 7.49066   -10.35980 -28.34708 1.000 842.07955  ? 2  DG D N7    1 
ATOM 617 C C5    . DG D 4 1  ? 7.65038   -11.61582 -27.77875 1.000 836.44929  ? 2  DG D C5    1 
ATOM 618 C C6    . DG D 4 1  ? 8.83186   -12.30200 -27.41632 1.000 860.74377  ? 2  DG D C6    1 
ATOM 619 O O6    . DG D 4 1  ? 10.00156  -11.91959 -27.53250 1.000 890.39140  ? 2  DG D O6    1 
ATOM 620 N N1    . DG D 4 1  ? 8.55829   -13.55515 -26.87428 1.000 841.40127  ? 2  DG D N1    1 
ATOM 621 C C2    . DG D 4 1  ? 7.29671   -14.07744 -26.70355 1.000 806.13102  ? 2  DG D C2    1 
ATOM 622 N N2    . DG D 4 1  ? 7.22800   -15.30491 -26.16060 1.000 797.49024  ? 2  DG D N2    1 
ATOM 623 N N3    . DG D 4 1  ? 6.17689   -13.44158 -27.04130 1.000 804.89454  ? 2  DG D N3    1 
ATOM 624 C C4    . DG D 4 1  ? 6.43020   -12.21928 -27.57288 1.000 814.54304  ? 2  DG D C4    1 
ATOM 625 P P     . DA D 4 2  ? 0.39792   -9.58399  -26.65228 1.000 731.85203  ? 3  DA D P     1 
ATOM 626 O OP1   . DA D 4 2  ? -1.07250  -9.73068  -26.57700 1.000 716.09394  ? 3  DA D OP1   1 
ATOM 627 O OP2   . DA D 4 2  ? 0.97469   -8.27876  -27.05399 1.000 738.92617  ? 3  DA D OP2   1 
ATOM 628 O "O5'" . DA D 4 2  ? 1.04698   -10.00063 -25.24449 1.000 738.28735  ? 3  DA D "O5'" 1 
ATOM 629 C "C5'" . DA D 4 2  ? 0.57040   -11.15410 -24.53488 1.000 730.95546  ? 3  DA D "C5'" 1 
ATOM 630 C "C4'" . DA D 4 2  ? 1.70380   -12.13594 -24.27484 1.000 734.91331  ? 3  DA D "C4'" 1 
ATOM 631 O "O4'" . DA D 4 2  ? 2.89665   -11.68809 -24.97400 1.000 743.68112  ? 3  DA D "O4'" 1 
ATOM 632 C "C3'" . DA D 4 2  ? 2.12900   -12.28338 -22.81545 1.000 726.77670  ? 3  DA D "C3'" 1 
ATOM 633 O "O3'" . DA D 4 2  ? 2.68743   -13.58614 -22.61364 1.000 721.22211  ? 3  DA D "O3'" 1 
ATOM 634 C "C2'" . DA D 4 2  ? 3.19846   -11.20319 -22.70178 1.000 733.43658  ? 3  DA D "C2'" 1 
ATOM 635 C "C1'" . DA D 4 2  ? 3.91155   -11.39225 -24.03377 1.000 741.88942  ? 3  DA D "C1'" 1 
ATOM 636 N N9    . DA D 4 2  ? 4.66100   -10.22539 -24.50612 1.000 751.45347  ? 3  DA D N9    1 
ATOM 637 C C8    . DA D 4 2  ? 4.15377   -9.07040  -25.03460 1.000 758.24694  ? 3  DA D C8    1 
ATOM 638 N N7    . DA D 4 2  ? 5.07200   -8.20542  -25.40014 1.000 766.22678  ? 3  DA D N7    1 
ATOM 639 C C5    . DA D 4 2  ? 6.26461   -8.83387  -25.08280 1.000 784.60065  ? 3  DA D C5    1 
ATOM 640 C C6    . DA D 4 2  ? 7.61290   -8.43962  -25.21384 1.000 821.04594  ? 3  DA D C6    1 
ATOM 641 N N6    . DA D 4 2  ? 7.99225   -7.26282  -25.72451 1.000 837.24288  ? 3  DA D N6    1 
ATOM 642 N N1    . DA D 4 2  ? 8.55898   -9.30656  -24.79824 1.000 833.75562  ? 3  DA D N1    1 
ATOM 643 C C2    . DA D 4 2  ? 8.17656   -10.48467 -24.29047 1.000 814.57432  ? 3  DA D C2    1 
ATOM 644 N N3    . DA D 4 2  ? 6.94775   -10.96264 -24.11376 1.000 778.53189  ? 3  DA D N3    1 
ATOM 645 C C4    . DA D 4 2  ? 6.02868   -10.08279 -24.53837 1.000 764.71486  ? 3  DA D C4    1 
ATOM 646 P P     . DG D 4 3  ? 2.67261   -14.28263 -21.16276 1.000 670.78602  ? 4  DG D P     1 
ATOM 647 O OP1   . DG D 4 3  ? 1.90199   -15.53956 -21.28596 1.000 663.98290  ? 4  DG D OP1   1 
ATOM 648 O OP2   . DG D 4 3  ? 2.28301   -13.27645 -20.14799 1.000 668.73667  ? 4  DG D OP2   1 
ATOM 649 O "O5'" . DG D 4 3  ? 4.20083   -14.69162 -20.91162 1.000 671.63735  ? 4  DG D "O5'" 1 
ATOM 650 C "C5'" . DG D 4 3  ? 5.24921   -13.95880 -21.53339 1.000 681.35448  ? 4  DG D "C5'" 1 
ATOM 651 C "C4'" . DG D 4 3  ? 6.39333   -13.72878 -20.56337 1.000 683.50819  ? 4  DG D "C4'" 1 
ATOM 652 O "O4'" . DG D 4 3  ? 7.21541   -12.62530 -21.03863 1.000 727.30105  ? 4  DG D "O4'" 1 
ATOM 653 C "C3'" . DG D 4 3  ? 5.96719   -13.31479 -19.16026 1.000 676.55692  ? 4  DG D "C3'" 1 
ATOM 654 O "O3'" . DG D 4 3  ? 7.00421   -13.64441 -18.23908 1.000 675.66713  ? 4  DG D "O3'" 1 
ATOM 655 C "C2'" . DG D 4 3  ? 5.85307   -11.80864 -19.32750 1.000 710.04984  ? 4  DG D "C2'" 1 
ATOM 656 C "C1'" . DG D 4 3  ? 7.13128   -11.55991 -20.10943 1.000 748.69494  ? 4  DG D "C1'" 1 
ATOM 657 N N9    . DG D 4 3  ? 7.17428   -10.29340 -20.83149 1.000 775.29128  ? 4  DG D N9    1 
ATOM 658 C C8    . DG D 4 3  ? 6.12043   -9.60473  -21.38357 1.000 760.32076  ? 4  DG D C8    1 
ATOM 659 N N7    . DG D 4 3  ? 6.48086   -8.49603  -21.97516 1.000 786.34241  ? 4  DG D N7    1 
ATOM 660 C C5    . DG D 4 3  ? 7.86058   -8.44868  -21.79959 1.000 817.46541  ? 4  DG D C5    1 
ATOM 661 C C6    . DG D 4 3  ? 8.81048   -7.48342  -22.22477 1.000 841.21199  ? 4  DG D C6    1 
ATOM 662 O O6    . DG D 4 3  ? 8.61740   -6.43695  -22.86269 1.000 843.06847  ? 4  DG D O6    1 
ATOM 663 N N1    . DG D 4 3  ? 10.10312  -7.82804  -21.83449 1.000 854.59775  ? 4  DG D N1    1 
ATOM 664 C C2    . DG D 4 3  ? 10.43494  -8.96012  -21.12772 1.000 848.73136  ? 4  DG D C2    1 
ATOM 665 N N2    . DG D 4 3  ? 11.72842  -9.13096  -20.83581 1.000 847.14410  ? 4  DG D N2    1 
ATOM 666 N N3    . DG D 4 3  ? 9.55937   -9.86671  -20.72800 1.000 827.54479  ? 4  DG D N3    1 
ATOM 667 C C4    . DG D 4 3  ? 8.29768   -9.54902  -21.09808 1.000 812.82503  ? 4  DG D C4    1 
ATOM 668 P P     . DA D 4 4  ? 6.65807   -14.14713 -16.75290 1.000 678.32866  ? 5  DA D P     1 
ATOM 669 O OP1   . DA D 4 4  ? 6.40574   -15.60464 -16.81671 1.000 671.43107  ? 5  DA D OP1   1 
ATOM 670 O OP2   . DA D 4 4  ? 5.61985   -13.24188 -16.21365 1.000 673.49311  ? 5  DA D OP2   1 
ATOM 671 O "O5'" . DA D 4 4  ? 8.00966   -13.87642 -15.93303 1.000 683.64246  ? 5  DA D "O5'" 1 
ATOM 672 C "C5'" . DA D 4 4  ? 9.28060   -14.01500 -16.57742 1.000 693.87275  ? 5  DA D "C5'" 1 
ATOM 673 C "C4'" . DA D 4 4  ? 10.23237  -12.89889 -16.16225 1.000 722.36776  ? 5  DA D "C4'" 1 
ATOM 674 O "O4'" . DA D 4 4  ? 10.11749  -11.79126 -17.08746 1.000 768.58961  ? 5  DA D "O4'" 1 
ATOM 675 C "C3'" . DA D 4 4  ? 9.99318   -12.32877 -14.76089 1.000 713.81631  ? 5  DA D "C3'" 1 
ATOM 676 O "O3'" . DA D 4 4  ? 11.17306  -12.44266 -13.97587 1.000 703.96329  ? 5  DA D "O3'" 1 
ATOM 677 C "C2'" . DA D 4 4  ? 9.60549   -10.86218 -14.99608 1.000 759.43223  ? 5  DA D "C2'" 1 
ATOM 678 C "C1'" . DA D 4 4  ? 10.15257  -10.57165 -16.38696 1.000 793.64070  ? 5  DA D "C1'" 1 
ATOM 679 N N9    . DA D 4 4  ? 9.33776   -9.61529  -17.12552 1.000 817.29736  ? 5  DA D N9    1 
ATOM 680 C C8    . DA D 4 4  ? 7.99833   -9.70855  -17.37106 1.000 802.03532  ? 5  DA D C8    1 
ATOM 681 N N7    . DA D 4 4  ? 7.51563   -8.71002  -18.06625 1.000 824.79620  ? 5  DA D N7    1 
ATOM 682 C C5    . DA D 4 4  ? 8.61586   -7.90157  -18.29444 1.000 854.06481  ? 5  DA D C5    1 
ATOM 683 C C6    . DA D 4 4  ? 8.76735   -6.68133  -18.97791 1.000 870.05633  ? 5  DA D C6    1 
ATOM 684 N N6    . DA D 4 4  ? 7.75552   -6.04557  -19.57729 1.000 861.28796  ? 5  DA D N6    1 
ATOM 685 N N1    . DA D 4 4  ? 10.00141  -6.13792  -19.02185 1.000 877.10232  ? 5  DA D N1    1 
ATOM 686 C C2    . DA D 4 4  ? 11.01138  -6.77869  -18.41979 1.000 865.88517  ? 5  DA D C2    1 
ATOM 687 N N3    . DA D 4 4  ? 10.99107  -7.93021  -17.74814 1.000 856.87673  ? 5  DA D N3    1 
ATOM 688 C C4    . DA D 4 4  ? 9.75077   -8.44481  -17.72288 1.000 848.36692  ? 5  DA D C4    1 
ATOM 689 P P     . DT D 4 5  ? 11.10090  -12.29576 -12.37669 1.000 761.37989  ? 6  DT D P     1 
ATOM 690 O OP1   . DT D 4 5  ? 11.76655  -13.47218 -11.77475 1.000 758.08561  ? 6  DT D OP1   1 
ATOM 691 O OP2   . DT D 4 5  ? 9.70089   -11.98336 -12.01334 1.000 752.33837  ? 6  DT D OP2   1 
ATOM 692 O "O5'" . DT D 4 5  ? 11.99107  -11.00337 -12.08187 1.000 773.29489  ? 6  DT D "O5'" 1 
ATOM 693 C "C5'" . DT D 4 5  ? 13.21759  -10.82055 -12.77735 1.000 784.89399  ? 6  DT D "C5'" 1 
ATOM 694 C "C4'" . DT D 4 5  ? 13.65960  -9.37232  -12.71170 1.000 806.25430  ? 6  DT D "C4'" 1 
ATOM 695 O "O4'" . DT D 4 5  ? 12.85075  -8.57388  -13.61282 1.000 857.03686  ? 6  DT D "O4'" 1 
ATOM 696 C "C3'" . DT D 4 5  ? 13.53493  -8.72895  -11.32866 1.000 793.22780  ? 6  DT D "C3'" 1 
ATOM 697 O "O3'" . DT D 4 5  ? 14.79061  -8.16410  -10.93929 1.000 792.90025  ? 6  DT D "O3'" 1 
ATOM 698 C "C2'" . DT D 4 5  ? 12.44371  -7.66472  -11.51064 1.000 834.34652  ? 6  DT D "C2'" 1 
ATOM 699 C "C1'" . DT D 4 5  ? 12.53531  -7.35343  -12.99571 1.000 866.00547  ? 6  DT D "C1'" 1 
ATOM 700 N N1    . DT D 4 5  ? 11.25818  -6.86251  -13.57365 1.000 904.60846  ? 6  DT D N1    1 
ATOM 701 C C2    . DT D 4 5  ? 11.24848  -5.70092  -14.31278 1.000 909.15994  ? 6  DT D C2    1 
ATOM 702 O O2    . DT D 4 5  ? 12.24693  -5.03511  -14.52587 1.000 891.91242  ? 6  DT D O2    1 
ATOM 703 N N3    . DT D 4 5  ? 10.01711  -5.34473  -14.79762 1.000 926.68260  ? 6  DT D N3    1 
ATOM 704 C C4    . DT D 4 5  ? 8.82277   -6.02025  -14.61870 1.000 928.01310  ? 6  DT D C4    1 
ATOM 705 O O4    . DT D 4 5  ? 7.76493   -5.62315  -15.09287 1.000 933.54164  ? 6  DT D O4    1 
ATOM 706 C C5    . DT D 4 5  ? 8.90759   -7.22744  -13.83447 1.000 905.89560  ? 6  DT D C5    1 
ATOM 707 C C7    . DT D 4 5  ? 7.67804   -8.04370  -13.57365 1.000 872.82811  ? 6  DT D C7    1 
ATOM 708 C C6    . DT D 4 5  ? 10.10548  -7.58491  -13.35637 1.000 902.15011  ? 6  DT D C6    1 
ATOM 709 P P     . DG D 4 6  ? 14.90019  -7.20285  -9.65454  1.000 796.17370  ? 7  DG D P     1 
ATOM 710 O OP1   . DG D 4 6  ? 16.32705  -7.10536  -9.27450  1.000 789.66832  ? 7  DG D OP1   1 
ATOM 711 O OP2   . DG D 4 6  ? 13.91451  -7.64221  -8.64217  1.000 797.85285  ? 7  DG D OP2   1 
ATOM 712 O "O5'" . DG D 4 6  ? 14.43826  -5.78650  -10.21874 1.000 810.78458  ? 7  DG D "O5'" 1 
ATOM 713 C "C5'" . DG D 4 6  ? 14.89480  -4.61129  -9.61506  1.000 809.42157  ? 7  DG D "C5'" 1 
ATOM 714 C "C4'" . DG D 4 6  ? 14.93552  -3.48633  -10.62291 1.000 819.70519  ? 7  DG D "C4'" 1 
ATOM 715 O "O4'" . DG D 4 6  ? 13.88076  -3.67366  -11.60793 1.000 835.69693  ? 7  DG D "O4'" 1 
ATOM 716 C "C3'" . DG D 4 6  ? 14.69923  -2.11258  -10.03029 1.000 823.41337  ? 7  DG D "C3'" 1 
ATOM 717 O "O3'" . DG D 4 6  ? 15.39097  -1.14064  -10.79242 1.000 827.56506  ? 7  DG D "O3'" 1 
ATOM 718 C "C2'" . DG D 4 6  ? 13.18812  -1.96805  -10.16182 1.000 835.64406  ? 7  DG D "C2'" 1 
ATOM 719 C "C1'" . DG D 4 6  ? 12.95325  -2.60892  -11.52059 1.000 854.45607  ? 7  DG D "C1'" 1 
ATOM 720 N N9    . DG D 4 6  ? 11.60427  -3.14976  -11.71507 1.000 887.49275  ? 7  DG D N9    1 
ATOM 721 C C8    . DG D 4 6  ? 11.13206  -4.36935  -11.29250 1.000 896.26116  ? 7  DG D C8    1 
ATOM 722 N N7    . DG D 4 6  ? 9.89019   -4.59178  -11.62695 1.000 923.37162  ? 7  DG D N7    1 
ATOM 723 C C5    . DG D 4 6  ? 9.51416   -3.44951  -12.32158 1.000 929.96440  ? 7  DG D C5    1 
ATOM 724 C C6    . DG D 4 6  ? 8.27748   -3.11604  -12.92702 1.000 945.00060  ? 7  DG D C6    1 
ATOM 725 O O6    . DG D 4 6  ? 7.23811   -3.78775  -12.96675 1.000 948.93361  ? 7  DG D O6    1 
ATOM 726 N N1    . DG D 4 6  ? 8.31893   -1.86001  -13.52908 1.000 940.37141  ? 7  DG D N1    1 
ATOM 727 C C2    . DG D 4 6  ? 9.41950   -1.03296  -13.54372 1.000 921.80095  ? 7  DG D C2    1 
ATOM 728 N N2    . DG D 4 6  ? 9.27743   0.14360   -14.17127 1.000 912.78658  ? 7  DG D N2    1 
ATOM 729 N N3    . DG D 4 6  ? 10.58302  -1.33558  -12.97922 1.000 905.09359  ? 7  DG D N3    1 
ATOM 730 C C4    . DG D 4 6  ? 10.55846  -2.55403  -12.38980 1.000 910.05476  ? 7  DG D C4    1 
ATOM 731 P P     . DC D 4 7  ? 16.39418  -0.11913  -10.06586 1.000 819.87275  ? 8  DC D P     1 
ATOM 732 O OP1   . DC D 4 7  ? 17.68820  -0.17259  -10.77756 1.000 809.77342  ? 8  DC D OP1   1 
ATOM 733 O OP2   . DC D 4 7  ? 16.34696  -0.40371  -8.61406  1.000 815.53965  ? 8  DC D OP2   1 
ATOM 734 O "O5'" . DC D 4 7  ? 15.70533  1.29868   -10.30545 1.000 831.06005  ? 8  DC D "O5'" 1 
ATOM 735 C "C5'" . DC D 4 7  ? 14.30324  1.40492   -10.16842 1.000 846.43932  ? 8  DC D "C5'" 1 
ATOM 736 C "C4'" . DC D 4 7  ? 13.77594  2.65302   -10.83555 1.000 855.78503  ? 8  DC D "C4'" 1 
ATOM 737 O "O4'" . DC D 4 7  ? 12.51193  2.34588   -11.47314 1.000 870.77346  ? 8  DC D "O4'" 1 
ATOM 738 C "C3'" . DC D 4 7  ? 13.44177  3.77274   -9.87755  1.000 852.17373  ? 8  DC D "C3'" 1 
ATOM 739 O "O3'" . DC D 4 7  ? 13.31918  4.99435   -10.59874 1.000 852.64772  ? 8  DC D "O3'" 1 
ATOM 740 C "C2'" . DC D 4 7  ? 12.09529  3.29636   -9.35131  1.000 865.25621  ? 8  DC D "C2'" 1 
ATOM 741 C "C1'" . DC D 4 7  ? 11.44889  2.77435   -10.63654 1.000 876.05852  ? 8  DC D "C1'" 1 
ATOM 742 N N1    . DC D 4 7  ? 10.51549  1.62175   -10.43798 1.000 839.15133  ? 8  DC D N1    1 
ATOM 743 C C2    . DC D 4 7  ? 9.19961   1.70868   -10.90368 1.000 862.75266  ? 8  DC D C2    1 
ATOM 744 O O2    . DC D 4 7  ? 8.82585   2.74909   -11.45504 1.000 857.49850  ? 8  DC D O2    1 
ATOM 745 N N3    . DC D 4 7  ? 8.36788   0.65036   -10.72710 1.000 885.65768  ? 8  DC D N3    1 
ATOM 746 C C4    . DC D 4 7  ? 8.80996   -0.45342  -10.12506 1.000 885.92558  ? 8  DC D C4    1 
ATOM 747 N N4    . DC D 4 7  ? 7.95758   -1.47242  -9.97208  1.000 905.03456  ? 8  DC D N4    1 
ATOM 748 C C5    . DC D 4 7  ? 10.14615  -0.56108  -9.64879  1.000 858.39388  ? 8  DC D C5    1 
ATOM 749 C C6    . DC D 4 7  ? 10.95613  0.48867   -9.82617  1.000 836.04297  ? 8  DC D C6    1 
ATOM 750 P P     . DG D 4 8  ? 13.49290  6.40613   -9.85135  1.000 798.48844  ? 9  DG D P     1 
ATOM 751 O OP1   . DG D 4 8  ? 14.65707  7.09449   -10.44777 1.000 794.49750  ? 9  DG D OP1   1 
ATOM 752 O OP2   . DG D 4 8  ? 13.44259  6.16205   -8.39337  1.000 795.99792  ? 9  DG D OP2   1 
ATOM 753 O "O5'" . DG D 4 8  ? 12.17992  7.21024   -10.26942 1.000 802.98256  ? 9  DG D "O5'" 1 
ATOM 754 C "C5'" . DG D 4 8  ? 11.04605  6.49851   -10.73679 1.000 809.46653  ? 9  DG D "C5'" 1 
ATOM 755 C "C4'" . DG D 4 8  ? 9.82094   7.38909   -10.76774 1.000 810.89154  ? 9  DG D "C4'" 1 
ATOM 756 O "O4'" . DG D 4 8  ? 8.63769   6.56450   -10.68097 1.000 814.61344  ? 9  DG D "O4'" 1 
ATOM 757 C "C3'" . DG D 4 8  ? 9.69389   8.33580   -9.59413  1.000 807.99923  ? 9  DG D "C3'" 1 
ATOM 758 O "O3'" . DG D 4 8  ? 8.77592   9.37592   -9.92132  1.000 807.89666  ? 9  DG D "O3'" 1 
ATOM 759 C "C2'" . DG D 4 8  ? 9.13619   7.40675   -8.51902  1.000 809.49821  ? 9  DG D "C2'" 1 
ATOM 760 C "C1'" . DG D 4 8  ? 8.18913   6.52116   -9.33547  1.000 811.48690  ? 9  DG D "C1'" 1 
ATOM 761 N N9    . DG D 4 8  ? 8.16329   5.12491   -8.91344  1.000 830.31819  ? 9  DG D N9    1 
ATOM 762 C C8    . DG D 4 8  ? 9.20252   4.39214   -8.39981  1.000 821.10122  ? 9  DG D C8    1 
ATOM 763 N N7    . DG D 4 8  ? 8.88378   3.15553   -8.12869  1.000 839.53409  ? 9  DG D N7    1 
ATOM 764 C C5    . DG D 4 8  ? 7.54276   3.06648   -8.48410  1.000 864.46521  ? 9  DG D C5    1 
ATOM 765 C C6    . DG D 4 8  ? 6.64523   1.97128   -8.41797  1.000 889.62140  ? 9  DG D C6    1 
ATOM 766 O O6    . DG D 4 8  ? 6.86001   0.81774   -8.01521  1.000 896.97266  ? 9  DG D O6    1 
ATOM 767 N N1    . DG D 4 8  ? 5.37785   2.31892   -8.88089  1.000 899.01035  ? 9  DG D N1    1 
ATOM 768 C C2    . DG D 4 8  ? 5.02481   3.56232   -9.35070  1.000 885.06715  ? 9  DG D C2    1 
ATOM 769 N N2    . DG D 4 8  ? 3.75732   3.71614   -9.75334  1.000 884.84475  ? 9  DG D N2    1 
ATOM 770 N N3    . DG D 4 8  ? 5.85330   4.58988   -9.41707  1.000 865.21029  ? 9  DG D N3    1 
ATOM 771 C C4    . DG D 4 8  ? 7.08938   4.27153   -8.97055  1.000 856.49258  ? 9  DG D C4    1 
ATOM 772 P P     . DG D 4 9  ? 8.39717   10.50321  -8.84139  1.000 815.32116  ? 10 DG D P     1 
ATOM 773 O OP1   . DG D 4 9  ? 8.01753   11.73209  -9.57461  1.000 805.34784  ? 10 DG D OP1   1 
ATOM 774 O OP2   . DG D 4 9  ? 9.48056   10.54858  -7.83609  1.000 798.68060  ? 10 DG D OP2   1 
ATOM 775 O "O5'" . DG D 4 9  ? 7.10135   9.91369   -8.12006  1.000 823.58815  ? 10 DG D "O5'" 1 
ATOM 776 C "C5'" . DG D 4 9  ? 6.03339   9.38269   -8.89576  1.000 835.44315  ? 10 DG D "C5'" 1 
ATOM 777 C "C4'" . DG D 4 9  ? 4.94131   8.85149   -7.99256  1.000 843.11462  ? 10 DG D "C4'" 1 
ATOM 778 O "O4'" . DG D 4 9  ? 5.11508   7.41691   -7.78521  1.000 873.05223  ? 10 DG D "O4'" 1 
ATOM 779 C "C3'" . DG D 4 9  ? 4.92511   9.46828   -6.58766  1.000 828.45679  ? 10 DG D "C3'" 1 
ATOM 780 O "O3'" . DG D 4 9  ? 3.57852   9.64504   -6.10985  1.000 831.01359  ? 10 DG D "O3'" 1 
ATOM 781 C "C2'" . DG D 4 9  ? 5.64583   8.40495   -5.77451  1.000 842.53788  ? 10 DG D "C2'" 1 
ATOM 782 C "C1'" . DG D 4 9  ? 5.03013   7.17651   -6.40194  1.000 879.06783  ? 10 DG D "C1'" 1 
ATOM 783 N N9    . DG D 4 9  ? 5.67562   5.91192   -6.05748  1.000 831.58531  ? 10 DG D N9    1 
ATOM 784 C C8    . DG D 4 9  ? 7.00317   5.68917   -5.77418  1.000 811.96206  ? 10 DG D C8    1 
ATOM 785 N N7    . DG D 4 9  ? 7.26678   4.44129   -5.48222  1.000 819.49188  ? 10 DG D N7    1 
ATOM 786 C C5    . DG D 4 9  ? 6.03179   3.80421   -5.56974  1.000 850.22273  ? 10 DG D C5    1 
ATOM 787 C C6    . DG D 4 9  ? 5.67829   2.44591   -5.36196  1.000 869.30058  ? 10 DG D C6    1 
ATOM 788 O O6    . DG D 4 9  ? 6.41027   1.49534   -5.04874  1.000 859.04285  ? 10 DG D O6    1 
ATOM 789 N N1    . DG D 4 9  ? 4.31306   2.23447   -5.55721  1.000 892.06424  ? 10 DG D N1    1 
ATOM 790 C C2    . DG D 4 9  ? 3.40917   3.21124   -5.90670  1.000 887.15842  ? 10 DG D C2    1 
ATOM 791 N N2    . DG D 4 9  ? 2.13414   2.83251   -6.05013  1.000 881.84619  ? 10 DG D N2    1 
ATOM 792 N N3    . DG D 4 9  ? 3.72853   4.47706   -6.10064  1.000 870.56349  ? 10 DG D N3    1 
ATOM 793 C C4    . DG D 4 9  ? 5.04880   4.70061   -5.91668  1.000 855.70446  ? 10 DG D C4    1 
ATOM 794 P P     . DT D 4 10 ? 2.29799   9.47260   -7.07278  1.000 773.41924  ? 11 DT D P     1 
ATOM 795 O OP1   . DT D 4 10 ? 2.13567   8.05020   -7.45449  1.000 786.03695  ? 11 DT D OP1   1 
ATOM 796 O OP2   . DT D 4 10 ? 2.33696   10.53822  -8.09951  1.000 747.36646  ? 11 DT D OP2   1 
ATOM 797 O "O5'" . DT D 4 10 ? 1.06548   9.78505   -6.10965  1.000 775.26474  ? 11 DT D "O5'" 1 
ATOM 798 C "C5'" . DT D 4 10 ? -0.10078  8.98317   -6.18827  1.000 772.34154  ? 11 DT D "C5'" 1 
ATOM 799 C "C4'" . DT D 4 10 ? -0.37261  8.28212   -4.86624  1.000 786.44248  ? 11 DT D "C4'" 1 
ATOM 800 O "O4'" . DT D 4 10 ? 0.66162   7.29463   -4.59232  1.000 810.55903  ? 11 DT D "O4'" 1 
ATOM 801 C "C3'" . DT D 4 10 ? -0.41624  9.19349   -3.62625  1.000 789.43356  ? 11 DT D "C3'" 1 
ATOM 802 O "O3'" . DT D 4 10 ? -1.54522  8.85148   -2.81093  1.000 778.66391  ? 11 DT D "O3'" 1 
ATOM 803 C "C2'" . DT D 4 10 ? 0.89225   8.84169   -2.90977  1.000 814.25481  ? 11 DT D "C2'" 1 
ATOM 804 C "C1'" . DT D 4 10 ? 0.94605   7.36146   -3.22020  1.000 824.58461  ? 11 DT D "C1'" 1 
ATOM 805 N N1    . DT D 4 10 ? 2.25122   6.67723   -2.92425  1.000 845.03811  ? 11 DT D N1    1 
ATOM 806 C C2    . DT D 4 10 ? 2.24324   5.32019   -2.72055  1.000 857.95504  ? 11 DT D C2    1 
ATOM 807 O O2    . DT D 4 10 ? 1.23228   4.64355   -2.78801  1.000 848.10194  ? 11 DT D O2    1 
ATOM 808 N N3    . DT D 4 10 ? 3.45981   4.77055   -2.44214  1.000 860.02524  ? 11 DT D N3    1 
ATOM 809 C C4    . DT D 4 10 ? 4.66829   5.42488   -2.33966  1.000 828.73339  ? 11 DT D C4    1 
ATOM 810 O O4    . DT D 4 10 ? 5.70956   4.83116   -2.08281  1.000 807.59781  ? 11 DT D O4    1 
ATOM 811 C C5    . DT D 4 10 ? 4.61735   6.85326   -2.55230  1.000 816.34959  ? 11 DT D C5    1 
ATOM 812 C C7    . DT D 4 10 ? 5.87219   7.67017   -2.45854  1.000 781.01541  ? 11 DT D C7    1 
ATOM 813 C C6    . DT D 4 10 ? 3.42069   7.40940   -2.82829  1.000 830.29709  ? 11 DT D C6    1 
ATOM 814 P P     . DG D 4 11 ? -3.04942  8.96172   -3.37425  1.000 751.23543  ? 12 DG D P     1 
ATOM 815 O OP1   . DG D 4 11 ? -3.33918  7.77770   -4.21481  1.000 748.37464  ? 12 DG D OP1   1 
ATOM 816 O OP2   . DG D 4 11 ? -3.21436  10.32556  -3.92690  1.000 737.49494  ? 12 DG D OP2   1 
ATOM 817 O "O5'" . DG D 4 11 ? -3.95370  8.82780   -2.06014  1.000 738.86113  ? 12 DG D "O5'" 1 
ATOM 818 C "C5'" . DG D 4 11 ? -3.41231  8.22751   -0.88921  1.000 759.05132  ? 12 DG D "C5'" 1 
ATOM 819 C "C4'" . DG D 4 11 ? -4.12593  6.93127   -0.54693  1.000 745.31986  ? 12 DG D "C4'" 1 
ATOM 820 O "O4'" . DG D 4 11 ? -3.21146  5.82444   -0.70830  1.000 767.00634  ? 12 DG D "O4'" 1 
ATOM 821 C "C3'" . DG D 4 11 ? -4.58446  6.83449   0.89310   1.000 742.66662  ? 12 DG D "C3'" 1 
ATOM 822 O "O3'" . DG D 4 11 ? -5.63752  5.89404   1.01589   1.000 708.52180  ? 12 DG D "O3'" 1 
ATOM 823 C "C2'" . DG D 4 11 ? -3.32146  6.35931   1.60508   1.000 777.99667  ? 12 DG D "C2'" 1 
ATOM 824 C "C1'" . DG D 4 11 ? -2.64190  5.48546   0.54473   1.000 787.90258  ? 12 DG D "C1'" 1 
ATOM 825 N N9    . DG D 4 11 ? -1.19212  5.68043   0.45275   1.000 819.56814  ? 12 DG D N9    1 
ATOM 826 C C8    . DG D 4 11 ? -0.52818  6.85127   0.16900   1.000 827.16395  ? 12 DG D C8    1 
ATOM 827 N N7    . DG D 4 11 ? 0.76990   6.72181   0.14232   1.000 844.94105  ? 12 DG D N7    1 
ATOM 828 C C5    . DG D 4 11 ? 0.98338   5.37950   0.42200   1.000 902.18490  ? 12 DG D C5    1 
ATOM 829 C C6    . DG D 4 11 ? 2.19360   4.65336   0.52747   1.000 848.45768  ? 12 DG D C6    1 
ATOM 830 O O6    . DG D 4 11 ? 3.35100   5.06769   0.38848   1.000 836.82947  ? 12 DG D O6    1 
ATOM 831 N N1    . DG D 4 11 ? 1.96642   3.31428   0.82583   1.000 844.37877  ? 12 DG D N1    1 
ATOM 832 C C2    . DG D 4 11 ? 0.72472   2.74683   1.00126   1.000 842.46677  ? 12 DG D C2    1 
ATOM 833 N N2    . DG D 4 11 ? 0.70014   1.43632   1.28287   1.000 826.46408  ? 12 DG D N2    1 
ATOM 834 N N3    . DG D 4 11 ? -0.41762  3.41663   0.90512   1.000 886.42317  ? 12 DG D N3    1 
ATOM 835 C C4    . DG D 4 11 ? -0.21345  4.72293   0.61455   1.000 837.53973  ? 12 DG D C4    1 
ATOM 836 P P     . DT D 4 12 ? -6.63824  5.97962   2.26938   1.000 701.12004  ? 13 DT D P     1 
ATOM 837 O OP1   . DT D 4 12 ? -7.88364  5.28136   1.88535   1.000 691.88929  ? 13 DT D OP1   1 
ATOM 838 O OP2   . DT D 4 12 ? -6.69241  7.39346   2.70881   1.000 709.76085  ? 13 DT D OP2   1 
ATOM 839 O "O5'" . DT D 4 12 ? -5.90409  5.12668   3.40808   1.000 708.71428  ? 13 DT D "O5'" 1 
ATOM 840 C "C5'" . DT D 4 12 ? -6.04828  3.71260   3.43455   1.000 685.88284  ? 13 DT D "C5'" 1 
ATOM 841 C "C4'" . DT D 4 12 ? -5.09354  3.08219   4.43375   1.000 709.29607  ? 13 DT D "C4'" 1 
ATOM 842 O "O4'" . DT D 4 12 ? -3.78674  2.95983   3.84638   1.000 746.05492  ? 13 DT D "O4'" 1 
ATOM 843 C "C3'" . DT D 4 12 ? -4.86340  3.88013   5.70320   1.000 724.89223  ? 13 DT D "C3'" 1 
ATOM 844 O "O3'" . DT D 4 12 ? -5.87872  3.58267   6.65389   1.000 692.60789  ? 13 DT D "O3'" 1 
ATOM 845 C "C2'" . DT D 4 12 ? -3.49437  3.37712   6.17406   1.000 751.79069  ? 13 DT D "C2'" 1 
ATOM 846 C "C1'" . DT D 4 12 ? -2.82510  2.88664   4.87945   1.000 767.22104  ? 13 DT D "C1'" 1 
ATOM 847 N N1    . DT D 4 12 ? -1.63074  3.69014   4.48287   1.000 793.22122  ? 13 DT D N1    1 
ATOM 848 C C2    . DT D 4 12 ? -0.43443  3.04932   4.26612   1.000 797.90704  ? 13 DT D C2    1 
ATOM 849 O O2    . DT D 4 12 ? -0.29603  1.84585   4.37525   1.000 782.39560  ? 13 DT D O2    1 
ATOM 850 N N3    . DT D 4 12 ? 0.60255   3.87019   3.91147   1.000 806.16746  ? 13 DT D N3    1 
ATOM 851 C C4    . DT D 4 12 ? 0.56507   5.23985   3.75638   1.000 807.89275  ? 13 DT D C4    1 
ATOM 852 O O4    . DT D 4 12 ? 1.55373   5.88908   3.43370   1.000 801.76680  ? 13 DT D O4    1 
ATOM 853 C C5    . DT D 4 12 ? -0.72001  5.85385   3.99675   1.000 807.47824  ? 13 DT D C5    1 
ATOM 854 C C7    . DT D 4 12 ? -0.87807  7.33867   3.86594   1.000 802.35615  ? 13 DT D C7    1 
ATOM 855 C C6    . DT D 4 12 ? -1.74538  5.05762   4.34759   1.000 802.32856  ? 13 DT D C6    1 
# 
loop_
_atom_site_anisotrop.id 
_atom_site_anisotrop.type_symbol 
_atom_site_anisotrop.pdbx_label_atom_id 
_atom_site_anisotrop.pdbx_label_alt_id 
_atom_site_anisotrop.pdbx_label_comp_id 
_atom_site_anisotrop.pdbx_label_asym_id 
_atom_site_anisotrop.pdbx_label_seq_id 
_atom_site_anisotrop.pdbx_PDB_ins_code 
_atom_site_anisotrop.U[1][1] 
_atom_site_anisotrop.U[2][2] 
_atom_site_anisotrop.U[3][3] 
_atom_site_anisotrop.U[1][2] 
_atom_site_anisotrop.U[1][3] 
_atom_site_anisotrop.U[2][3] 
_atom_site_anisotrop.pdbx_auth_seq_id 
_atom_site_anisotrop.pdbx_auth_comp_id 
_atom_site_anisotrop.pdbx_auth_asym_id 
_atom_site_anisotrop.pdbx_auth_atom_id 
1   P P     . DT A 1  ? 11.43066 6.51985  6.16592  -1.12289 -2.52718 1.63869  16 DT A P     
2   O OP1   . DT A 1  ? 11.47108 6.46852  5.88466  -1.26470 -2.60240 1.80448  16 DT A OP1   
3   O OP2   . DT A 1  ? 11.62799 6.59581  6.33461  -0.97314 -2.59394 1.54898  16 DT A OP2   
4   O "O5'" . DT A 1  ? 11.40617 6.38767  6.28093  -1.14505 -2.29150 1.59456  16 DT A "O5'" 
5   C "C5'" . DT A 1  ? 11.10520 6.38820  6.36647  -1.18037 -2.15816 1.51926  16 DT A "C5'" 
6   C "C4'" . DT A 1  ? 11.15311 6.24656  6.42931  -1.22800 -1.95555 1.51791  16 DT A "C4'" 
7   O "O4'" . DT A 1  ? 10.86612 6.24322  6.47684  -1.28993 -1.84586 1.47390  16 DT A "O4'" 
8   C "C3'" . DT A 1  ? 11.38596 6.39380  6.83845  -1.10373 -1.82296 1.36710  16 DT A "C3'" 
9   O "O3'" . DT A 1  ? 11.55173 6.24501  6.81931  -1.16761 -1.67873 1.42182  16 DT A "O3'" 
10  C "C2'" . DT A 1  ? 11.28871 6.70876  7.27944  -1.05139 -1.72264 1.19836  16 DT A "C2'" 
11  C "C1'" . DT A 1  ? 10.89747 6.43988  6.91959  -1.19642 -1.69169 1.29118  16 DT A "C1'" 
12  N N1    . DT A 1  ? 10.73369 6.72072  7.17543  -1.17783 -1.70110 1.19019  16 DT A N1    
13  C C2    . DT A 1  ? 10.90073 7.08843  7.74888  -1.15758 -1.53372 1.05538  16 DT A C2    
14  O O2    . DT A 1  ? 11.19436 7.22037  8.08116  -1.15744 -1.37323 1.01275  16 DT A O2    
15  N N3    . DT A 1  ? 10.67027 7.25646  7.87566  -1.14149 -1.56122 0.97073  16 DT A N3    
16  C C4    . DT A 1  ? 10.25614 7.06379  7.45593  -1.14413 -1.73234 1.00409  16 DT A C4    
17  O O4    . DT A 1  ? 10.01467 7.18070  7.55323  -1.12841 -1.74069 0.91690  16 DT A O4    
18  C C5    . DT A 1  ? 10.10443 6.68938  6.86549  -1.17118 -1.90059 1.14818  16 DT A C5    
19  C C7    . DT A 1  ? 9.92532  6.72182  6.62868  -1.18638 -2.09341 1.19734  16 DT A C7    
20  C C6    . DT A 1  ? 10.38600 6.57277  6.79302  -1.18653 -1.87847 1.23433  16 DT A C6    
21  P P     . DC A 2  ? 11.34342 5.73960  6.50141  -1.06827 -1.59619 1.35082  17 DC A P     
22  O OP1   . DC A 2  ? 11.58391 5.57496  6.33427  -1.17505 -1.54447 1.49714  17 DC A OP1   
23  O OP2   . DC A 2  ? 11.45337 5.86427  6.57310  -0.93459 -1.74822 1.29326  17 DC A OP2   
24  O "O5'" . DC A 2  ? 11.40174 6.02259  7.03788  -1.00512 -1.39083 1.15980  17 DC A "O5'" 
25  C "C5'" . DC A 2  ? 11.29784 5.99398  7.09600  -1.11243 -1.23490 1.16812  17 DC A "C5'" 
26  C "C4'" . DC A 2  ? 11.52428 6.47301  7.79790  -1.03359 -1.07029 0.96903  17 DC A "C4'" 
27  O "O4'" . DC A 2  ? 11.41802 6.78404  8.06575  -1.02464 -1.10557 0.89721  17 DC A "O4'" 
28  C "C3'" . DC A 2  ? 11.88573 6.83192  8.27572  -0.86792 -1.06199 0.81808  17 DC A "C3'" 
29  O "O3'" . DC A 2  ? 12.00570 6.93266  8.60222  -0.84527 -0.85554 0.69726  17 DC A "O3'" 
30  C "C2'" . DC A 2  ? 11.94005 7.28832  8.68106  -0.77443 -1.16211 0.70627  17 DC A "C2'" 
31  C "C1'" . DC A 2  ? 11.68668 7.29381  8.68492  -0.87814 -1.08977 0.71162  17 DC A "C1'" 
32  N N1    . DC A 2  ? 11.56400 7.54130  8.80808  -0.84856 -1.21360 0.67172  17 DC A N1    
33  C C2    . DC A 2  ? 11.47016 7.78538  9.12829  -0.86986 -1.12442 0.57645  17 DC A C2    
34  O O2    . DC A 2  ? 11.44606 7.73955  9.25273  -0.91715 -0.94621 0.53122  17 DC A O2    
35  N N3    . DC A 2  ? 11.28496 7.93697  9.16251  -0.84169 -1.23798 0.53681  17 DC A N3    
36  C C4    . DC A 2  ? 11.09567 7.75530  8.79127  -0.79916 -1.43082 0.59038  17 DC A C4    
37  N N4    . DC A 2  ? 10.72540 7.72630  8.64515  -0.77717 -1.53501 0.54667  17 DC A N4    
38  C C5    . DC A 2  ? 11.23208 7.54481  8.50231  -0.77974 -1.52738 0.69001  17 DC A C5    
39  C C6    . DC A 2  ? 11.48398 7.46484  8.54466  -0.80271 -1.41420 0.72593  17 DC A C6    
40  P P     . DA A 3  ? 11.22113 5.92664  7.72923  -0.72475 -0.79939 0.60352  18 DA A P     
41  O OP1   . DA A 3  ? 11.21571 5.48030  7.24899  -0.80682 -0.78850 0.75299  18 DA A OP1   
42  O OP2   . DA A 3  ? 11.43107 6.28826  8.04513  -0.57116 -0.94725 0.51306  18 DA A OP2   
43  O "O5'" . DA A 3  ? 11.20229 6.07060  8.10361  -0.70608 -0.56850 0.43432  18 DA A "O5'" 
44  C "C5'" . DA A 3  ? 11.41621 6.52240  8.67607  -0.55493 -0.53120 0.23494  18 DA A "C5'" 
45  C "C4'" . DA A 3  ? 11.30159 6.80327  9.04813  -0.56815 -0.42807 0.11230  18 DA A "C4'" 
46  O "O4'" . DA A 3  ? 11.14783 6.87585  8.96815  -0.61151 -0.56601 0.17978  18 DA A "O4'" 
47  C "C3'" . DA A 3  ? 11.48589 7.26603  9.63981  -0.41287 -0.38215 -0.10494 18 DA A "C3'" 
48  O "O3'" . DA A 3  ? 11.34966 7.33256  9.86415  -0.45218 -0.18918 -0.22081 18 DA A "O3'" 
49  C "C2'" . DA A 3  ? 11.50073 7.56145  9.80446  -0.34844 -0.56784 -0.11762 18 DA A "C2'" 
50  C "C1'" . DA A 3  ? 11.22286 7.33368  9.46279  -0.50112 -0.59567 0.02062  18 DA A "C1'" 
51  N N9    . DA A 3  ? 11.18402 7.44266  9.37589  -0.49200 -0.80087 0.09065  18 DA A N9    
52  C C8    . DA A 3  ? 11.26075 7.31142  9.06516  -0.49216 -0.98228 0.22646  18 DA A C8    
53  N N7    . DA A 3  ? 11.24557 7.50874  9.09755  -0.49289 -1.14067 0.26213  18 DA A N7    
54  C C5    . DA A 3  ? 11.11612 7.75103  9.42116  -0.48813 -1.05822 0.13967  18 DA A C5    
55  C C6    . DA A 3  ? 10.89950 7.89427  9.46731  -0.48601 -1.14606 0.10455  18 DA A C6    
56  N N6    . DA A 3  ? 10.69145 7.73456  9.09136  -0.49180 -1.34204 0.19419  18 DA A N6    
57  N N1    . DA A 3  ? 10.68172 7.98391  9.68621  -0.48157 -1.02483 -0.02741 18 DA A N1    
58  C C2    . DA A 3  ? 10.71151 7.96610  9.87632  -0.48385 -0.82898 -0.11635 18 DA A C2    
59  N N3    . DA A 3  ? 10.88849 7.82691  9.83884  -0.49010 -0.72601 -0.09569 18 DA A N3    
60  C C4    . DA A 3  ? 11.03963 7.67524  9.55912  -0.48882 -0.85070 0.03437  18 DA A C4    
61  P P     . DC A 4  ? 10.58491 6.45552  9.17740  -0.42133 0.01708  -0.34311 19 DC A P     
62  O OP1   . DC A 4  ? 10.38789 6.02718  8.78839  -0.58498 0.15478  -0.23663 19 DC A OP1   
63  O OP2   . DC A 4  ? 10.90476 6.59407  9.31169  -0.28444 -0.05583 -0.38207 19 DC A OP2   
64  O "O5'" . DC A 4  ? 10.45435 6.74762  9.60413  -0.35894 0.12546  -0.54931 19 DC A "O5'" 
65  C "C5'" . DC A 4  ? 10.61784 7.11768  10.01894 -0.18619 0.08037  -0.71426 19 DC A "C5'" 
66  C "C4'" . DC A 4  ? 10.46416 7.38740  10.27426 -0.14729 0.02118  -0.80466 19 DC A "C4'" 
67  O "O4'" . DC A 4  ? 10.49287 7.42284  10.12773 -0.17429 -0.17770 -0.66864 19 DC A "O4'" 
68  C "C3'" . DC A 4  ? 10.53513 7.71961  10.67388 0.03072  -0.00742 -0.99746 19 DC A "C3'" 
69  O "O3'" . DC A 4  ? 10.22861 7.70996  10.81471 0.03115  0.16425  -1.16410 19 DC A "O3'" 
70  C "C2'" . DC A 4  ? 10.59593 7.95774  10.76470 0.09231  -0.22996 -0.96322 19 DC A "C2'" 
71  C "C1'" . DC A 4  ? 10.50278 7.76369  10.43338 -0.06267 -0.29337 -0.77217 19 DC A "C1'" 
72  N N1    . DC A 4  ? 10.67571 7.83595  10.30908 -0.04170 -0.52399 -0.64174 19 DC A N1    
73  C C2    . DC A 4  ? 10.51827 7.95155  10.30291 -0.04815 -0.65657 -0.62536 19 DC A C2    
74  O O2    . DC A 4  ? 10.24372 7.99487  10.41105 -0.06492 -0.58237 -0.72175 19 DC A O2    
75  N N3    . DC A 4  ? 10.62716 7.96660  10.12779 -0.03970 -0.86319 -0.50464 19 DC A N3    
76  C C4    . DC A 4  ? 10.87440 7.85744  9.95634  -0.02582 -0.94019 -0.40111 19 DC A C4    
77  N N4    . DC A 4  ? 10.94038 7.84118  9.74643  -0.02617 -1.14645 -0.28198 19 DC A N4    
78  C C5    . DC A 4  ? 11.02078 7.71602  9.94425  -0.01384 -0.80972 -0.41703 19 DC A C5    
79  C C6    . DC A 4  ? 10.93378 7.73356  10.14267 -0.02258 -0.60282 -0.53890 19 DC A C6    
80  P P     . DA A 5  ? 9.20589  7.04003  10.14846 -0.04305 0.18342  -1.19442 20 DA A P     
81  O OP1   . DA A 5  ? 9.15004  6.85155  9.85538  -0.19612 0.13905  -1.00983 20 DA A OP1   
82  O OP2   . DA A 5  ? 9.12196  7.15387  10.43524 -0.04631 0.38626  -1.36055 20 DA A OP2   
83  O "O5'" . DA A 5  ? 9.27669  7.40340  10.43436 0.09323  0.00177  -1.27013 20 DA A "O5'" 
84  C "C5'" . DA A 5  ? 9.17460  7.49369  10.40962 0.04361  -0.11739 -1.20528 20 DA A "C5'" 
85  C "C4'" . DA A 5  ? 9.32045  7.80857  10.62299 0.17876  -0.31676 -1.24663 20 DA A "C4'" 
86  O "O4'" . DA A 5  ? 9.66222  7.86109  10.52007 0.18247  -0.48398 -1.09030 20 DA A "O4'" 
87  C "C3'" . DA A 5  ? 9.34751  7.97745  10.89886 0.34893  -0.30194 -1.43284 20 DA A "C3'" 
88  O "O3'" . DA A 5  ? 9.08300  8.11366  11.04660 0.41194  -0.34496 -1.55839 20 DA A "O3'" 
89  C "C2'" . DA A 5  ? 9.75366  8.13438  10.95336 0.44594  -0.47825 -1.36199 20 DA A "C2'" 
90  C "C1'" . DA A 5  ? 9.85811  8.12602  10.75521 0.33966  -0.62360 -1.16718 20 DA A "C1'" 
91  N N9    . DA A 5  ? 10.20835 8.12343  10.63427 0.35337  -0.76297 -1.02705 20 DA A N9    
92  C C8    . DA A 5  ? 10.41037 7.97078  10.52980 0.36321  -0.71083 -0.98435 20 DA A C8    
93  N N7    . DA A 5  ? 10.67985 7.96693  10.38913 0.36997  -0.87529 -0.84800 20 DA A N7    
94  C C5    . DA A 5  ? 10.65532 8.13858  10.40684 0.36050  -1.04430 -0.79819 20 DA A C5    
95  C C6    . DA A 5  ? 10.77441 8.13808  10.20796 0.35317  -1.26352 -0.66145 20 DA A C6    
96  N N6    . DA A 5  ? 11.07849 8.06799  10.06421 0.35600  -1.35804 -0.54164 20 DA A N6    
97  N N1    . DA A 5  ? 10.37743 8.02184  9.96608  0.33847  -1.38345 -0.65302 20 DA A N1    
98  C C2    . DA A 5  ? 10.03876 8.04779  10.06753 0.33524  -1.29154 -0.77258 20 DA A C2    
99  N N3    . DA A 5  ? 10.01794 8.16591  10.37289 0.34166  -1.09294 -0.90405 20 DA A N3    
100 C C4    . DA A 5  ? 10.34169 8.21249  10.53414 0.35219  -0.97571 -0.90903 20 DA A C4    
101 P P     . DC A 6  ? 10.04028 9.37475  12.49103 0.43714  -0.15734 -1.75817 21 DC A P     
102 O OP1   . DC A 6  ? 10.13946 9.49337  12.68941 0.60120  -0.15905 -1.89935 21 DC A OP1   
103 O OP2   . DC A 6  ? 9.60576  9.29443  12.38774 0.40373  -0.18635 -1.80287 21 DC A OP2   
104 O "O5'" . DC A 6  ? 10.03081 9.15398  12.36457 0.29207  0.05158  -1.70497 21 DC A "O5'" 
105 C "C5'" . DC A 6  ? 9.68879  9.00303  12.37032 0.25241  0.25216  -1.83840 21 DC A "C5'" 
106 C "C4'" . DC A 6  ? 9.68252  9.10311  12.58517 0.39251  0.32543  -2.02242 21 DC A "C4'" 
107 O "O4'" . DC A 6  ? 9.63889  8.95275  12.56426 0.32543  0.54567  -2.07377 21 DC A "O4'" 
108 C "C3'" . DC A 6  ? 9.29872  9.14778  12.69231 0.48089  0.32733  -2.20411 21 DC A "C3'" 
109 O "O3'" . DC A 6  ? 9.32115  9.29150  12.72963 0.59425  0.11548  -2.20338 21 DC A "O3'" 
110 C "C2'" . DC A 6  ? 9.33829  9.19040  12.81186 0.57272  0.46345  -2.32984 21 DC A "C2'" 
111 C "C1'" . DC A 6  ? 9.46732  9.03887  12.76687 0.43364  0.63901  -2.28251 21 DC A "C1'" 
112 N N1    . DC A 6  ? 9.09183  8.80518  12.51879 0.33194  0.81826  -2.28697 21 DC A N1    
113 C C2    . DC A 6  ? 8.87490  8.76965  12.29602 0.43009  0.88750  -2.30099 21 DC A C2    
114 O O2    . DC A 6  ? 9.00018  8.93111  12.33841 0.59444  0.82377  -2.31833 21 DC A O2    
115 N N3    . DC A 6  ? 8.53399  8.55125  12.03456 0.34132  1.01837  -2.28562 21 DC A N3    
116 C C4    . DC A 6  ? 8.40916  8.36069  11.97634 0.16196  1.08611  -2.25551 21 DC A C4    
117 N N4    . DC A 6  ? 8.14854  8.21701  11.77853 0.08040  1.19902  -2.23618 21 DC A N4    
118 C C5    . DC A 6  ? 8.62523  8.38170  12.19326 0.05757  1.03846  -2.23436 21 DC A C5    
119 C C6    . DC A 6  ? 8.96156  8.60550  12.44049 0.14924  0.89885  -2.23972 21 DC A C6    
120 P P     . DC A 7  ? 9.51711  9.87444  13.27276 0.59728  0.03154  -2.25787 22 DC A P     
121 O OP1   . DC A 7  ? 9.63858  9.96586  13.19927 0.65503  -0.20457 -2.16388 22 DC A OP1   
122 O OP2   . DC A 7  ? 9.21618  9.64594  13.08766 0.43747  0.16135  -2.22410 22 DC A OP2   
123 O "O5'" . DC A 7  ? 9.23720  9.85815  13.20960 0.72793  0.09876  -2.36500 22 DC A "O5'" 
124 C "C5'" . DC A 7  ? 9.44108  10.01533 13.24684 0.88696  0.00721  -2.34999 22 DC A "C5'" 
125 C "C4'" . DC A 7  ? 9.26710  9.94608  13.06211 0.97355  0.16018  -2.34603 22 DC A "C4'" 
126 O "O4'" . DC A 7  ? 9.39629  9.91262  13.09227 0.90915  0.34228  -2.34966 22 DC A "O4'" 
127 C "C3'" . DC A 7  ? 8.70490  9.73227  12.75841 0.96815  0.21201  -2.35228 22 DC A "C3'" 
128 O "O3'" . DC A 7  ? 8.51826  9.71529  12.62531 1.07889  0.08656  -2.33526 22 DC A "O3'" 
129 C "C2'" . DC A 7  ? 8.64125  9.67238  12.64345 0.99647  0.40260  -2.34494 22 DC A "C2'" 
130 C "C1'" . DC A 7  ? 9.01128  9.74228  12.83174 0.90952  0.48542  -2.34946 22 DC A "C1'" 
131 N N1    . DC A 7  ? 8.80635  9.56489  12.74958 0.73959  0.59019  -2.35599 22 DC A N1    
132 C C2    . DC A 7  ? 8.48276  9.39017  12.50258 0.70894  0.73650  -2.34837 22 DC A C2    
133 O O2    . DC A 7  ? 8.37030  9.39742  12.37153 0.82635  0.77598  -2.33887 22 DC A O2    
134 N N3    . DC A 7  ? 8.29918  9.21016  12.40726 0.54949  0.82634  -2.34326 22 DC A N3    
135 C C4    . DC A 7  ? 8.42806  9.19718  12.55669 0.42374  0.79049  -2.34283 22 DC A C4    
136 N N4    . DC A 7  ? 8.23359  8.99279  12.43817 0.26475  0.89071  -2.32547 22 DC A N4    
137 C C5    . DC A 7  ? 8.76250  9.38696  12.82839 0.45485  0.64434  -2.35134 22 DC A C5    
138 C C6    . DC A 7  ? 8.94035  9.56704  12.90985 0.61400  0.54019  -2.35923 22 DC A C6    
139 P P     . DA A 8  ? 8.12554  9.56533  12.44779 1.03790  -0.06371 -2.34311 23 DA A P     
140 O OP1   . DA A 8  ? 7.87298  9.48485  12.23192 1.15793  -0.14289 -2.31419 23 DA A OP1   
141 O OP2   . DA A 8  ? 8.38721  9.65518  12.63296 0.96607  -0.20195 -2.35031 23 DA A OP2   
142 O "O5'" . DA A 8  ? 7.70100  9.35985  12.26978 0.92845  0.06831  -2.36654 23 DA A "O5'" 
143 C "C5'" . DA A 8  ? 7.30408  9.25840  12.06337 0.96945  0.10973  -2.35962 23 DA A "C5'" 
144 C "C4'" . DA A 8  ? 7.41019  9.35752  12.08381 1.07329  0.23354  -2.33485 23 DA A "C4'" 
145 O "O4'" . DA A 8  ? 7.67822  9.37923  12.16632 1.04581  0.35454  -2.33802 23 DA A "O4'" 
146 C "C3'" . DA A 8  ? 7.16102  9.38262  12.03265 1.07696  0.33613  -2.32657 23 DA A "C3'" 
147 O "O3'" . DA A 8  ? 7.15375  9.48328  12.02615 1.21337  0.31710  -2.29216 23 DA A "O3'" 
148 C "C2'" . DA A 8  ? 7.27724  9.40266  12.07853 1.02089  0.51296  -2.32822 23 DA A "C2'" 
149 C "C1'" . DA A 8  ? 7.57943  9.37903  12.15881 0.97774  0.50940  -2.34049 23 DA A "C1'" 
150 N N9    . DA A 8  ? 7.54202  9.26806  12.17371 0.81651  0.53393  -2.36181 23 DA A N9    
151 C C8    . DA A 8  ? 7.63406  9.20155  12.22449 0.74626  0.43587  -2.37639 23 DA A C8    
152 N N7    . DA A 8  ? 7.58002  9.10257  12.23925 0.59653  0.49684  -2.38381 23 DA A N7    
153 C C5    . DA A 8  ? 7.44323  9.09877  12.18049 0.56475  0.63832  -2.37426 23 DA A C5    
154 C C6    . DA A 8  ? 7.34144  9.01168  12.15696 0.42213  0.75289  -2.36736 23 DA A C6    
155 N N6    . DA A 8  ? 7.34585  8.88425  12.18116 0.27917  0.75620  -2.36701 23 DA A N6    
156 N N1    . DA A 8  ? 7.23730  9.05564  12.10464 0.42956  0.86085  -2.35263 23 DA A N1    
157 C C2    . DA A 8  ? 7.23399  9.18064  12.08701 0.57212  0.86275  -2.34455 23 DA A C2    
158 N N3    . DA A 8  ? 7.32332  9.26448  12.10961 0.71342  0.77339  -2.34605 23 DA A N3    
159 C C4    . DA A 8  ? 7.42776  9.21594  12.15224 0.70082  0.65944  -2.36199 23 DA A C4    
160 P P     . DG A 9  ? 6.73595  9.36782  11.81620 1.24881  0.38974  -2.27073 24 DG A P     
161 O OP1   . DG A 9  ? 6.79471  9.39773  11.82858 1.23416  0.55964  -2.26427 24 DG A OP1   
162 O OP2   . DG A 9  ? 6.74570  9.44109  11.81310 1.37890  0.31442  -2.23239 24 DG A OP2   
163 O "O5'" . DG A 9  ? 6.46829  9.33402  11.79893 1.14940  0.31790  -2.29488 24 DG A "O5'" 
164 C "C5'" . DG A 9  ? 6.36441  9.27125  11.80189 1.01190  0.38950  -2.32308 24 DG A "C5'" 
165 C "C4'" . DG A 9  ? 6.34173  9.31978  11.81025 1.00008  0.55324  -2.30707 24 DG A "C4'" 
166 O "O4'" . DG A 9  ? 6.53668  9.26992  11.81935 0.94923  0.65015  -2.31340 24 DG A "O4'" 
167 C "C3'" . DG A 9  ? 6.11111  9.31045  11.80340 0.89971  0.59519  -2.31543 24 DG A "C3'" 
168 O "O3'" . DG A 9  ? 5.96582  9.41146  11.80085 0.97476  0.60837  -2.28753 24 DG A "O3'" 
169 C "C2'" . DG A 9  ? 6.19618  9.27384  11.80741 0.80696  0.73745  -2.31502 24 DG A "C2'" 
170 C "C1'" . DG A 9  ? 6.44588  9.21693  11.81648 0.81369  0.73493  -2.32382 24 DG A "C1'" 
171 N N9    . DG A 9  ? 6.46474  9.09299  11.82356 0.69855  0.67992  -2.35230 24 DG A N9    
172 C C8    . DG A 9  ? 6.55532  9.04174  11.83073 0.71729  0.55810  -2.36803 24 DG A C8    
173 N N7    . DG A 9  ? 6.55318  8.93135  11.84202 0.59443  0.53673  -2.38670 24 DG A N7    
174 C C5    . DG A 9  ? 6.45992  8.90137  11.84088 0.48499  0.65648  -2.38166 24 DG A C5    
175 C C6    . DG A 9  ? 6.42237  8.78583  11.85209 0.32653  0.69788  -2.38695 24 DG A C6    
176 O O6    . DG A 9  ? 6.45950  8.68586  11.87128 0.25124  0.63893  -2.39805 24 DG A O6    
177 N N1    . DG A 9  ? 6.33700  8.79308  11.84020 0.25357  0.81729  -2.37055 24 DG A N1    
178 C C2    . DG A 9  ? 6.29027  8.90506  11.82196 0.32591  0.88368  -2.35269 24 DG A C2    
179 N N2    . DG A 9  ? 6.21511  8.89990  11.81041 0.23551  0.98348  -2.33462 24 DG A N2    
180 N N3    . DG A 9  ? 6.31992  9.01465  11.81693 0.47536  0.85152  -2.34668 24 DG A N3    
181 C C4    . DG A 9  ? 6.40634  9.00280  11.82649 0.54707  0.73977  -2.36142 24 DG A C4    
182 O "O5'" . DT B 1  ? 5.82731  12.29505 10.86587 0.92463  -0.55347 1.92089  2  DT B "O5'" 
183 C "C5'" . DT B 1  ? 6.08996  12.50060 11.01255 0.81934  -0.44676 1.75688  2  DT B "C5'" 
184 C "C4'" . DT B 1  ? 6.22526  12.43978 11.19639 0.72567  -0.20036 1.70477  2  DT B "C4'" 
185 O "O4'" . DT B 1  ? 6.36920  12.57644 11.47717 0.57545  -0.03061 1.56126  2  DT B "O4'" 
186 C "C3'" . DT B 1  ? 5.95530  11.98509 10.95799 0.87814  -0.20956 1.96630  2  DT B "C3'" 
187 O "O3'" . DT B 1  ? 6.12129  11.98291 11.06801 0.81134  -0.03863 1.90172  2  DT B "O3'" 
188 C "C2'" . DT B 1  ? 5.84560  11.82263 11.02337 0.85847  -0.13410 2.01560  2  DT B "C2'" 
189 C "C1'" . DT B 1  ? 6.21355  12.24520 11.41533 0.62272  0.06183  1.71050  2  DT B "C1'" 
190 N N1    . DT B 1  ? 6.21341  12.27716 11.56458 0.54068  0.12919  1.66138  2  DT B N1    
191 C C2    . DT B 1  ? 6.54790  12.63783 11.92597 0.32598  0.30744  1.39419  2  DT B C2    
192 O O2    . DT B 1  ? 6.84579  12.91625 12.14039 0.20580  0.41625  1.19780  2  DT B O2    
193 N N3    . DT B 1  ? 6.52870  12.64675 12.03870 0.25669  0.35478  1.36669  2  DT B N3    
194 C C4    . DT B 1  ? 6.20744  12.32283 11.83027 0.38126  0.24653  1.57725  2  DT B C4    
195 O O4    . DT B 1  ? 6.21716  12.35347 11.95426 0.29969  0.30143  1.53133  2  DT B O4    
196 C C5    . DT B 1  ? 5.86615  11.93278 11.46463 0.61360  0.06417  1.85630  2  DT B C5    
197 C C7    . DT B 1  ? 5.50613  11.52766 11.23118 0.77280  -0.06311 2.10466  2  DT B C7    
198 C C6    . DT B 1  ? 5.88959  11.93530 11.35084 0.67981  0.01372  1.88453  2  DT B C6    
199 P P     . DC B 2  ? 5.71081  11.51639 10.49524 0.90149  -0.11714 1.98095  3  DC B P     
200 O OP1   . DC B 2  ? 5.62447  11.61024 10.30332 0.97391  -0.33963 1.99949  3  DC B OP1   
201 O OP2   . DC B 2  ? 5.57212  11.16035 10.39054 1.04214  -0.11809 2.22908  3  DC B OP2   
202 O "O5'" . DC B 2  ? 6.02592  11.77309 10.74506 0.71174  0.10316  1.71660  3  DC B "O5'" 
203 C "C5'" . DC B 2  ? 6.13864  11.68871 10.88511 0.65950  0.29803  1.70325  3  DC B "C5'" 
204 C "C4'" . DC B 2  ? 6.41317  11.95642 11.19176 0.43911  0.52397  1.41634  3  DC B "C4'" 
205 O "O4'" . DC B 2  ? 6.36314  11.98659 11.27112 0.38197  0.53593  1.37413  3  DC B "O4'" 
206 C "C3'" . DC B 2  ? 6.55962  11.89915 11.33342 0.37200  0.72652  1.37688  3  DC B "C3'" 
207 O "O3'" . DC B 2  ? 6.86677  12.20815 11.59620 0.17324  0.91219  1.08511  3  DC B "O3'" 
208 C "C2'" . DC B 2  ? 6.42977  11.68433 11.34092 0.39545  0.75496  1.48960  3  DC B "C2'" 
209 C "C1'" . DC B 2  ? 6.40639  11.86875 11.39230 0.32813  0.69482  1.38366  3  DC B "C1'" 
210 N N1    . DC B 2  ? 6.15829  11.62079 11.27846 0.43066  0.59365  1.57475  3  DC B N1    
211 C C2    . DC B 2  ? 6.20420  11.71531 11.42919 0.30917  0.67387  1.46089  3  DC B C2    
212 O O2    . DC B 2  ? 6.45799  12.00741 11.65777 0.11613  0.82873  1.20170  3  DC B O2    
213 N N3    . DC B 2  ? 5.97320  11.47425 11.32581 0.40606  0.57893  1.63856  3  DC B N3    
214 C C4    . DC B 2  ? 5.71293  11.14585 11.09221 0.61772  0.41387  1.91634  3  DC B C4    
215 N N4    . DC B 2  ? 5.49547  10.90120 11.00934 0.70967  0.32776  2.08162  3  DC B N4    
216 C C5    . DC B 2  ? 5.66921  11.04800 10.93683 0.74254  0.32892  2.03638  3  DC B C5    
217 C C6    . DC B 2  ? 5.89297  11.29594 11.03294 0.64132  0.42173  1.85921  3  DC B C6    
218 P P     . DT B 3  ? 7.70091  12.87168 12.33594 0.09911  1.09342  0.99146  4  DT B P     
219 O OP1   . DT B 3  ? 8.15569  13.33558 12.77320 -0.11439 1.27891  0.68143  4  DT B OP1   
220 O OP2   . DT B 3  ? 7.54541  12.68464 12.07789 0.21734  0.99771  1.11011  4  DT B OP2   
221 O "O5'" . DT B 3  ? 7.45517  12.44606 12.15160 0.16256  1.13804  1.16557  4  DT B "O5'" 
222 C "C5'" . DT B 3  ? 7.80126  12.67262 12.46998 0.02400  1.32570  1.02516  4  DT B "C5'" 
223 C "C4'" . DT B 3  ? 8.05651  13.02746 12.79235 -0.12359 1.39204  0.86515  4  DT B "C4'" 
224 O "O4'" . DT B 3  ? 7.68759  12.73011 12.56383 -0.01301 1.24278  1.03978  4  DT B "O4'" 
225 C "C3'" . DT B 3  ? 8.33886  13.15970 13.04165 -0.23048 1.53435  0.81043  4  DT B "C3'" 
226 O "O3'" . DT B 3  ? 8.72315  13.68295 13.39170 -0.44014 1.63768  0.55029  4  DT B "O3'" 
227 C "C2'" . DT B 3  ? 7.98408  12.67516 12.83639 -0.09062 1.44118  1.06608  4  DT B "C2'" 
228 C "C1'" . DT B 3  ? 7.79160  12.72853 12.74065 -0.06388 1.31172  1.06372  4  DT B "C1'" 
229 N N1    . DT B 3  ? 7.32206  12.21826 12.41984 0.10249  1.16442  1.32357  4  DT B N1    
230 C C2    . DT B 3  ? 7.38149  12.31639 12.58692 0.03889  1.17324  1.30105  4  DT B C2    
231 O O2    . DT B 3  ? 7.79144  12.79813 12.96737 -0.15070 1.29184  1.08151  4  DT B O2    
232 N N3    . DT B 3  ? 6.94435  11.83100 12.28672 0.20146  1.03461  1.54393  4  DT B N3    
233 C C4    . DT B 3  ? 6.60402  11.40616 11.97668 0.41775  0.88694  1.80563  4  DT B C4    
234 O O4    . DT B 3  ? 6.31790  11.07706 11.81281 0.55296  0.76572  2.01048  4  DT B O4    
235 C C5    . DT B 3  ? 6.61545  11.38058 11.85988 0.47027  0.88285  1.81980  4  DT B C5    
236 C C7    . DT B 3  ? 6.27657  10.94811 11.52336 0.69261  0.72337  2.09508  4  DT B C7    
237 C C6    . DT B 3  ? 6.94329  11.75755 12.06239 0.31144  1.02241  1.57927  4  DT B C6    
238 P P     . DG B 4  ? 7.25275  12.12642 11.89221 -0.55351 1.71752  0.53070  5  DG B P     
239 O OP1   . DG B 4  ? 7.30063  11.92868 11.82287 -0.51751 1.77455  0.61483  5  DG B OP1   
240 O OP2   . DG B 4  ? 7.01786  11.89903 11.83980 -0.48509 1.62843  0.67090  5  DG B OP2   
241 O "O5'" . DG B 4  ? 7.56159  12.57024 12.05182 -0.77159 1.80337  0.27151  5  DG B "O5'" 
242 C "C5'" . DG B 4  ? 7.76973  12.54761 11.99707 -0.82607 1.84100  0.30932  5  DG B "C5'" 
243 C "C4'" . DG B 4  ? 7.72661  12.51858 11.98326 -0.91235 1.86747  0.34352  5  DG B "C4'" 
244 O "O4'" . DG B 4  ? 7.43211  12.20564 11.95782 -0.80848 1.82277  0.46567  5  DG B "O4'" 
245 C "C3'" . DG B 4  ? 7.79722  12.43481 11.92275 -0.92573 1.91704  0.39321  5  DG B "C3'" 
246 O "O3'" . DG B 4  ? 7.95973  12.49660 11.94915 -1.02865 1.91405  0.41370  5  DG B "O3'" 
247 C "C2'" . DG B 4  ? 7.49262  11.78471 11.84684 -0.71860 1.88874  0.61135  5  DG B "C2'" 
248 C "C1'" . DG B 4  ? 7.31905  11.72563 11.87045 -0.71074 1.83184  0.64918  5  DG B "C1'" 
249 N N9    . DG B 4  ? 6.99060  11.24547 11.77206 -0.49383 1.74525  0.87980  5  DG B N9    
250 C C8    . DG B 4  ? 6.84401  11.03318 11.67240 -0.31860 1.68733  1.02023  5  DG B C8    
251 N N7    . DG B 4  ? 6.54872  10.63568 11.55831 -0.14126 1.58259  1.25061  5  DG B N7    
252 C C5    . DG B 4  ? 6.49212  10.56726 11.60128 -0.20117 1.58183  1.25099  5  DG B C5    
253 C C6    . DG B 4  ? 6.21138  10.20252 11.51915 -0.07430 1.48607  1.44936  5  DG B C6    
254 O O6    . DG B 4  ? 5.95187  9.86526  11.37609 0.12487  1.37117  1.67946  5  DG B O6    
255 N N1    . DG B 4  ? 6.25428  10.26557 11.60680 -0.20304 1.52406  1.36521  5  DG B N1    
256 C C2    . DG B 4  ? 6.53711  10.64073 11.74023 -0.42900 1.63052  1.13148  5  DG B C2    
257 N N2    . DG B 4  ? 6.53659  10.64684 11.79521 -0.53279 1.64278  1.09195  5  DG B N2    
258 N N3    . DG B 4  ? 6.80376  10.99781 11.80004 -0.54629 1.70736  0.95863  5  DG B N3    
259 C C4    . DG B 4  ? 6.76285  10.93490 11.73417 -0.42150 1.68349  1.02291  5  DG B C4    
260 P P     . DT B 5  ? 9.10149  13.36096 12.79948 -1.01773 1.88598  0.42747  6  DT B P     
261 O OP1   . DT B 5  ? 9.40817  13.55251 13.03272 -1.01846 1.82059  0.42322  6  DT B OP1   
262 O OP2   . DT B 5  ? 9.03088  13.26432 12.64293 -0.93892 1.90676  0.40392  6  DT B OP2   
263 O "O5'" . DT B 5  ? 9.23951  13.41576 12.87474 -1.10836 1.90713  0.47478  6  DT B "O5'" 
264 C "C5'" . DT B 5  ? 8.86472  12.73373 12.65609 -1.01411 1.95711  0.54281  6  DT B "C5'" 
265 C "C4'" . DT B 5  ? 8.54759  12.25314 12.54876 -1.00202 1.95360  0.61341  6  DT B "C4'" 
266 O "O4'" . DT B 5  ? 8.23477  11.95576 12.48463 -0.85795 1.94350  0.69280  6  DT B "O4'" 
267 C "C3'" . DT B 5  ? 8.36000  11.57895 12.39579 -0.95754 1.98013  0.69969  6  DT B "C3'" 
268 O "O3'" . DT B 5  ? 8.53828  11.73259 12.52861 -1.09026 1.95843  0.67597  6  DT B "O3'" 
269 C "C2'" . DT B 5  ? 7.88498  10.88053 12.19961 -0.77679 1.98586  0.85122  6  DT B "C2'" 
270 C "C1'" . DT B 5  ? 7.86375  11.24123 12.30713 -0.75336 1.94099  0.84184  6  DT B "C1'" 
271 N N1    . DT B 5  ? 7.49242  10.77676 12.13079 -0.54095 1.90549  1.00766  6  DT B N1    
272 C C2    . DT B 5  ? 7.09798  10.25628 11.97459 -0.41511 1.85127  1.18048  6  DT B C2    
273 O O2    . DT B 5  ? 7.04287  10.15855 11.99753 -0.47474 1.84622  1.18368  6  DT B O2    
274 N N3    . DT B 5  ? 6.73397  9.82665  11.74311 -0.21283 1.78844  1.36490  6  DT B N3    
275 C C4    . DT B 5  ? 6.73194  9.86164  11.66445 -0.13492 1.78323  1.38294  6  DT B C4    
276 O O4    . DT B 5  ? 6.51664  9.58349  11.55851 0.04591  1.70824  1.57173  6  DT B O4    
277 C C5    . DT B 5  ? 7.15965  10.41662 11.85990 -0.28075 1.85856  1.17493  6  DT B C5    
278 C C7    . DT B 5  ? 7.16902  10.48124 11.77364 -0.21783 1.86164  1.16702  6  DT B C7    
279 C C6    . DT B 5  ? 7.51700  10.84829 12.08025 -0.46942 1.91045  1.00569  6  DT B C6    
280 P P     . DG B 6  ? 10.01087 12.71463 13.98150 -1.09167 1.97937  0.72247  7  DG B P     
281 O OP1   . DG B 6  ? 10.47569 13.24990 14.26743 -1.26055 1.93077  0.66480  7  DG B OP1   
282 O OP2   . DG B 6  ? 9.88613  12.29594 13.80699 -0.97445 2.01689  0.75433  7  DG B OP2   
283 O "O5'" . DG B 6  ? 9.47263  11.98623 13.73265 -1.00408 1.99283  0.83250  7  DG B "O5'" 
284 C "C5'" . DG B 6  ? 9.27383  11.32557 13.60002 -0.95798 2.02012  0.90751  7  DG B "C5'" 
285 C "C4'" . DG B 6  ? 8.82922  10.80900 13.42486 -0.89215 2.00918  1.01794  7  DG B "C4'" 
286 O "O4'" . DG B 6  ? 8.65804  10.98143 13.41242 -0.81157 1.97098  1.06266  7  DG B "O4'" 
287 C "C3'" . DG B 6  ? 8.47296  9.99614  13.23282 -0.72697 2.03511  1.17496  7  DG B "C3'" 
288 O "O3'" . DG B 6  ? 8.52193  9.72565  13.24261 -0.80918 2.05540  1.15621  7  DG B "O3'" 
289 C "C2'" . DG B 6  ? 8.12694  9.77377  13.16757 -0.59023 1.98784  1.32336  7  DG B "C2'" 
290 C "C1'" . DG B 6  ? 8.24356  10.36357 13.24587 -0.61149 1.95100  1.25374  7  DG B "C1'" 
291 N N9    . DG B 6  ? 7.72655  9.85931  12.72861 -0.46705 1.94486  1.32408  7  DG B N9    
292 C C8    . DG B 6  ? 7.96504  10.21668 12.76360 -0.51473 1.97378  1.21295  7  DG B C8    
293 N N7    . DG B 6  ? 7.77363  10.01408 12.62329 -0.36252 1.95771  1.31233  7  DG B N7    
294 C C5    . DG B 6  ? 7.38391  9.49110  12.47740 -0.19735 1.90271  1.51790  7  DG B C5    
295 C C6    . DG B 6  ? 7.04360  9.08425  12.27168 0.01090  1.84301  1.71938  7  DG B C6    
296 O O6    . DG B 6  ? 7.01952  9.09914  12.18111 0.08533  1.83717  1.74606  7  DG B O6    
297 N N1    . DG B 6  ? 6.70598  8.62310  12.15680 0.13805  1.77516  1.91234  7  DG B N1    
298 C C2    . DG B 6  ? 6.69479  8.56281  12.24041 0.06939  1.77534  1.89941  7  DG B C2    
299 N N2    . DG B 6  ? 6.33839  8.10100  12.10097 0.21933  1.69617  2.10662  7  DG B N2    
300 N N3    . DG B 6  ? 7.01183  8.94029  12.43748 -0.13305 1.83777  1.70380  7  DG B N3    
301 C C4    . DG B 6  ? 7.34760  9.39353  12.54299 -0.25611 1.89480  1.52575  7  DG B C4    
302 P P     . DA B 7  ? 8.03295  8.72252  12.70498 -0.73215 2.10084  1.20655  8  DA B P     
303 O OP1   . DA B 7  ? 7.64363  8.03943  12.56630 -0.59917 2.10619  1.37403  8  DA B OP1   
304 O OP2   . DA B 7  ? 8.36830  8.95132  12.79316 -0.90058 2.10127  1.06784  8  DA B OP2   
305 O "O5'" . DA B 7  ? 8.03905  8.77285  12.63933 -0.61882 2.11552  1.22179  8  DA B "O5'" 
306 C "C5'" . DA B 7  ? 7.72693  8.16680  12.45922 -0.42756 2.13602  1.37595  8  DA B "C5'" 
307 C "C4'" . DA B 7  ? 7.35882  7.88365  12.36325 -0.28061 2.09557  1.55386  8  DA B "C4'" 
308 O "O4'" . DA B 7  ? 7.40176  8.37721  12.40971 -0.28725 2.05298  1.52189  8  DA B "O4'" 
309 C "C3'" . DA B 7  ? 7.04549  7.30076  12.19199 -0.06713 2.09325  1.75148  8  DA B "C3'" 
310 O "O3'" . DA B 7  ? 6.92875  6.76360  12.17115 -0.01839 2.11719  1.84232  8  DA B "O3'" 
311 C "C2'" . DA B 7  ? 6.81453  7.34752  12.15663 0.04448  2.01582  1.88887  8  DA B "C2'" 
312 C "C1'" . DA B 7  ? 7.05109  8.03479  12.24707 -0.08812 2.00530  1.71564  8  DA B "C1'" 
313 N N9    . DA B 7  ? 7.11437  8.21950  12.19507 -0.04002 2.01079  1.69320  8  DA B N9    
314 C C8    . DA B 7  ? 7.45770  8.68578  12.30110 -0.16182 2.05341  1.51168  8  DA B C8    
315 N N7    . DA B 7  ? 7.42312  8.75225  12.21688 -0.08165 2.04755  1.53426  8  DA B N7    
316 C C5    . DA B 7  ? 7.10449  8.36464  12.10748 0.10463  1.99136  1.75277  8  DA B C5    
317 C C6    . DA B 7  ? 6.97058  8.27571  12.02284 0.26012  1.94657  1.89036  8  DA B C6    
318 N N6    . DA B 7  ? 7.11887  8.55564  12.01898 0.24548  1.96710  1.80834  8  DA B N6    
319 N N1    . DA B 7  ? 6.67719  7.89093  11.93252 0.43231  1.86880  2.12320  8  DA B N1    
320 C C2    . DA B 7  ? 6.52514  7.61826  11.93562 0.44945  1.84430  2.20486  8  DA B C2    
321 N N3    . DA B 7  ? 6.62434  7.66575  12.02022 0.31010  1.89103  2.08303  8  DA B N3    
322 C C4    . DA B 7  ? 6.92073  8.04592  12.10172 0.13783  1.96350  1.85780  8  DA B C4    
323 P P     . DC C 1  ? 8.22708  7.07948  9.32463  -0.51193 -2.77618 -0.10882 9  DC C P     
324 O OP1   . DC C 1  ? 8.11636  6.74417  9.10118  -0.58103 -2.96246 -0.20463 9  DC C OP1   
325 O OP2   . DC C 1  ? 8.39543  7.29838  9.27174  -0.59721 -2.83772 0.01011  9  DC C OP2   
326 O "O5'" . DC C 1  ? 8.26507  7.41589  9.41836  -0.47321 -2.54178 -0.04683 9  DC C "O5'" 
327 C "C5'" . DC C 1  ? 8.38127  7.66448  9.24645  -0.59601 -2.56086 0.03603  9  DC C "C5'" 
328 C "C4'" . DC C 1  ? 8.53381  8.14118  9.37261  -0.57910 -2.36228 0.17031  9  DC C "C4'" 
329 O "O4'" . DC C 1  ? 8.51092  8.21684  9.68379  -0.41416 -2.16077 0.15190  9  DC C "O4'" 
330 C "C3'" . DC C 1  ? 8.61617  8.43540  9.34821  -0.61144 -2.25329 0.21695  9  DC C "C3'" 
331 O "O3'" . DC C 1  ? 8.58900  8.45068  8.94928  -0.78330 -2.38707 0.30696  9  DC C "O3'" 
332 C "C2'" . DC C 1  ? 8.66969  8.77959  9.57917  -0.49489 -1.98956 0.29408  9  DC C "C2'" 
333 C "C1'" . DC C 1  ? 8.62305  8.63782  9.79801  -0.37973 -1.95151 0.25346  9  DC C "C1'" 
334 N N1    . DC C 1  ? 8.49670  8.58336  10.02640 -0.20455 -1.73515 0.19548  9  DC C N1    
335 C C2    . DC C 1  ? 8.51611  8.89167  10.12333 -0.12700 -1.50113 0.28305  9  DC C C2    
336 O O2    . DC C 1  ? 8.63857  9.22029  10.02075 -0.20536 -1.47680 0.40692  9  DC C O2    
337 N N3    . DC C 1  ? 8.32227  8.74285  10.24573 0.03158  -1.30798 0.22888  9  DC C N3    
338 C C4    . DC C 1  ? 8.09734  8.29649  10.25450 0.10548  -1.34287 0.09381  9  DC C C4    
339 N N4    . DC C 1  ? 7.84774  8.09550  10.30692 0.25509  -1.14771 0.04495  9  DC C N4    
340 C C5    . DC C 1  ? 8.07373  7.99225  10.16093 0.02898  -1.57975 0.00276  9  DC C C5    
341 C C6    . DC C 1  ? 8.27521  8.14444  10.04757 -0.12150 -1.76812 0.05800  9  DC C C6    
342 P P     . DT C 2  ? 8.84199  8.99983  9.01360  -0.84547 -2.27380 0.40981  10 DT C P     
343 O OP1   . DT C 2  ? 8.83410  9.25218  8.97794  -0.83234 -2.13873 0.54076  10 DT C OP1   
344 O OP2   . DT C 2  ? 8.73472  8.78616  8.58191  -1.01433 -2.47515 0.41492  10 DT C OP2   
345 O "O5'" . DT C 2  ? 8.91449  9.14472  9.34068  -0.71215 -2.09485 0.33023  10 DT C "O5'" 
346 C "C5'" . DT C 2  ? 8.92326  9.41438  9.26945  -0.71608 -1.95163 0.39316  10 DT C "C5'" 
347 C "C4'" . DT C 2  ? 8.91769  9.71034  9.31259  -0.65239 -1.74984 0.51290  10 DT C "C4'" 
348 O "O4'" . DT C 2  ? 9.03905  9.80091  9.77018  -0.48985 -1.61551 0.46717  10 DT C "O4'" 
349 C "C3'" . DT C 2  ? 8.89225  9.97688  9.25291  -0.62025 -1.56541 0.57367  10 DT C "C3'" 
350 O "O3'" . DT C 2  ? 8.67701  10.03563 8.86908  -0.67031 -1.49571 0.71978  10 DT C "O3'" 
351 C "C2'" . DT C 2  ? 9.08264  10.19175 9.80374  -0.42656 -1.35623 0.50591  10 DT C "C2'" 
352 C "C1'" . DT C 2  ? 9.11673  10.10611 10.02118 -0.36242 -1.36903 0.49000  10 DT C "C1'" 
353 N N1    . DT C 2  ? 9.11300  9.95691  10.37235 -0.20625 -1.27533 0.36991  10 DT C N1    
354 C C2    . DT C 2  ? 9.04671  10.06650 10.53585 -0.05562 -1.03012 0.38739  10 DT C C2    
355 O O2    . DT C 2  ? 9.03288  10.32704 10.45332 -0.03622 -0.88324 0.49639  10 DT C O2    
356 N N3    . DT C 2  ? 8.86816  9.73221  10.66922 0.07259  -0.96189 0.27227  10 DT C N3    
357 C C4    . DT C 2  ? 8.78058  9.34844  10.68918 0.06657  -1.11193 0.14248  10 DT C C4    
358 O O4    . DT C 2  ? 8.57244  9.02939  10.76647 0.18393  -1.03321 0.04452  10 DT C O4    
359 C C5    . DT C 2  ? 8.88842  9.28823  10.54515 -0.08823 -1.36780 0.13088  10 DT C C5    
360 C C7    . DT C 2  ? 8.76831  8.85044  10.50943 -0.10276 -1.54892 -0.00486 10 DT C C7    
361 C C6    . DT C 2  ? 9.03221  9.57024  10.37779 -0.21653 -1.43623 0.24441  10 DT C C6    
362 P P     . DG C 3  ? 8.42933  10.13834 8.54248  -0.64746 -1.30714 0.80991  11 DG C P     
363 O OP1   . DG C 3  ? 7.54134  9.41742  7.92307  -0.47494 -1.06988 0.83601  11 DG C OP1   
364 O OP2   . DG C 3  ? 8.06639  9.93226  7.82678  -0.81714 -1.40457 0.92738  11 DG C OP2   
365 O "O5'" . DG C 3  ? 7.67057  9.29029  7.80806  -0.63300 -1.31356 0.70951  11 DG C "O5'" 
366 C "C5'" . DG C 3  ? 7.60136  9.47368  7.65934  -0.61730 -1.17743 0.75637  11 DG C "C5'" 
367 C "C4'" . DG C 3  ? 7.67345  9.73853  7.98934  -0.43268 -0.91005 0.77472  11 DG C "C4'" 
368 O "O4'" . DG C 3  ? 7.96261  9.82007  8.59092  -0.30830 -0.87403 0.68137  11 DG C "O4'" 
369 C "C3'" . DG C 3  ? 7.77504  9.96277  8.14113  -0.35397 -0.76235 0.74396  11 DG C "C3'" 
370 O "O3'" . DG C 3  ? 7.50457  10.01121 7.91042  -0.25741 -0.53868 0.84330  11 DG C "O3'" 
371 C "C2'" . DG C 3  ? 8.18325  10.11902 8.85585  -0.22958 -0.72664 0.59932  11 DG C "C2'" 
372 C "C1'" . DG C 3  ? 8.19800  10.06193 9.05688  -0.16348 -0.70490 0.60788  11 DG C "C1'" 
373 N N9    . DG C 3  ? 8.45434  10.01809 9.56002  -0.09696 -0.75910 0.47182  11 DG C N9    
374 C C8    . DG C 3  ? 8.38759  9.66451  9.45004  -0.18654 -0.98278 0.38563  11 DG C C8    
375 N N7    . DG C 3  ? 8.33901  9.40239  9.66963  -0.09165 -0.97505 0.26836  11 DG C N7    
376 C C5    . DG C 3  ? 8.30935  9.51962  9.87269  0.06680  -0.73014 0.27811  11 DG C C5    
377 C C6    . DG C 3  ? 8.10978  9.20462  10.00522 0.21515  -0.60998 0.18288  11 DG C C6    
378 O O6    . DG C 3  ? 7.96165  8.80385  10.02244 0.23691  -0.69930 0.06548  11 DG C O6    
379 N N1    . DG C 3  ? 8.01378  9.32187  10.04731 0.34746  -0.36020 0.23549  11 DG C N1    
380 C C2    . DG C 3  ? 8.05403  9.65847  9.92650  0.34208  -0.24269 0.36349  11 DG C C2    
381 N N2    . DG C 3  ? 7.83018  9.60466  9.86834  0.48787  -0.00154 0.39757  11 DG C N2    
382 N N3    . DG C 3  ? 8.21023  9.93855  9.77636  0.20327  -0.35315 0.45216  11 DG C N3    
383 C C4    . DG C 3  ? 8.37969  9.89467  9.80621  0.06856  -0.59551 0.40316  11 DG C C4    
384 P P     . DG C 4  ? 7.36451  10.08710 7.74080  -0.19247 -0.37473 0.85600  12 DG C P     
385 O OP1   . DG C 4  ? 6.91660  10.00040 7.13645  -0.20366 -0.26044 1.00402  12 DG C OP1   
386 O OP2   . DG C 4  ? 7.53325  10.10551 7.76607  -0.29376 -0.52489 0.77856  12 DG C OP2   
387 O "O5'" . DG C 4  ? 7.60994  10.26682 8.34065  0.01492  -0.17277 0.77503  12 DG C "O5'" 
388 C "C5'" . DG C 4  ? 7.53573  10.39465 8.32578  0.13429  0.03962  0.79331  12 DG C "C5'" 
389 C "C4'" . DG C 4  ? 7.54408  10.34887 8.66854  0.32648  0.23286  0.74374  12 DG C "C4'" 
390 O "O4'" . DG C 4  ? 7.79097  10.28950 9.09916  0.32884  0.12183  0.64584  12 DG C "O4'" 
391 C "C3'" . DG C 4  ? 7.70582  10.48543 8.96437  0.44579  0.37840  0.66372  12 DG C "C3'" 
392 O "O3'" . DG C 4  ? 7.41867  10.28275 8.91644  0.62548  0.60948  0.67868  12 DG C "O3'" 
393 C "C2'" . DG C 4  ? 8.16282  10.58901 9.53743  0.41262  0.22901  0.51377  12 DG C "C2'" 
394 C "C1'" . DG C 4  ? 8.05942  10.35480 9.56906  0.41452  0.16429  0.51256  12 DG C "C1'" 
395 N N9    . DG C 4  ? 8.71369  10.69561 10.25353 0.33057  -0.04802 0.40379  12 DG C N9    
396 C C8    . DG C 4  ? 8.96128  10.84401 10.27301 0.16122  -0.28519 0.40795  12 DG C C8    
397 N N7    . DG C 4  ? 8.96973  10.55652 10.37843 0.13193  -0.43560 0.29361  12 DG C N7    
398 C C5    . DG C 4  ? 8.80929  10.30215 10.53280 0.28729  -0.28720 0.20836  12 DG C C5    
399 C C6    . DG C 4  ? 8.28467  9.49447  10.23907 0.33332  -0.34495 0.07059  12 DG C C6    
400 O O6    . DG C 4  ? 8.23752  9.21532  10.16457 0.24899  -0.54696 -0.00717 12 DG C O6    
401 N N1    . DG C 4  ? 8.09040  9.30352  10.32881 0.49660  -0.13802 0.02426  12 DG C N1    
402 C C2    . DG C 4  ? 8.05646  9.50676  10.34440 0.60644  0.09431  0.10255  12 DG C C2    
403 N N2    . DG C 4  ? 7.79970  9.20259  10.36630 0.75736  0.27267  0.04295  12 DG C N2    
404 N N3    . DG C 4  ? 8.12333  9.84141  10.19850 0.57132  0.14915  0.23067  12 DG C N3    
405 C C4    . DG C 4  ? 8.67019  10.39755 10.47302 0.40853  -0.04887 0.27614  12 DG C C4    
406 P P     . DA C 5  ? 7.39842  10.23579 9.06968  0.77824  0.79919  0.60217  13 DA C P     
407 O OP1   . DA C 5  ? 6.95733  10.04004 8.71698  0.92584  1.04098  0.69382  13 DA C OP1   
408 O OP2   . DA C 5  ? 7.67530  10.50535 9.16157  0.69760  0.71978  0.56167  13 DA C OP2   
409 O "O5'" . DA C 5  ? 7.55828  10.05770 9.52021  0.83965  0.77049  0.45926  13 DA C "O5'" 
410 C "C5'" . DA C 5  ? 7.25844  9.73428  9.50159  1.00860  0.96608  0.43934  13 DA C "C5'" 
411 C "C4'" . DA C 5  ? 7.34766  9.60479  9.78906  1.09384  1.02958  0.29897  13 DA C "C4'" 
412 O "O4'" . DA C 5  ? 7.58233  9.54684  10.06824 0.99997  0.82414  0.17896  13 DA C "O4'" 
413 C "C3'" . DA C 5  ? 7.46964  9.80839  9.80047  1.11572  1.10711  0.28113  13 DA C "C3'" 
414 O "O3'" . DA C 5  ? 7.31643  9.54730  9.88338  1.26553  1.28371  0.19827  13 DA C "O3'" 
415 C "C2'" . DA C 5  ? 7.85771  10.02725 10.03600 0.95980  0.87216  0.20203  13 DA C "C2'" 
416 C "C1'" . DA C 5  ? 7.83200  9.71971  10.19473 0.93415  0.74213  0.10737  13 DA C "C1'" 
417 N N9    . DA C 5  ? 8.09419  9.86137  10.28522 0.76434  0.48119  0.08664  13 DA C N9    
418 C C8    . DA C 5  ? 8.31743  10.23394 10.21880 0.63031  0.35677  0.18254  13 DA C C8    
419 N N7    . DA C 5  ? 8.49263  10.23314 10.28726 0.49292  0.12265  0.13818  13 DA C N7    
420 C C5    . DA C 5  ? 8.35266  9.81813  10.38860 0.54369  0.09054  0.00288  13 DA C C5    
421 C C6    . DA C 5  ? 8.35432  9.54423  10.42118 0.46172  -0.11770 -0.10098 13 DA C C6    
422 N N6    . DA C 5  ? 8.54119  9.67372  10.37814 0.30558  -0.34161 -0.08146 13 DA C N6    
423 N N1    . DA C 5  ? 8.09489  9.07019  10.43472 0.54688  -0.08675 -0.22597 13 DA C N1    
424 C C2    . DA C 5  ? 7.89029  8.91432  10.45189 0.69900  0.13821  -0.24413 13 DA C C2    
425 N N3    . DA C 5  ? 7.87542  9.13579  10.42936 0.79056  0.34729  -0.15326 13 DA C N3    
426 C C4    . DA C 5  ? 8.10493  9.58469  10.38886 0.70718  0.31012  -0.03084 13 DA C C4    
427 P P     . DC C 6  ? 7.71012  9.89696  10.24217 1.29976  1.34723  0.11957  14 DC C P     
428 O OP1   . DC C 6  ? 7.43120  9.58863  10.19423 1.47841  1.58272  0.08657  14 DC C OP1   
429 O OP2   . DC C 6  ? 7.89945  10.32060 10.13530 1.22358  1.31489  0.20574  14 DC C OP2   
430 O "O5'" . DC C 6  ? 7.89354  9.76374  10.48090 1.20307  1.14804  -0.03103 14 DC C "O5'" 
431 C "C5'" . DC C 6  ? 7.69086  9.30781  10.55571 1.25885  1.15112  -0.14087 14 DC C "C5'" 
432 C "C4'" . DC C 6  ? 7.90946  9.27010  10.79803 1.18655  1.00340  -0.28782 14 DC C "C4'" 
433 O "O4'" . DC C 6  ? 8.13163  9.40197  10.89196 1.03221  0.75140  -0.29615 14 DC C "O4'" 
434 C "C3'" . DC C 6  ? 8.29597  9.70624  11.02611 1.16854  1.02414  -0.31485 14 DC C "C3'" 
435 O "O3'" . DC C 6  ? 8.21633  9.46219  11.13547 1.26580  1.14111  -0.43591 14 DC C "O3'" 
436 C "C2'" . DC C 6  ? 8.71368  10.04851 11.23242 0.99215  0.76515  -0.34288 14 DC C "C2'" 
437 C "C1'" . DC C 6  ? 8.51675  9.67736  11.14940 0.93849  0.61480  -0.37744 14 DC C "C1'" 
438 N N1    . DC C 6  ? 8.43312  9.59478  10.83401 0.77295  0.37797  -0.33675 14 DC C N1    
439 C C2    . DC C 6  ? 8.42102  9.33419  10.87089 0.68846  0.17343  -0.43194 14 DC C C2    
440 O O2    . DC C 6  ? 8.18536  8.89506  10.87696 0.75254  0.19509  -0.54963 14 DC C O2    
441 N N3    . DC C 6  ? 8.65095  9.55357  10.87723 0.53867  -0.04259 -0.39257 14 DC C N3    
442 C C4    . DC C 6  ? 8.89828  10.02942 10.86574 0.46815  -0.05608 -0.26501 14 DC C C4    
443 N N4    . DC C 6  ? 9.11750  10.21963 10.86320 0.31570  -0.27179 -0.23003 14 DC C N4    
444 C C5    . DC C 6  ? 8.90057  10.30112 10.82007 0.55088  0.15095  -0.16773 14 DC C C5    
445 C C6    . DC C 6  ? 8.66306  10.06700 10.80236 0.70504  0.36196  -0.20741 14 DC C C6    
446 P P     . DA C 7  ? 8.16060  9.09921  11.36223 1.29171  1.10031  -0.58547 15 DA C P     
447 O OP1   . DA C 7  ? 7.89636  8.83080  11.31058 1.38113  1.20012  -0.55257 15 DA C OP1   
448 O OP2   . DA C 7  ? 8.13707  8.96516  11.41141 1.35079  1.19498  -0.69146 15 DA C OP2   
449 O "O5'" . DA C 7  ? 8.29986  9.07753  11.40292 1.12758  0.81414  -0.64932 15 DA C "O5'" 
450 C "C5'" . DA C 7  ? 8.11999  8.67872  11.41617 1.11028  0.70676  -0.73655 15 DA C "C5'" 
451 C "C4'" . DA C 7  ? 8.10762  8.42512  11.44289 1.04398  0.56142  -0.88976 15 DA C "C4'" 
452 O "O4'" . DA C 7  ? 8.33873  8.63299  11.44293 0.88866  0.31998  -0.88079 15 DA C "O4'" 
453 C "C3'" . DA C 7  ? 8.16835  8.45423  11.50495 1.08703  0.66258  -0.96466 15 DA C "C3'" 
454 O "O3'" . DA C 7  ? 8.00945  8.03872  11.52707 1.08067  0.59445  -1.12372 15 DA C "O3'" 
455 C "C2'" . DA C 7  ? 8.59821  9.00218  11.61977 0.97131  0.53966  -0.91280 15 DA C "C2'" 
456 C "C1'" . DA C 7  ? 8.71081  9.05303  11.62354 0.83693  0.29527  -0.89487 15 DA C "C1'" 
457 N N9    . DA C 7  ? 9.24358  9.78976  11.86696 0.74440  0.21784  -0.76263 15 DA C N9    
458 C C8    . DA C 7  ? 8.98112  9.79128  11.46959 0.78463  0.36006  -0.63675 15 DA C C8    
459 N N7    . DA C 7  ? 9.22843  10.18459 11.45793 0.67255  0.24119  -0.53449 15 DA C N7    
460 C C5    . DA C 7  ? 9.28116  10.04322 11.46916 0.55215  0.00423  -0.59702 15 DA C C5    
461 C C6    . DA C 7  ? 9.50404  10.27590 11.45168 0.39841  -0.21176 -0.54441 15 DA C C6    
462 N N6    . DA C 7  ? 9.74091  10.74451 11.43635 0.33074  -0.22299 -0.41135 15 DA C N6    
463 N N1    . DA C 7  ? 9.44131  9.97423  11.41333 0.31587  -0.41690 -0.63453 15 DA C N1    
464 C C2    . DA C 7  ? 9.18614  9.50076  11.41089 0.38153  -0.40600 -0.76864 15 DA C C2    
465 N N3    . DA C 7  ? 8.98614  9.27256  11.45278 0.51777  -0.21433 -0.83043 15 DA C N3    
466 C C4    . DA C 7  ? 9.04547  9.55846  11.47677 0.59838  -0.01301 -0.73745 15 DA C C4    
467 P P     . DC C 8  ? 8.68187  8.60104  12.17276 1.06598  0.59115  -1.24123 16 DC C P     
468 O OP1   . DC C 8  ? 8.42369  8.10592  12.18580 1.10721  0.59841  -1.38895 16 DC C OP1   
469 O OP2   . DC C 8  ? 8.82228  8.91849  12.20571 1.13743  0.77600  -1.17573 16 DC C OP2   
470 O "O5'" . DC C 8  ? 8.93083  8.81257  12.18204 0.90197  0.32889  -1.25551 16 DC C "O5'" 
471 C "C5'" . DC C 8  ? 9.00523  8.76088  12.20809 0.84831  0.24561  -1.36868 16 DC C "C5'" 
472 C "C4'" . DC C 8  ? 9.12387  8.75172  12.21621 0.70593  -0.02792 -1.41586 16 DC C "C4'" 
473 O "O4'" . DC C 8  ? 9.46964  9.25056  12.32985 0.62210  -0.13204 -1.28154 16 DC C "O4'" 
474 C "C3'" . DC C 8  ? 9.31084  8.85596  12.26980 0.62451  -0.14219 -1.50404 16 DC C "C3'" 
475 O "O3'" . DC C 8  ? 9.22120  8.57349  12.19146 0.52846  -0.37056 -1.59390 16 DC C "O3'" 
476 C "C2'" . DC C 8  ? 9.83206  9.59330  12.48042 0.55542  -0.17118 -1.37661 16 DC C "C2'" 
477 C "C1'" . DC C 8  ? 9.87860  9.72106  12.46834 0.51707  -0.24515 -1.26292 16 DC C "C1'" 
478 N N1    . DC C 8  ? 9.78004  9.89258  12.15598 0.50837  -0.17167 -1.10281 16 DC C N1    
479 C C2    . DC C 8  ? 9.98307  10.17224 12.10186 0.37584  -0.34980 -1.01738 16 DC C C2    
480 O O2    . DC C 8  ? 9.95554  9.97622  12.02809 0.27378  -0.56335 -1.07667 16 DC C O2    
481 N N3    . DC C 8  ? 10.18754 10.63278 12.11142 0.36251  -0.28383 -0.87287 16 DC C N3    
482 C C4    . DC C 8  ? 10.16891 10.79158 12.14977 0.48221  -0.05133 -0.81409 16 DC C C4    
483 N N4    . DC C 8  ? 10.34845 11.23436 12.13152 0.46553  0.00488  -0.67186 16 DC C N4    
484 C C5    . DC C 8  ? 9.94636  10.48382 12.18495 0.62376  0.13372  -0.89858 16 DC C C5    
485 C C6    . DC C 8  ? 9.76816  10.04960 12.19631 0.62832  0.06632  -1.04142 16 DC C C6    
486 P P     . DC C 9  ? 9.16281  8.32840  12.16139 0.48349  -0.46875 -1.75226 17 DC C P     
487 O OP1   . DC C 9  ? 9.09154  8.04220  12.30727 0.48253  -0.57195 -1.86741 17 DC C OP1   
488 O OP2   . DC C 9  ? 9.22243  8.44160  12.26060 0.56584  -0.27240 -1.78302 17 DC C OP2   
489 O "O5'" . DC C 9  ? 9.39008  8.58890  12.07160 0.33385  -0.68601 -1.71488 17 DC C "O5'" 
490 C "C5'" . DC C 9  ? 9.36346  8.53293  11.92632 0.23723  -0.88534 -1.66297 17 DC C "C5'" 
491 C "C4'" . DC C 9  ? 9.60045  8.83917  11.83594 0.10383  -1.04656 -1.60780 17 DC C "C4'" 
492 O "O4'" . DC C 9  ? 9.98709  9.46880  12.03615 0.09628  -0.96691 -1.44655 17 DC C "O4'" 
493 C "C3'" . DC C 9  ? 9.75736  8.97922  11.90547 0.07792  -1.04579 -1.68447 17 DC C "C3'" 
494 O "O3'" . DC C 9  ? 9.85430  8.98802  11.79862 -0.05974 -1.28580 -1.71187 17 DC C "O3'" 
495 C "C2'" . DC C 9  ? 10.06085 9.53648  12.05518 0.11092  -0.88044 -1.56522 17 DC C "C2'" 
496 C "C1'" . DC C 9  ? 10.29702 9.90119  12.13682 0.05397  -0.94795 -1.42104 17 DC C "C1'" 
497 N N1    . DC C 9  ? 10.16163 10.03150 11.91193 0.10963  -0.76717 -1.28169 17 DC C N1    
498 C C2    . DC C 9  ? 10.36820 10.41017 11.84468 0.01276  -0.84976 -1.14875 17 DC C C2    
499 O O2    . DC C 9  ? 10.36307 10.31961 11.67486 -0.11759 -1.07018 -1.15032 17 DC C O2    
500 N N3    . DC C 9  ? 10.53439 10.83177 11.92935 0.06360  -0.68663 -1.02253 17 DC C N3    
501 C C4    . DC C 9  ? 10.46116 10.83400 12.03416 0.20974  -0.45066 -1.02542 17 DC C C4    
502 N N4    . DC C 9  ? 10.58343 11.21535 12.06460 0.26042  -0.29681 -0.89787 17 DC C N4    
503 C C5    . DC C 9  ? 10.22761 10.41350 12.07675 0.30957  -0.36203 -1.15934 17 DC C C5    
504 C C6    . DC C 9  ? 10.09866 10.04159 12.02864 0.25265  -0.52522 -1.28436 17 DC C C6    
505 P P     . DG C 10 ? 10.45652 9.46527  12.36907 -0.10444 -1.36684 -1.84487 18 DG C P     
506 O OP1   . DG C 10 ? 10.05239 8.81842  12.13267 -0.11992 -1.50973 -1.97682 18 DG C OP1   
507 O OP2   . DG C 10 ? 10.53322 9.63539  12.51580 -0.01094 -1.14954 -1.86743 18 DG C OP2   
508 O "O5'" . DG C 10 ? 10.78764 9.87257  12.34594 -0.25166 -1.54701 -1.77152 18 DG C "O5'" 
509 C "C5'" . DG C 10 ? 10.78937 9.86295  12.18911 -0.34867 -1.72405 -1.69031 18 DG C "C5'" 
510 C "C4'" . DG C 10 ? 11.17083 10.43779 12.24142 -0.44645 -1.76807 -1.55943 18 DG C "C4'" 
511 O "O4'" . DG C 10 ? 11.54609 11.04638 12.61502 -0.37337 -1.56827 -1.43477 18 DG C "O4'" 
512 C "C3'" . DG C 10 ? 11.31766 10.62982 12.22451 -0.49727 -1.78551 -1.59745 18 DG C "C3'" 
513 O "O3'" . DG C 10 ? 11.47305 10.82636 12.06533 -0.64547 -1.97246 -1.52731 18 DG C "O3'" 
514 C "C2'" . DG C 10 ? 11.72158 11.26203 12.64696 -0.39989 -1.53644 -1.52920 18 DG C "C2'" 
515 C "C1'" . DG C 10 ? 11.87336 11.55731 12.76540 -0.38760 -1.48590 -1.38770 18 DG C "C1'" 
516 N N9    . DG C 10 ? 9.76290  9.63539  10.76234 -0.25919 -1.22980 -1.32292 18 DG C N9    
517 C C8    . DG C 10 ? 9.67853  9.50737  10.94709 -0.11635 -1.03791 -1.39653 18 DG C C8    
518 N N7    . DG C 10 ? 9.78043  9.80927  11.07419 -0.02067 -0.82895 -1.30750 18 DG C N7    
519 C C5    . DG C 10 ? 9.98135  10.20989 11.00961 -0.10689 -0.88613 -1.16728 18 DG C C5    
520 C C6    . DG C 10 ? 10.16228 10.66465 11.09010 -0.06350 -0.73440 -1.02724 18 DG C C6    
521 O O6    . DG C 10 ? 10.14177 10.76242 11.19784 0.06925  -0.51205 -0.99743 18 DG C O6    
522 N N1    . DG C 10 ? 10.28278 10.92549 10.92617 -0.19331 -0.86587 -0.91452 18 DG C N1    
523 C C2    . DG C 10 ? 10.14671 10.66594 10.61929 -0.34526 -1.11289 -0.93389 18 DG C C2    
524 N N2    . DG C 10 ? 10.09782 10.77623 10.29385 -0.46202 -1.20911 -0.81258 18 DG C N2    
525 N N3    . DG C 10 ? 10.00680 10.26470 10.56868 -0.38128 -1.25666 -1.06330 18 DG C N3    
526 C C4    . DG C 10 ? 9.94948  10.08108 10.79279 -0.25705 -1.13167 -1.17512 18 DG C C4    
527 P P     . DC C 11 ? 10.00814 9.28790  10.42633 -0.74367 -2.11675 -1.60498 19 DC C P     
528 O OP1   . DC C 11 ? 10.11527 9.45432  10.20487 -0.89536 -2.29748 -1.50620 19 DC C OP1   
529 O OP2   . DC C 11 ? 10.04010 9.06481  10.66204 -0.71924 -2.20138 -1.76516 19 DC C OP2   
530 O "O5'" . DC C 11 ? 10.00791 9.46410  10.42747 -0.67004 -1.91030 -1.60621 19 DC C "O5'" 
531 C "C5'" . DC C 11 ? 10.15991 9.82047  10.29685 -0.74361 -1.91057 -1.51343 19 DC C "C5'" 
532 C "C4'" . DC C 11 ? 10.46654 10.34652 10.46993 -0.75830 -1.85134 -1.34576 19 DC C "C4'" 
533 O "O4'" . DC C 11 ? 10.48176 10.43607 10.72066 -0.61103 -1.63226 -1.32059 19 DC C "O4'" 
534 C "C3'" . DC C 11 ? 10.69389 10.83276 10.42431 -0.81443 -1.80767 -1.24201 19 DC C "C3'" 
535 O "O3'" . DC C 11 ? 10.70212 10.93058 10.18030 -0.94219 -1.94407 -1.11928 19 DC C "O3'" 
536 C "C2'" . DC C 11 ? 10.86988 11.20942 10.73064 -0.66881 -1.53694 -1.18855 19 DC C "C2'" 
537 C "C1'" . DC C 11 ? 10.76394 11.00009 10.87710 -0.58247 -1.48018 -1.19425 19 DC C "C1'" 
538 N N1    . DC C 11 ? 10.26174 10.56109 10.61933 -0.41061 -1.22375 -1.21428 19 DC C N1    
539 C C2    . DC C 11 ? 10.45993 11.02347 10.76992 -0.34253 -1.04068 -1.08997 19 DC C C2    
540 O O2    . DC C 11 ? 10.44423 11.19379 10.51366 -0.42993 -1.09505 -0.96579 19 DC C O2    
541 N N3    . DC C 11 ? 10.54749 11.15498 11.07407 -0.18286 -0.80852 -1.10950 19 DC C N3    
542 C C4    . DC C 11 ? 10.36884 10.76824 11.14660 -0.10002 -0.75757 -1.24563 19 DC C C4    
543 N N4    . DC C 11 ? 10.33125 10.77168 11.30808 0.05360  -0.52665 -1.25893 19 DC C N4    
544 C C5    . DC C 11 ? 10.17681 10.31714 11.00951 -0.17160 -0.94124 -1.37445 19 DC C C5    
545 C C6    . DC C 11 ? 10.14829 10.24936 10.76735 -0.32221 -1.16923 -1.35371 19 DC C C6    
546 P P     . DA C 12 ? 10.44942 10.82422 9.57455  -1.08548 -2.05457 -1.05282 20 DA C P     
547 O OP1   . DA C 12 ? 10.48062 10.84575 9.39263  -1.22444 -2.23680 -0.95709 20 DA C OP1   
548 O OP2   . DA C 12 ? 10.56935 10.80994 9.69092  -1.10681 -2.12521 -1.18059 20 DA C OP2   
549 O "O5'" . DA C 12 ? 10.57784 11.27995 9.64096  -1.01377 -1.83068 -0.95044 20 DA C "O5'" 
550 C "C5'" . DA C 12 ? 10.53027 11.41387 9.61977  -0.96191 -1.70535 -0.82785 20 DA C "C5'" 
551 C "C4'" . DA C 12 ? 10.54556 11.76024 9.40822  -0.98700 -1.60860 -0.70170 20 DA C "C4'" 
552 O "O4'" . DA C 12 ? 10.65937 12.04730 9.68855  -0.82457 -1.35140 -0.66788 20 DA C "O4'" 
553 C "C3'" . DA C 12 ? 10.65129 11.93756 9.32742  -1.04724 -1.64620 -0.73470 20 DA C "C3'" 
554 O "O3'" . DA C 12 ? 10.53293 12.08870 8.91479  -1.14726 -1.66691 -0.60143 20 DA C "O3'" 
555 C "C2'" . DA C 12 ? 10.88528 12.22441 9.75980  -0.87933 -1.41981 -0.80232 20 DA C "C2'" 
556 C "C1'" . DA C 12 ? 10.86437 12.30966 9.92250  -0.74828 -1.23008 -0.73347 20 DA C "C1'" 
557 N N9    . DA C 12 ? 11.05026 12.32621 10.42804 -0.59575 -1.09688 -0.84474 20 DA C N9    
558 C C8    . DA C 12 ? 11.09682 12.07559 10.64639 -0.59255 -1.19113 -0.98440 20 DA C C8    
559 N N7    . DA C 12 ? 11.23334 12.11642 11.06094 -0.44597 -1.03258 -1.06345 20 DA C N7    
560 C C5    . DA C 12 ? 11.33313 12.46049 11.17039 -0.34073 -0.81766 -0.96845 20 DA C C5    
561 C C6    . DA C 12 ? 11.47619 12.63613 11.53979 -0.16777 -0.58109 -0.98537 20 DA C C6    
562 N N6    . DA C 12 ? 11.30684 12.24178 11.64082 -0.07529 -0.52219 -1.11034 20 DA C N6    
563 N N1    . DA C 12 ? 11.41982 12.85345 11.41773 -0.09409 -0.40712 -0.86872 20 DA C N1    
564 C C2    . DA C 12 ? 11.27533 12.94417 11.00179 -0.19198 -0.46745 -0.74480 20 DA C C2    
565 N N3    . DA C 12 ? 11.13776 12.80354 10.63195 -0.36289 -0.68373 -0.71598 20 DA C N3    
566 C C4    . DA C 12 ? 11.18386 12.56328 10.74758 -0.42857 -0.85287 -0.83318 20 DA C C4    
567 P P     . DT C 13 ? 12.36253 14.05903 10.51074 -1.21753 -1.69443 -0.60672 21 DT C P     
568 O OP1   . DT C 13 ? 12.37637 14.25224 10.20212 -1.37969 -1.81665 -0.47827 21 DT C OP1   
569 O OP2   . DT C 13 ? 12.62607 14.06122 10.85155 -1.22861 -1.79761 -0.75933 21 DT C OP2   
570 O "O5'" . DT C 13 ? 12.26335 14.20435 10.50301 -1.05761 -1.42403 -0.58373 21 DT C "O5'" 
571 C "C5'" . DT C 13 ? 11.99333 14.16122 10.27028 -0.97852 -1.26034 -0.46683 21 DT C "C5'" 
572 C "C4'" . DT C 13 ? 12.05033 14.36780 10.46845 -0.80048 -1.00550 -0.48314 21 DT C "C4'" 
573 O "O4'" . DT C 13 ? 12.31259 14.39058 11.04631 -0.66543 -0.91805 -0.60240 21 DT C "O4'" 
574 C "C3'" . DT C 13 ? 12.19247 14.62935 10.46787 -0.80425 -0.97155 -0.51776 21 DT C "C3'" 
575 O "O3'" . DT C 13 ? 11.98625 14.76164 10.16541 -0.73651 -0.79603 -0.40995 21 DT C "O3'" 
576 C "C2'" . DT C 13 ? 12.51076 14.71718 11.03752 -0.67916 -0.88905 -0.67433 21 DT C "C2'" 
577 C "C1'" . DT C 13 ? 12.45298 14.55841 11.25582 -0.55668 -0.77418 -0.67775 21 DT C "C1'" 
578 N N1    . DT C 13 ? 11.69221 13.48453 10.76859 -0.47856 -0.76704 -0.83107 21 DT C N1    
579 C C2    . DT C 13 ? 11.85474 13.62506 11.17606 -0.30125 -0.55054 -0.87280 21 DT C C2    
580 O O2    . DT C 13 ? 11.81412 13.80636 11.13906 -0.19728 -0.36125 -0.79094 21 DT C O2    
581 N N3    . DT C 13 ? 12.03561 13.51367 11.59553 -0.24975 -0.56349 -1.01508 21 DT C N3    
582 C C4    . DT C 13 ? 12.04494 13.26445 11.62612 -0.35095 -0.76738 -1.11807 21 DT C C4    
583 O O4    . DT C 13 ? 12.05771 13.03678 11.86426 -0.29413 -0.76063 -1.24454 21 DT C O4    
584 C C5    . DT C 13 ? 11.84972 13.10348 11.16509 -0.52912 -0.98906 -1.06609 21 DT C C5    
585 C C7    . DT C 13 ? 11.77185 12.75753 11.07754 -0.64532 -1.22305 -1.16691 21 DT C C7    
586 C C6    . DT C 13 ? 11.70486 13.23628 10.78222 -0.58596 -0.97774 -0.92633 21 DT C C6    
587 P P     . DC C 14 ? 11.45055 14.30314 9.44316  -0.70906 -0.74415 -0.40152 22 DC C P     
588 O OP1   . DC C 14 ? 11.14376 14.07779 8.95316  -0.66580 -0.66698 -0.24386 22 DC C OP1   
589 O OP2   . DC C 14 ? 11.64705 14.28193 9.51823  -0.82461 -0.94938 -0.48446 22 DC C OP2   
590 O "O5'" . DC C 14 ? 11.64979 14.58140 9.87270  -0.53494 -0.51990 -0.50006 22 DC C "O5'" 
591 C "C5'" . DC C 14 ? 11.54129 14.47188 9.67387  -0.42189 -0.36891 -0.45779 22 DC C "C5'" 
592 C "C4'" . DC C 14 ? 11.64723 14.71028 10.00388 -0.23192 -0.11296 -0.47367 22 DC C "C4'" 
593 O "O4'" . DC C 14 ? 11.96149 14.84993 10.60174 -0.17947 -0.11150 -0.59279 22 DC C "O4'" 
594 C "C3'" . DC C 14 ? 11.73244 14.72155 10.08875 -0.11139 0.04200  -0.51609 22 DC C "C3'" 
595 O "O3'" . DC C 14 ? 11.60550 14.70601 10.09307 0.05893  0.28788  -0.47102 22 DC C "O3'" 
596 C "C2'" . DC C 14 ? 12.17054 15.04003 10.70810 -0.10969 -0.02099 -0.70878 22 DC C "C2'" 
597 C "C1'" . DC C 14 ? 12.24478 14.96443 11.01392 -0.08763 -0.03746 -0.72888 22 DC C "C1'" 
598 N N1    . DC C 14 ? 12.29883 14.67191 11.18662 -0.16467 -0.20976 -0.85789 22 DC C N1    
599 C C2    . DC C 14 ? 12.52340 14.64330 11.69667 -0.04882 -0.12271 -0.97529 22 DC C C2    
600 O O2    . DC C 14 ? 12.54398 14.72421 11.85790 0.11266  0.09478  -0.96745 22 DC C O2    
601 N N3    . DC C 14 ? 12.69055 14.50994 11.97355 -0.11671 -0.27828 -1.09372 22 DC C N3    
602 C C4    . DC C 14 ? 12.67000 14.43088 11.78487 -0.28793 -0.51220 -1.09560 22 DC C C4    
603 N N4    . DC C 14 ? 12.81803 14.28390 12.04883 -0.34336 -0.65966 -1.21489 22 DC C N4    
604 C C5    . DC C 14 ? 12.43860 14.44278 11.25504 -0.41052 -0.60513 -0.97484 22 DC C C5    
605 C C6    . DC C 14 ? 12.26145 14.56988 10.97615 -0.34601 -0.44858 -0.85977 22 DC C C6    
606 O "O5'" . DG D 1  ? 10.75318 7.43646  11.23968 2.00911  -2.19674 -0.56105 2  DG D "O5'" 
607 C "C5'" . DG D 1  ? 10.77407 7.86914  11.29393 2.07911  -2.14810 -0.47037 2  DG D "C5'" 
608 C "C4'" . DG D 1  ? 10.52225 8.00926  11.46090 2.20891  -2.11971 -0.45789 2  DG D "C4'" 
609 O "O4'" . DG D 1  ? 10.62604 8.54729  11.46777 2.21595  -2.08688 -0.36259 2  DG D "O4'" 
610 C "C3'" . DG D 1  ? 10.53876 7.95739  11.40602 2.05893  -2.19737 -0.48212 2  DG D "C3'" 
611 O "O3'" . DG D 1  ? 10.17270 7.60859  11.57754 2.23364  -2.15496 -0.55442 2  DG D "O3'" 
612 C "C2'" . DG D 1  ? 10.65943 8.47684  11.34504 1.96150  -2.21816 -0.38571 2  DG D "C2'" 
613 C "C1'" . DG D 1  ? 10.52444 8.76189  11.44602 2.14253  -2.07190 -0.31724 2  DG D "C1'" 
614 N N9    . DG D 1  ? 10.60536 9.27844  11.13777 1.93915  -1.89022 -0.11210 2  DG D N9    
615 C C8    . DG D 1  ? 11.02182 9.51473  10.89653 1.67581  -1.99639 -0.05380 2  DG D C8    
616 N N7    . DG D 1  ? 11.11556 10.10126 10.77837 1.53805  -1.78404 0.14350  2  DG D N7    
617 C C5    . DG D 1  ? 10.67705 10.20930 10.89490 1.72043  -1.51850 0.22372  2  DG D C5    
618 C C6    . DG D 1  ? 10.73304 10.93944 11.03186 1.68438  -1.21546 0.43576  2  DG D C6    
619 O O6    . DG D 1  ? 11.16330 11.62064 11.04687 1.47768  -1.12121 0.59947  2  DG D O6    
620 N N1    . DG D 1  ? 10.14010 10.74402 11.08530 1.92022  -1.01252 0.45150  2  DG D N1    
621 C C2    . DG D 1  ? 9.60242  9.97769  11.04920 2.16130  -1.09339 0.28082  2  DG D C2    
622 N N2    . DG D 1  ? 9.14244  9.97645  11.18210 2.36820  -0.86488 0.32612  2  DG D N2    
623 N N3    . DG D 1  ? 9.82023  9.56187  11.20024 2.19764  -1.37863 0.08231  2  DG D N3    
624 C C4    . DG D 1  ? 10.28136 9.63121  11.03635 1.96888  -1.57858 0.06665  2  DG D C4    
625 P P     . DA D 2  ? 9.68703  7.01364  11.10637 2.11542  -2.21278 -0.59713 3  DA D P     
626 O OP1   . DA D 2  ? 9.48830  6.50644  11.21358 2.25398  -2.17964 -0.69038 3  DA D OP1   
627 O OP2   . DA D 2  ? 10.03965 7.18883  10.84735 1.81927  -2.31193 -0.56477 3  DA D OP2   
628 O "O5'" . DA D 2  ? 9.44731  7.32431  11.27994 2.20086  -2.16390 -0.55751 3  DA D "O5'" 
629 C "C5'" . DA D 2  ? 9.02181  7.20510  11.54606 2.46792  -2.03903 -0.59056 3  DA D "C5'" 
630 C "C4'" . DA D 2  ? 8.79047  7.61263  11.52025 2.53079  -1.84607 -0.46701 3  DA D "C4'" 
631 O "O4'" . DA D 2  ? 9.08985  7.97411  11.19253 2.31066  -1.83289 -0.33751 3  DA D "O4'" 
632 C "C3'" . DA D 2  ? 8.36999  7.81427  11.42995 2.48986  -1.59327 -0.33945 3  DA D "C3'" 
633 O "O3'" . DA D 2  ? 7.98374  8.00738  11.41203 2.63150  -1.31956 -0.22120 3  DA D "O3'" 
634 C "C2'" . DA D 2  ? 8.61787  8.17234  11.07704 2.17315  -1.58679 -0.20348 3  DA D "C2'" 
635 C "C1'" . DA D 2  ? 8.91577  8.34831  10.92434 2.12641  -1.62697 -0.15542 3  DA D "C1'" 
636 N N9    . DA D 2  ? 9.33656  8.57387  10.64138 1.84343  -1.74348 -0.09386 3  DA D N9    
637 C C8    . DA D 2  ? 9.76858  8.38365  10.65769 1.72285  -2.02947 -0.21680 3  DA D C8    
638 N N7    . DA D 2  ? 10.08386 8.66875  10.36052 1.46776  -2.06947 -0.12024 3  DA D N7    
639 C C5    . DA D 2  ? 10.09347 9.32748  10.39030 1.41659  -1.79049 0.08269  3  DA D C5    
640 C C6    . DA D 2  ? 10.61428 10.15192 10.42980 1.18203  -1.68297 0.26730  3  DA D C6    
641 N N6    . DA D 2  ? 11.14031 10.34625 10.32486 0.94618  -1.85302 0.27121  3  DA D N6    
642 N N1    . DA D 2  ? 10.48791 10.68724 10.50376 1.19985  -1.39247 0.45132  3  DA D N1    
643 C C2    . DA D 2  ? 9.92362  10.45411 10.57238 1.43678  -1.22206 0.44708  3  DA D C2    
644 N N3    . DA D 2  ? 9.38094  9.68135  10.51837 1.67002  -1.29684 0.28080  3  DA D N3    
645 C C4    . DA D 2  ? 9.49530  9.13692  10.42345 1.64645  -1.58733 0.10238  3  DA D C4    
646 P P     . DG D 3  ? 6.93300  7.57130  10.98251 2.73369  -1.05501 -0.14252 4  DG D P     
647 O OP1   . DG D 3  ? 6.64065  7.31011  11.27757 3.04292  -0.99737 -0.23360 4  DG D OP1   
648 O OP2   . DG D 3  ? 6.93653  7.48754  10.98488 2.60408  -1.11967 -0.17725 4  DG D OP2   
649 O "O5'" . DG D 3  ? 6.76282  8.09122  10.66512 2.60111  -0.77365 0.10671  4  DG D "O5'" 
650 C "C5'" . DG D 3  ? 7.11461  8.41359  10.36017 2.35199  -0.81083 0.21884  4  DG D "C5'" 
651 C "C4'" . DG D 3  ? 6.96598  8.88279  10.12142 2.15100  -0.58779 0.43536  4  DG D "C4'" 
652 O "O4'" . DG D 3  ? 7.80467  9.56585  10.26361 1.86762  -0.68893 0.51198  4  DG D "O4'" 
653 C "C3'" . DG D 3  ? 6.72169  8.80904  10.17535 2.11220  -0.54128 0.42661  4  DG D "C3'" 
654 O "O3'" . DG D 3  ? 6.43553  9.23289  10.00385 2.01243  -0.26667 0.64234  4  DG D "O3'" 
655 C "C2'" . DG D 3  ? 7.49207  9.09562  10.39097 1.87732  -0.77792 0.36308  4  DG D "C2'" 
656 C "C1'" . DG D 3  ? 8.12758  9.86293  10.45648 1.68309  -0.74236 0.51702  4  DG D "C1'" 
657 N N9    . DG D 3  ? 8.85584  10.05881 10.54287 1.47898  -0.98980 0.45654  4  DG D N9    
658 C C8    . DG D 3  ? 8.94553  9.45202  10.49117 1.51122  -1.27640 0.25240  4  DG D C8    
659 N N7    . DG D 3  ? 9.59757  9.75945  10.52041 1.28970  -1.44818 0.25190  4  DG D N7    
660 C C5    . DG D 3  ? 9.92136  10.58361 10.55499 1.09929  -1.26278 0.46863  4  DG D C5    
661 C C6    . DG D 3  ? 10.46383 11.06495 10.43344 0.82271  -1.32267 0.56929  4  DG D C6    
662 O O6    . DG D 3  ? 10.82568 10.89947 10.30761 0.68538  -1.55918 0.48199  4  DG D O6    
663 N N1    . DG D 3  ? 10.44227 11.68280 10.34575 0.70429  -1.07263 0.79869  4  DG D N1    
664 C C2    . DG D 3  ? 9.99089  11.85084 10.40619 0.83570  -0.80054 0.91731  4  DG D C2    
665 N N2    . DG D 3  ? 9.82832  12.25648 10.10283 0.68869  -0.58675 1.14461  4  DG D N2    
666 N N3    . DG D 3  ? 9.49622  11.41899 10.52773 1.09376  -0.74130 0.82304  4  DG D N3    
667 C C4    . DG D 3  ? 9.49185  10.79711 10.59469 1.21287  -0.98122 0.59836  4  DG D C4    
668 P P     . DA D 4  ? 6.11203  9.36307  10.29831 2.10968  -0.07661 0.67350  5  DA D P     
669 O OP1   . DA D 4  ? 5.73971  9.27445  10.49716 2.39212  0.08464  0.66867  5  DA D OP1   
670 O OP2   . DA D 4  ? 6.18689  8.99955  10.40322 2.08177  -0.26105 0.51130  5  DA D OP2   
671 O "O5'" . DA D 4  ? 6.03682  9.91445  10.02402 1.86200  0.13632  0.92429  5  DA D "O5'" 
672 C "C5'" . DA D 4  ? 6.19627  10.35604 9.81170  1.73277  0.23718  1.10314  5  DA D "C5'" 
673 C "C4'" . DA D 4  ? 6.67957  10.98742 9.77969  1.40310  0.23999  1.24986  5  DA D "C4'" 
674 O "O4'" . DA D 4  ? 7.66881  11.36991 10.16418 1.25574  -0.02170 1.15127  5  DA D "O4'" 
675 C "C3'" . DA D 4  ? 6.46100  10.93847 9.72230  1.29485  0.28181  1.26600  5  DA D "C3'" 
676 O "O3'" . DA D 4  ? 6.12387  11.26328 9.36026  1.12786  0.51238  1.50843  5  DA D "O3'" 
677 C "C2'" . DA D 4  ? 7.41120  11.29017 10.15359 1.10316  0.01701  1.14711  5  DA D "C2'" 
678 C "C1'" . DA D 4  ? 8.12191  11.71153 10.32129 1.02257  -0.10808 1.15796  5  DA D "C1'" 
679 N N9    . DA D 4  ? 8.78712  11.62872 10.63775 0.99055  -0.40971 0.96097  5  DA D N9    
680 C C8    . DA D 4  ? 8.66986  11.01042 10.79341 1.19272  -0.58031 0.73726  5  DA D C8    
681 N N7    . DA D 4  ? 9.30729  11.01738 11.01383 1.10616  -0.84627 0.60092  5  DA D N7    
682 C C5    . DA D 4  ? 9.84622  11.64727 10.95708 0.82834  -0.84937 0.74099  5  DA D C5    
683 C C6    . DA D 4  ? 10.41825 11.74831 10.89162 0.61973  -1.06834 0.69864  5  DA D C6    
684 N N6    . DA D 4  ? 10.58106 11.22828 10.91569 0.66222  -1.33816 0.49614  5  DA D N6    
685 N N1    . DA D 4  ? 10.58249 12.17244 10.57097 0.36458  -1.00026 0.87610  5  DA D N1    
686 C C2    . DA D 4  ? 10.16027 12.43770 10.30173 0.32132  -0.73237 1.08576  5  DA D C2    
687 N N3    . DA D 4  ? 9.68601  12.45897 10.41242 0.50006  -0.50950 1.14955  5  DA D N3    
688 C C4    . DA D 4  ? 9.51563  12.01173 10.70673 0.75305  -0.58227 0.96484  5  DA D C4    
689 P P     . DT D 5  ? 6.61756  12.14389 10.16751 1.05469  0.64932  1.57581  6  DT D P     
690 O OP1   . DT D 5  ? 6.18560  12.43712 10.18108 1.14435  0.94082  1.75893  6  DT D OP1   
691 O OP2   . DT D 5  ? 6.57567  11.63093 10.37883 1.18031  0.49392  1.34776  6  DT D OP2   
692 O "O5'" . DT D 5  ? 6.96136  12.52195 9.89837  0.69561  0.60456  1.70363  6  DT D "O5'" 
693 C "C5'" . DT D 5  ? 7.20404  12.94645 9.67190  0.52188  0.64213  1.87245  6  DT D "C5'" 
694 C "C4'" . DT D 5  ? 7.76104  13.27542 9.59753  0.20621  0.50371  1.90615  6  DT D "C4'" 
695 O "O4'" . DT D 5  ? 8.76670  13.52830 10.26851 0.21538  0.21941  1.69342  6  DT D "O4'" 
696 C "C3'" . DT D 5  ? 7.52021  13.19351 9.42532  0.05240  0.54622  1.93796  6  DT D "C3'" 
697 O "O3'" . DT D 5  ? 7.65445  13.36126 9.11089  -0.24089 0.64103  2.01901  6  DT D "O3'" 
698 C "C2'" . DT D 5  ? 8.35796  13.30289 10.04053 0.02715  0.27722  1.70542  6  DT D "C2'" 
699 C "C1'" . DT D 5  ? 9.06154  13.54721 10.29551 0.02267  0.09092  1.63372  6  DT D "C1'" 
700 N N1    . DT D 5  ? 9.80840  13.55722 11.00538 0.13739  -0.16922 1.37392  6  DT D N1    
701 C C2    . DT D 5  ? 10.23940 13.46170 10.84283 -0.03347 -0.39861 1.29971  6  DT D C2    
702 O O2    . DT D 5  ? 10.15783 13.48261 10.24817 -0.27773 -0.39996 1.43416  6  DT D O2    
703 N N3    . DT D 5  ? 10.66792 13.23551 11.30629 0.09270  -0.62920 1.06350  6  DT D N3    
704 C C4    . DT D 5  ? 10.55692 12.94888 11.75447 0.36654  -0.65252 0.89904  6  DT D C4    
705 O O4    . DT D 5  ? 10.82923 12.62045 12.02065 0.45992  -0.87089 0.69693  6  DT D O4    
706 C C5    . DT D 5  ? 9.88548  12.85280 11.68161 0.53459  -0.40275 0.98541  6  DT D C5    
707 C C7    . DT D 5  ? 9.29634  12.13669 11.73046 0.83540  -0.40236 0.82291  6  DT D C7    
708 C C6    . DT D 5  ? 9.63384  13.24341 11.40036 0.41328  -0.17618 1.21547  6  DT D C6    
709 P P     . DG D 6  ? 7.74967  13.44848 9.05282  -0.47045 0.66302  2.03325  7  DG D P     
710 O OP1   . DG D 6  ? 7.76106  13.49211 8.75061  -0.66949 0.84344  2.11030  7  DG D OP1   
711 O OP2   . DG D 6  ? 7.47115  13.46557 9.37805  -0.31813 0.71887  2.02018  7  DG D OP2   
712 O "O5'" . DG D 6  ? 8.27524  13.48642 9.04447  -0.62204 0.38135  1.96468  7  DG D "O5'" 
713 C "C5'" . DG D 6  ? 8.48751  13.46344 8.80339  -0.88146 0.35501  1.96246  7  DG D "C5'" 
714 C "C4'" . DG D 6  ? 9.00331  13.45042 8.69133  -1.01473 0.12016  1.89622  7  DG D "C4'" 
715 O "O4'" . DG D 6  ? 9.20998  13.50982 9.03288  -0.86718 -0.09133 1.81740  7  DG D "O4'" 
716 C "C3'" . DG D 6  ? 9.28058  13.39539 8.60998  -1.22046 -0.00012 1.83713  7  DG D "C3'" 
717 O "O3'" . DG D 6  ? 9.70293  13.36251 8.37826  -1.34700 -0.10279 1.80986  7  DG D "O3'" 
718 C "C2'" . DG D 6  ? 9.40226  13.35227 8.99615  -1.13782 -0.21236 1.71732  7  DG D "C2'" 
719 C "C1'" . DG D 6  ? 9.71261  13.41096 9.34186  -0.92641 -0.30517 1.62927  7  DG D "C1'" 
720 N N9    . DG D 6  ? 10.09894 13.42869 10.19305 -0.63284 -0.39381 1.41009  7  DG D N9    
721 C C8    . DG D 6  ? 9.89544  13.51507 10.64333 -0.37274 -0.24491 1.39047  7  DG D C8    
722 N N7    . DG D 6  ? 10.29272 13.45533 11.33586 -0.14457 -0.37931 1.17499  7  DG D N7    
723 C C5    . DG D 6  ? 10.74894 13.27857 11.30690 -0.26066 -0.63488 1.04561  7  DG D C5    
724 C C6    . DG D 6  ? 11.15246 13.00300 11.75026 -0.12056 -0.87048 0.80826  7  DG D C6    
725 O O6    . DG D 6  ? 11.10019 12.76972 12.18526 0.14196  -0.90070 0.66083  7  DG D O6    
726 N N1    . DG D 6  ? 11.45819 12.81503 11.45661 -0.31915 -1.08736 0.75078  7  DG D N1    
727 C C2    . DG D 6  ? 11.36502 12.86626 10.79296 -0.61479 -1.07604 0.90091  7  DG D C2    
728 N N2    . DG D 6  ? 11.60826 12.56860 10.50487 -0.77229 -1.30388 0.81473  7  DG D N2    
729 N N3    . DG D 6  ? 10.95644 13.09157 10.34143 -0.74890 -0.85751 1.12416  7  DG D N3    
730 C C4    . DG D 6  ? 10.66244 13.28484 10.63065 -0.55957 -0.64605 1.18565  7  DG D C4    
731 P P     . DC D 7  ? 9.80915  13.29512 8.04716  -1.51693 -0.00307 1.85383  8  DC D P     
732 O OP1   . DC D 7  ? 9.83031  13.23320 7.70419  -1.51574 0.08910  1.93245  8  DC D OP1   
733 O OP2   . DC D 7  ? 9.51668  13.34833 8.12178  -1.55080 0.17588  1.90899  8  DC D OP2   
734 O "O5'" . DC D 7  ? 10.25511 13.22279 8.09859  -1.62235 -0.25474 1.72000  8  DC D "O5'" 
735 C "C5'" . DC D 7  ? 10.39565 13.26993 8.49527  -1.62396 -0.42991 1.60986  8  DC D "C5'" 
736 C "C4'" . DC D 7  ? 10.86441 13.13245 8.51907  -1.70611 -0.68884 1.46207  8  DC D "C4'" 
737 O "O4'" . DC D 7  ? 11.05052 13.12227 8.91262  -1.66539 -0.91023 1.35991  8  DC D "O4'" 
738 C "C3'" . DC D 7  ? 10.93704 12.98144 8.46024  -1.83174 -0.71832 1.39485  8  DC D "C3'" 
739 O "O3'" . DC D 7  ? 11.27808 12.78246 8.33618  -1.86887 -0.91009 1.26789  8  DC D "O3'" 
740 C "C2'" . DC D 7  ? 10.91696 13.04088 8.91795  -1.83376 -0.79754 1.33824  8  DC D "C2'" 
741 C "C1'" . DC D 7  ? 11.11562 12.98003 9.19057  -1.69548 -0.98295 1.24999  8  DC D "C1'" 
742 N N1    . DC D 7  ? 10.39874 12.31668 9.16851  -1.37017 -0.91446 1.14297  8  DC D N1    
743 C C2    . DC D 7  ? 10.83251 12.15196 9.79619  -1.17448 -1.10169 0.90613  8  DC D C2    
744 O O2    . DC D 7  ? 11.08814 11.84464 9.64826  -1.27610 -1.32026 0.79047  8  DC D O2    
745 N N3    . DC D 7  ? 10.89294 12.26909 10.48892 -0.87978 -1.03839 0.81305  8  DC D N3    
746 C C4    . DC D 7  ? 10.54912 12.54382 10.56820 -0.77882 -0.79908 0.94455  8  DC D C4    
747 N N4    . DC D 7  ? 10.57460 12.60168 11.21090 -0.48636 -0.74410 0.84492  8  DC D N4    
748 C C5    . DC D 7  ? 10.05676 12.66719 9.89111  -0.97442 -0.60618 1.18784  8  DC D C5    
749 C C6    . DC D 7  ? 10.00166 12.55020 9.21396  -1.26569 -0.67282 1.27987  8  DC D C6    
750 P P     . DG D 8  ? 10.76607 12.03811 7.53474  -1.96708 -0.90612 1.21989  9  DG D P     
751 O OP1   . DG D 8  ? 10.89608 12.07768 7.21353  -1.94365 -0.87750 1.26707  9  DG D OP1   
752 O OP2   . DG D 8  ? 10.53090 12.11555 7.59785  -2.03557 -0.73302 1.29470  9  DG D OP2   
753 O "O5'" . DG D 8  ? 11.01892 11.75777 7.73299  -1.98742 -1.16498 1.00935  9  DG D "O5'" 
754 C "C5'" . DG D 8  ? 11.06805 11.63210 8.05589  -1.94767 -1.31966 0.92498  9  DG D "C5'" 
755 C "C4'" . DG D 8  ? 11.29046 11.27243 8.24730  -1.96907 -1.52597 0.72185  9  DG D "C4'" 
756 O "O4'" . DG D 8  ? 11.27825 11.06525 8.60810  -1.93354 -1.64922 0.67409  9  DG D "O4'" 
757 C "C3'" . DG D 8  ? 11.27157 11.22227 8.20645  -2.07160 -1.45374 0.69044  9  DG D "C3'" 
758 O "O3'" . DG D 8  ? 11.48863 10.88810 8.31966  -2.05990 -1.63448 0.48670  9  DG D "O3'" 
759 C "C2'" . DG D 8  ? 11.05469 11.26961 8.43295  -2.12001 -1.36477 0.76233  9  DG D "C2'" 
760 C "C1'" . DG D 8  ? 11.06724 11.01997 8.74559  -1.94552 -1.52145 0.67018  9  DG D "C1'" 
761 N N9    . DG D 8  ? 10.93841 11.38686 9.22302  -1.71969 -1.32340 0.72655  9  DG D N9    
762 C C8    . DG D 8  ? 10.55311 11.69919 8.94581  -1.77002 -1.09233 0.93735  9  DG D C8    
763 N N7    . DG D 8  ? 10.48355 11.94222 9.47270  -1.52087 -0.95325 0.93657  9  DG D N7    
764 C C5    . DG D 8  ? 10.87388 11.80500 10.16686 -1.29128 -1.10379 0.70917  9  DG D C5    
765 C C6    . DG D 8  ? 10.96911 11.92038 10.91207 -0.97245 -1.05618 0.60288  9  DG D C6    
766 O O6    . DG D 8  ? 10.74276 12.19952 11.13861 -0.82190 -0.86190 0.68860  9  DG D O6    
767 N N1    . DG D 8  ? 11.26870 11.56800 11.32160 -0.82653 -1.26410 0.37541  9  DG D N1    
768 C C2    . DG D 8  ? 11.44148 11.14762 11.03941 -0.96939 -1.48785 0.26643  9  DG D C2    
769 N N2    . DG D 8  ? 11.56289 10.69079 11.36640 -0.79394 -1.66932 0.05430  9  DG D N2    
770 N N3    . DG D 8  ? 11.40165 11.08256 10.38985 -1.26507 -1.53163 0.36124  9  DG D N3    
771 C C4    . DG D 8  ? 11.12220 11.43044 9.99018  -1.41127 -1.33303 0.58084  9  DG D C4    
772 P P     . DG D 9  ? 11.63530 10.88953 8.45365  -2.15609 -1.59838 0.41070  10 DG D P     
773 O OP1   . DG D 9  ? 11.71191 10.56308 8.32454  -2.12193 -1.74170 0.23417  10 DG D OP1   
774 O OP2   . DG D 9  ? 11.29035 11.01123 8.04464  -2.23571 -1.37739 0.58413  10 DG D OP2   
775 O "O5'" . DG D 9  ? 11.68367 10.71579 8.89312  -2.16754 -1.65230 0.34442  10 DG D "O5'" 
776 C "C5'" . DG D 9  ? 11.92040 10.50350 9.31914  -2.03375 -1.85257 0.22059  10 DG D "C5'" 
777 C "C4'" . DG D 9  ? 11.90580 10.34272 9.78600  -1.94706 -1.85028 0.15751  10 DG D "C4'" 
778 O "O4'" . DG D 9  ? 11.93429 10.90061 10.33711 -1.73299 -1.66724 0.23321  10 DG D "O4'" 
779 C "C3'" . DG D 9  ? 11.68350 10.23495 9.55913  -2.12943 -1.72002 0.19177  10 DG D "C3'" 
780 O "O3'" . DG D 9  ? 11.73142 9.85839  9.98492  -1.98623 -1.77420 0.00230  10 DG D "O3'" 
781 C "C2'" . DG D 9  ? 11.50332 10.79891 9.71038  -2.09637 -1.45275 0.36529  10 DG D "C2'" 
782 C "C1'" . DG D 9  ? 11.78409 11.09444 10.52204 -1.75303 -1.46518 0.28207  10 DG D "C1'" 
783 N N9    . DG D 9  ? 10.83646 10.82466 9.93533  -1.64571 -1.24321 0.43298  10 DG D N9    
784 C C8    . DG D 9  ? 10.46089 11.04552 9.34445  -1.81988 -1.07863 0.65991  10 DG D C8    
785 N N7    . DG D 9  ? 10.22782 11.34139 9.56775  -1.65542 -0.89335 0.75281  10 DG D N7    
786 C C5    . DG D 9  ? 10.52421 11.37157 10.40881 -1.35439 -0.93831 0.57223  10 DG D C5    
787 C C6    . DG D 9  ? 10.44377 11.61585 10.96984 -1.07378 -0.80061 0.56598  10 DG D C6    
788 O O6    . DG D 9  ? 10.03414 11.81703 10.78854 -1.03182 -0.60217 0.72490  10 DG D O6    
789 N N1    . DG D 9  ? 10.75232 11.46246 11.67959 -0.82358 -0.91567 0.34975  10 DG D N1    
790 C C2    . DG D 9  ? 10.98051 11.00623 11.72123 -0.84297 -1.13514 0.16797  10 DG D C2    
791 N N2    . DG D 9  ? 10.88194 10.54102 12.08318 -0.58058 -1.22103 -0.02073 10 DG D N2    
792 N N3    . DG D 9  ? 11.06941 10.78959 11.21844 -1.10223 -1.26203 0.17301  10 DG D N3    
793 C C4    . DG D 9  ? 10.87008 11.02834 10.61444 -1.34722 -1.15347 0.37720  10 DG D C4    
794 P P     . DT D 10 ? 11.11017 8.63788  9.63835  -1.71283 -1.99203 -0.21741 11 DT D P     
795 O OP1   . DT D 10 ? 11.00533 8.81670  10.04380 -1.42090 -1.92460 -0.21621 11 DT D OP1   
796 O OP2   . DT D 10 ? 11.05652 8.20687  9.13313  -1.79397 -2.14511 -0.30878 11 DT D OP2   
797 O "O5'" . DT D 10 ? 11.11270 8.31766  10.02617 -1.63495 -1.97830 -0.37078 11 DT D "O5'" 
798 C "C5'" . DT D 10 ? 10.92997 7.95105  10.46444 -1.31650 -2.00608 -0.51964 11 DT D "C5'" 
799 C "C4'" . DT D 10 ? 10.80072 8.20751  10.87300 -1.22313 -1.77073 -0.49507 11 DT D "C4'" 
800 O "O4'" . DT D 10 ? 10.83141 8.95387  11.01228 -1.22027 -1.56357 -0.30866 11 DT D "O4'" 
801 C "C3'" . DT D 10 ? 10.90018 8.26464  10.83006 -1.44503 -1.67386 -0.48381 11 DT D "C3'" 
802 O "O3'" . DT D 10 ? 10.61654 7.84710  11.12203 -1.25949 -1.60400 -0.61006 11 DT D "O3'" 
803 C "C2'" . DT D 10 ? 11.02685 9.10105  10.81007 -1.62342 -1.44578 -0.25826 11 DT D "C2'" 
804 C "C1'" . DT D 10 ? 10.85707 9.33836  11.13503 -1.35206 -1.35332 -0.21978 11 DT D "C1'" 
805 N N1    . DT D 10 ? 10.89527 10.10542 11.10691 -1.44635 -1.15417 0.00637  11 DT D N1    
806 C C2    . DT D 10 ? 10.72705 10.38757 11.48377 -1.21678 -0.99986 0.05201  11 DT D C2    
807 O O2    . DT D 10 ? 10.48285 9.97662  11.76455 -0.93998 -1.02023 -0.08472 11 DT D O2    
808 N N3    . DT D 10 ? 10.56185 10.87801 11.23717 -1.32026 -0.82039 0.26635  11 DT D N3    
809 C C4    . DT D 10 ? 10.26766 10.83610 10.38433 -1.62635 -0.78105 0.43987  11 DT D C4    
810 O O4    . DT D 10 ? 9.80100  10.97436 9.90967  -1.69479 -0.61420 0.63404  11 DT D O4    
811 C C5    . DT D 10 ? 10.46446 10.53670 10.01640 -1.85963 -0.94900 0.37986  11 DT D C5    
812 C C7    . DT D 10 ? 10.15639 10.44586 9.07278  -2.20211 -0.92414 0.55587  11 DT D C7    
813 C C6    . DT D 10 ? 10.83354 10.25527 10.45870 -1.75949 -1.12437 0.16704  11 DT D C6    
814 P P     . DG D 11 ? 10.38273 6.94176  11.21903 -1.01855 -1.80458 -0.84398 12 DG D P     
815 O OP1   . DG D 11 ? 10.18315 6.83436  11.41732 -0.72260 -1.85061 -0.88082 12 DG D OP1   
816 O OP2   . DG D 11 ? 10.57727 6.55754  10.88665 -1.20240 -2.01607 -0.91854 12 DG D OP2   
817 O "O5'" . DG D 11 ? 10.06485 6.59828  11.41022 -0.92987 -1.65648 -0.92645 12 DG D "O5'" 
818 C "C5'" . DG D 11 ? 10.05029 7.17887  11.61133 -0.97432 -1.39113 -0.79871 12 DG D "C5'" 
819 C "C4'" . DG D 11 ? 9.55859  6.89815  11.86202 -0.65508 -1.27873 -0.85567 12 DG D "C4'" 
820 O "O4'" . DG D 11 ? 9.58425  7.55738  12.00112 -0.59064 -1.14607 -0.70113 12 DG D "O4'" 
821 C "C3'" . DG D 11 ? 9.35841  6.83126  12.02827 -0.65181 -1.08202 -0.87410 12 DG D "C3'" 
822 O "O3'" . DG D 11 ? 8.71661  6.13013  12.07386 -0.32864 -1.05444 -0.99544 12 DG D "O3'" 
823 C "C2'" . DG D 11 ? 9.60088  7.80091  12.15854 -0.80739 -0.85364 -0.65724 12 DG D "C2'" 
824 C "C1'" . DG D 11 ? 9.62482  8.14200  12.16989 -0.69224 -0.89249 -0.56852 12 DG D "C1'" 
825 N N9    . DG D 11 ? 10.04942 9.00515  12.08529 -0.94558 -0.82586 -0.36267 12 DG D N9    
826 C C8    . DG D 11 ? 10.42953 9.20590  11.79303 -1.23931 -0.92467 -0.30630 12 DG D C8    
827 N N7    . DG D 11 ? 10.59738 9.87179  11.63474 -1.41531 -0.83089 -0.10804 12 DG D N7    
828 C C5    . DG D 11 ? 10.97770 10.79715 12.50408 -1.22630 -0.65765 -0.02618 12 DG D C5    
829 C C6    . DG D 11 ? 10.08552 10.58298 11.56902 -1.29010 -0.49543 0.18657  12 DG D C6    
830 O O6    . DG D 11 ? 10.01623 10.77331 11.00617 -1.53410 -0.47421 0.35039  12 DG D O6    
831 N N1    . DG D 11 ? 9.69764  10.58584 11.79907 -1.03421 -0.34651 0.20263  12 DG D N1    
832 C C2    . DG D 11 ? 9.55765  10.21065 12.24159 -0.75194 -0.35496 0.03250  12 DG D C2    
833 N N2    . DG D 11 ? 9.02191  10.12610 12.25386 -0.53104 -0.19619 0.07775  12 DG D N2    
834 N N3    . DG D 11 ? 10.30913 10.32787 13.04304 -0.68930 -0.50764 -0.16598 12 DG D N3    
835 C C4    . DG D 11 ? 10.01694 9.64883  12.15691 -0.93613 -0.65230 -0.18273 12 DG D C4    
836 P P     . DT D 12 ? 8.52887  5.78514  12.32536 -0.26245 -0.93178 -1.10173 13 DT D P     
837 O OP1   . DT D 12 ? 8.35335  5.31986  12.61543 0.07388  -0.98550 -1.24580 13 DT D OP1   
838 O OP2   . DT D 12 ? 8.91791  5.78820  12.26156 -0.53248 -0.97816 -1.13270 13 DT D OP2   
839 O "O5'" . DT D 12 ? 8.30419  6.29053  12.33318 -0.29545 -0.64131 -0.94212 13 DT D "O5'" 
840 C "C5'" . DT D 12 ? 7.69029  6.07412  12.29602 -0.02165 -0.53086 -0.92503 13 DT D "C5'" 
841 C "C4'" . DT D 12 ? 7.72325  6.82502  12.40175 -0.12173 -0.26832 -0.73846 13 DT D "C4'" 
842 O "O4'" . DT D 12 ? 8.19284  7.69743  12.45641 -0.26783 -0.26415 -0.56033 13 DT D "O4'" 
843 C "C3'" . DT D 12 ? 7.97696  7.13020  12.43543 -0.38522 -0.12951 -0.68653 13 DT D "C3'" 
844 O "O3'" . DT D 12 ? 7.42842  6.47136  12.41616 -0.23378 -0.02024 -0.79917 13 DT D "O3'" 
845 C "C2'" . DT D 12 ? 8.12549  8.01508  12.42405 -0.54446 0.06100  -0.45189 13 DT D "C2'" 
846 C "C1'" . DT D 12 ? 8.31780  8.37748  12.45562 -0.47395 -0.04746 -0.37924 13 DT D "C1'" 
847 N N1    . DT D 12 ? 8.84571  9.01151  12.28157 -0.78098 -0.10067 -0.23365 13 DT D N1    
848 C C2    . DT D 12 ? 8.74657  9.50732  12.06294 -0.83921 -0.00265 -0.03744 13 DT D C2    
849 O O2    . DT D 12 ? 8.25343  9.46335  12.01069 -0.65086 0.12762  0.02415  13 DT D O2    
850 N N3    . DT D 12 ? 9.05160  9.86345  11.71564 -1.12660 -0.06031 0.08710  13 DT D N3    
851 C C4    . DT D 12 ? 9.41114  9.74947  11.53563 -1.35749 -0.20375 0.03409  13 DT D C4    
852 O O4    . DT D 12 ? 9.49171  9.92381  11.04798 -1.60808 -0.24511 0.15716  13 DT D O4    
853 C C5    . DT D 12 ? 9.55817  9.28193  11.84039 -1.28216 -0.29934 -0.17442 13 DT D C5    
854 C C7    . DT D 12 ? 9.85697  9.03079  11.59812 -1.51600 -0.45132 -0.24685 13 DT D C7    
855 C C6    . DT D 12 ? 9.29665  8.96461  12.22356 -1.00047 -0.24296 -0.29565 13 DT D C6    
# 
